data_4XQM
# 
_entry.id   4XQM 
# 
_audit_conform.dict_name       mmcif_pdbx.dic 
_audit_conform.dict_version    5.397 
_audit_conform.dict_location   http://mmcif.pdb.org/dictionaries/ascii/mmcif_pdbx.dic 
# 
loop_
_database_2.database_id 
_database_2.database_code 
_database_2.pdbx_database_accession 
_database_2.pdbx_DOI 
PDB   4XQM         pdb_00004xqm 10.2210/pdb4xqm/pdb 
WWPDB D_1000206128 ?            ?                   
# 
loop_
_pdbx_audit_revision_history.ordinal 
_pdbx_audit_revision_history.data_content_type 
_pdbx_audit_revision_history.major_revision 
_pdbx_audit_revision_history.minor_revision 
_pdbx_audit_revision_history.revision_date 
1 'Structure model' 1 0 2015-07-22 
2 'Structure model' 1 1 2015-12-16 
3 'Structure model' 1 2 2017-09-27 
4 'Structure model' 1 3 2019-12-25 
5 'Structure model' 1 4 2020-07-29 
6 'Structure model' 1 5 2024-10-09 
# 
loop_
_pdbx_audit_revision_details.ordinal 
_pdbx_audit_revision_details.revision_ordinal 
_pdbx_audit_revision_details.data_content_type 
_pdbx_audit_revision_details.provider 
_pdbx_audit_revision_details.type 
_pdbx_audit_revision_details.description 
_pdbx_audit_revision_details.details 
1 1 'Structure model' repository 'Initial release' ?                          ? 
2 5 'Structure model' repository Remediation       'Carbohydrate remediation' ? 
# 
loop_
_pdbx_audit_revision_group.ordinal 
_pdbx_audit_revision_group.revision_ordinal 
_pdbx_audit_revision_group.data_content_type 
_pdbx_audit_revision_group.group 
1  2 'Structure model' Other                        
2  3 'Structure model' 'Author supporting evidence' 
3  3 'Structure model' 'Data collection'            
4  3 'Structure model' 'Derived calculations'       
5  4 'Structure model' 'Author supporting evidence' 
6  5 'Structure model' 'Data collection'            
7  5 'Structure model' 'Derived calculations'       
8  5 'Structure model' 'Structure summary'          
9  6 'Structure model' 'Data collection'            
10 6 'Structure model' 'Database references'        
11 6 'Structure model' 'Structure summary'          
# 
loop_
_pdbx_audit_revision_category.ordinal 
_pdbx_audit_revision_category.revision_ordinal 
_pdbx_audit_revision_category.data_content_type 
_pdbx_audit_revision_category.category 
1  3 'Structure model' diffrn_detector           
2  3 'Structure model' pdbx_audit_support        
3  3 'Structure model' pdbx_struct_oper_list     
4  4 'Structure model' pdbx_audit_support        
5  5 'Structure model' chem_comp                 
6  5 'Structure model' entity                    
7  5 'Structure model' pdbx_chem_comp_identifier 
8  5 'Structure model' pdbx_entity_nonpoly       
9  5 'Structure model' struct_site               
10 5 'Structure model' struct_site_gen           
11 6 'Structure model' chem_comp                 
12 6 'Structure model' chem_comp_atom            
13 6 'Structure model' chem_comp_bond            
14 6 'Structure model' database_2                
15 6 'Structure model' pdbx_entry_details        
16 6 'Structure model' pdbx_modification_feature 
# 
loop_
_pdbx_audit_revision_item.ordinal 
_pdbx_audit_revision_item.revision_ordinal 
_pdbx_audit_revision_item.data_content_type 
_pdbx_audit_revision_item.item 
1  3 'Structure model' '_diffrn_detector.detector'                 
2  3 'Structure model' '_pdbx_audit_support.funding_organization'  
3  3 'Structure model' '_pdbx_struct_oper_list.symmetry_operation' 
4  4 'Structure model' '_pdbx_audit_support.funding_organization'  
5  5 'Structure model' '_chem_comp.name'                           
6  5 'Structure model' '_chem_comp.type'                           
7  5 'Structure model' '_entity.pdbx_description'                  
8  5 'Structure model' '_pdbx_entity_nonpoly.name'                 
9  6 'Structure model' '_chem_comp.pdbx_synonyms'                  
10 6 'Structure model' '_database_2.pdbx_DOI'                      
11 6 'Structure model' '_database_2.pdbx_database_accession'       
# 
_pdbx_database_status.status_code                     REL 
_pdbx_database_status.status_code_sf                  REL 
_pdbx_database_status.status_code_mr                  ? 
_pdbx_database_status.entry_id                        4XQM 
_pdbx_database_status.recvd_initial_deposition_date   2015-01-19 
_pdbx_database_status.SG_entry                        N 
_pdbx_database_status.deposit_site                    RCSB 
_pdbx_database_status.process_site                    RCSB 
_pdbx_database_status.status_code_cs                  ? 
_pdbx_database_status.methods_development_category    ? 
_pdbx_database_status.pdb_format_compatible           Y 
_pdbx_database_status.status_code_nmr_data            ? 
# 
loop_
_pdbx_database_related.db_name 
_pdbx_database_related.details 
_pdbx_database_related.db_id 
_pdbx_database_related.content_type 
PDB 'uncomplexed NMR structure' 2LVX unspecified 
PDB .                           2N1H unspecified 
# 
loop_
_audit_author.name 
_audit_author.pdbx_ordinal 
'Olson, L.J.'  1 
'Dahms, N.M.'  2 
'Kim, J.-J.P.' 3 
# 
_citation.abstract                  ? 
_citation.abstract_id_CAS           ? 
_citation.book_id_ISBN              ? 
_citation.book_publisher            ? 
_citation.book_publisher_city       ? 
_citation.book_title                ? 
_citation.coordinate_linkage        ? 
_citation.country                   US 
_citation.database_id_Medline       ? 
_citation.details                   ? 
_citation.id                        primary 
_citation.journal_abbrev            Biochemistry 
_citation.journal_id_ASTM           BICHAW 
_citation.journal_id_CSD            0033 
_citation.journal_id_ISSN           0006-2960 
_citation.journal_full              ? 
_citation.journal_issue             ? 
_citation.journal_volume            54 
_citation.language                  ? 
_citation.page_first                4097 
_citation.page_last                 4111 
_citation.title                     
'Crystal Structure and Functional Analyses of the Lectin Domain of Glucosidase II: Insights into Oligomannose Recognition.' 
_citation.year                      2015 
_citation.database_id_CSD           ? 
_citation.pdbx_database_id_DOI      10.1021/acs.biochem.5b00256 
_citation.pdbx_database_id_PubMed   26062005 
_citation.unpublished_flag          ? 
# 
loop_
_citation_author.citation_id 
_citation_author.name 
_citation_author.ordinal 
_citation_author.identifier_ORCID 
primary 'Olson, L.J.'    1 ? 
primary 'Orsi, R.'       2 ? 
primary 'Peterson, F.C.' 3 ? 
primary 'Parodi, A.J.'   4 ? 
primary 'Kim, J.J.'      5 ? 
primary 
;D'Alessio, C.
;
6 ? 
primary 'Dahms, N.M.'    7 ? 
# 
loop_
_entity.id 
_entity.type 
_entity.src_method 
_entity.pdbx_description 
_entity.formula_weight 
_entity.pdbx_number_of_molecules 
_entity.pdbx_ec 
_entity.pdbx_mutation 
_entity.pdbx_fragment 
_entity.details 
1 polymer     man 'Glucosidase 2 subunit beta' 10543.977 1   3.2.1.84 ? 'MRH domain (UNP residues 380-473)' ? 
2 non-polymer man alpha-D-mannopyranose        180.156   1   ?        ? ?                                   ? 
3 water       nat water                        18.015    142 ?        ? ?                                   ? 
# 
_entity_name_com.entity_id   1 
_entity_name_com.name        'Alpha-glucosidase 2 subunit beta' 
# 
_entity_poly.entity_id                      1 
_entity_poly.type                           'polypeptide(L)' 
_entity_poly.nstd_linkage                   no 
_entity_poly.nstd_monomer                   no 
_entity_poly.pdbx_seq_one_letter_code       
;YRAIKGMETKREIGGYTYKVVFYENVFQDSILLGNFASQEGNVLKYENGQSCWNGPHRSAIVTVECGVENEIVSVLEAQK
CEYLIKMKSPAACS
;
_entity_poly.pdbx_seq_one_letter_code_can   
;YRAIKGMETKREIGGYTYKVVFYENVFQDSILLGNFASQEGNVLKYENGQSCWNGPHRSAIVTVECGVENEIVSVLEAQK
CEYLIKMKSPAACS
;
_entity_poly.pdbx_strand_id                 A 
_entity_poly.pdbx_target_identifier         ? 
# 
loop_
_pdbx_entity_nonpoly.entity_id 
_pdbx_entity_nonpoly.name 
_pdbx_entity_nonpoly.comp_id 
2 alpha-D-mannopyranose MAN 
3 water                 HOH 
# 
loop_
_entity_poly_seq.entity_id 
_entity_poly_seq.num 
_entity_poly_seq.mon_id 
_entity_poly_seq.hetero 
1 1  TYR n 
1 2  ARG n 
1 3  ALA n 
1 4  ILE n 
1 5  LYS n 
1 6  GLY n 
1 7  MET n 
1 8  GLU n 
1 9  THR n 
1 10 LYS n 
1 11 ARG n 
1 12 GLU n 
1 13 ILE n 
1 14 GLY n 
1 15 GLY n 
1 16 TYR n 
1 17 THR n 
1 18 TYR n 
1 19 LYS n 
1 20 VAL n 
1 21 VAL n 
1 22 PHE n 
1 23 TYR n 
1 24 GLU n 
1 25 ASN n 
1 26 VAL n 
1 27 PHE n 
1 28 GLN n 
1 29 ASP n 
1 30 SER n 
1 31 ILE n 
1 32 LEU n 
1 33 LEU n 
1 34 GLY n 
1 35 ASN n 
1 36 PHE n 
1 37 ALA n 
1 38 SER n 
1 39 GLN n 
1 40 GLU n 
1 41 GLY n 
1 42 ASN n 
1 43 VAL n 
1 44 LEU n 
1 45 LYS n 
1 46 TYR n 
1 47 GLU n 
1 48 ASN n 
1 49 GLY n 
1 50 GLN n 
1 51 SER n 
1 52 CYS n 
1 53 TRP n 
1 54 ASN n 
1 55 GLY n 
1 56 PRO n 
1 57 HIS n 
1 58 ARG n 
1 59 SER n 
1 60 ALA n 
1 61 ILE n 
1 62 VAL n 
1 63 THR n 
1 64 VAL n 
1 65 GLU n 
1 66 CYS n 
1 67 GLY n 
1 68 VAL n 
1 69 GLU n 
1 70 ASN n 
1 71 GLU n 
1 72 ILE n 
1 73 VAL n 
1 74 SER n 
1 75 VAL n 
1 76 LEU n 
1 77 GLU n 
1 78 ALA n 
1 79 GLN n 
1 80 LYS n 
1 81 CYS n 
1 82 GLU n 
1 83 TYR n 
1 84 LEU n 
1 85 ILE n 
1 86 LYS n 
1 87 MET n 
1 88 LYS n 
1 89 SER n 
1 90 PRO n 
1 91 ALA n 
1 92 ALA n 
1 93 CYS n 
1 94 SER n 
# 
_entity_src_gen.entity_id                          1 
_entity_src_gen.pdbx_src_id                        1 
_entity_src_gen.pdbx_alt_source_flag               sample 
_entity_src_gen.pdbx_seq_type                      'Biological sequence' 
_entity_src_gen.pdbx_beg_seq_num                   1 
_entity_src_gen.pdbx_end_seq_num                   94 
_entity_src_gen.gene_src_common_name               'Fission yeast' 
_entity_src_gen.gene_src_genus                     ? 
_entity_src_gen.pdbx_gene_src_gene                 'gtb1, gls2-beta, SPCC825.02' 
_entity_src_gen.gene_src_species                   ? 
_entity_src_gen.gene_src_strain                    '972 / ATCC 24843' 
_entity_src_gen.gene_src_tissue                    ? 
_entity_src_gen.gene_src_tissue_fraction           ? 
_entity_src_gen.gene_src_details                   ? 
_entity_src_gen.pdbx_gene_src_fragment             ? 
_entity_src_gen.pdbx_gene_src_scientific_name      'Schizosaccharomyces pombe (strain 972 / ATCC 24843)' 
_entity_src_gen.pdbx_gene_src_ncbi_taxonomy_id     284812 
_entity_src_gen.pdbx_gene_src_variant              ? 
_entity_src_gen.pdbx_gene_src_cell_line            ? 
_entity_src_gen.pdbx_gene_src_atcc                 ? 
_entity_src_gen.pdbx_gene_src_organ                ? 
_entity_src_gen.pdbx_gene_src_organelle            ? 
_entity_src_gen.pdbx_gene_src_cell                 ? 
_entity_src_gen.pdbx_gene_src_cellular_location    ? 
_entity_src_gen.host_org_common_name               ? 
_entity_src_gen.pdbx_host_org_scientific_name      'Escherichia coli' 
_entity_src_gen.pdbx_host_org_ncbi_taxonomy_id     562 
_entity_src_gen.host_org_genus                     ? 
_entity_src_gen.pdbx_host_org_gene                 ? 
_entity_src_gen.pdbx_host_org_organ                ? 
_entity_src_gen.host_org_species                   ? 
_entity_src_gen.pdbx_host_org_tissue               ? 
_entity_src_gen.pdbx_host_org_tissue_fraction      ? 
_entity_src_gen.pdbx_host_org_strain               ? 
_entity_src_gen.pdbx_host_org_variant              ? 
_entity_src_gen.pdbx_host_org_cell_line            ? 
_entity_src_gen.pdbx_host_org_atcc                 ? 
_entity_src_gen.pdbx_host_org_culture_collection   ? 
_entity_src_gen.pdbx_host_org_cell                 ? 
_entity_src_gen.pdbx_host_org_organelle            ? 
_entity_src_gen.pdbx_host_org_cellular_location    ? 
_entity_src_gen.pdbx_host_org_vector_type          ? 
_entity_src_gen.pdbx_host_org_vector               ? 
_entity_src_gen.host_org_details                   ? 
_entity_src_gen.expression_system_id               ? 
_entity_src_gen.plasmid_name                       ? 
_entity_src_gen.plasmid_details                    ? 
_entity_src_gen.pdbx_description                   ? 
# 
loop_
_chem_comp.id 
_chem_comp.type 
_chem_comp.mon_nstd_flag 
_chem_comp.name 
_chem_comp.pdbx_synonyms 
_chem_comp.formula 
_chem_comp.formula_weight 
ALA 'L-peptide linking'           y ALANINE               ?                                     'C3 H7 N O2'     89.093  
ARG 'L-peptide linking'           y ARGININE              ?                                     'C6 H15 N4 O2 1' 175.209 
ASN 'L-peptide linking'           y ASPARAGINE            ?                                     'C4 H8 N2 O3'    132.118 
ASP 'L-peptide linking'           y 'ASPARTIC ACID'       ?                                     'C4 H7 N O4'     133.103 
CYS 'L-peptide linking'           y CYSTEINE              ?                                     'C3 H7 N O2 S'   121.158 
GLN 'L-peptide linking'           y GLUTAMINE             ?                                     'C5 H10 N2 O3'   146.144 
GLU 'L-peptide linking'           y 'GLUTAMIC ACID'       ?                                     'C5 H9 N O4'     147.129 
GLY 'peptide linking'             y GLYCINE               ?                                     'C2 H5 N O2'     75.067  
HIS 'L-peptide linking'           y HISTIDINE             ?                                     'C6 H10 N3 O2 1' 156.162 
HOH non-polymer                   . WATER                 ?                                     'H2 O'           18.015  
ILE 'L-peptide linking'           y ISOLEUCINE            ?                                     'C6 H13 N O2'    131.173 
LEU 'L-peptide linking'           y LEUCINE               ?                                     'C6 H13 N O2'    131.173 
LYS 'L-peptide linking'           y LYSINE                ?                                     'C6 H15 N2 O2 1' 147.195 
MAN 'D-saccharide, alpha linking' . alpha-D-mannopyranose 'alpha-D-mannose; D-mannose; mannose' 'C6 H12 O6'      180.156 
MET 'L-peptide linking'           y METHIONINE            ?                                     'C5 H11 N O2 S'  149.211 
PHE 'L-peptide linking'           y PHENYLALANINE         ?                                     'C9 H11 N O2'    165.189 
PRO 'L-peptide linking'           y PROLINE               ?                                     'C5 H9 N O2'     115.130 
SER 'L-peptide linking'           y SERINE                ?                                     'C3 H7 N O3'     105.093 
THR 'L-peptide linking'           y THREONINE             ?                                     'C4 H9 N O3'     119.119 
TRP 'L-peptide linking'           y TRYPTOPHAN            ?                                     'C11 H12 N2 O2'  204.225 
TYR 'L-peptide linking'           y TYROSINE              ?                                     'C9 H11 N O3'    181.189 
VAL 'L-peptide linking'           y VALINE                ?                                     'C5 H11 N O2'    117.146 
# 
loop_
_pdbx_chem_comp_identifier.comp_id 
_pdbx_chem_comp_identifier.type 
_pdbx_chem_comp_identifier.program 
_pdbx_chem_comp_identifier.program_version 
_pdbx_chem_comp_identifier.identifier 
MAN 'CONDENSED IUPAC CARBOHYDRATE SYMBOL' GMML     1.0 DManpa            
MAN 'COMMON NAME'                         GMML     1.0 a-D-mannopyranose 
MAN 'IUPAC CARBOHYDRATE SYMBOL'           PDB-CARE 1.0 a-D-Manp          
MAN 'SNFG CARBOHYDRATE SYMBOL'            GMML     1.0 Man               
# 
loop_
_pdbx_poly_seq_scheme.asym_id 
_pdbx_poly_seq_scheme.entity_id 
_pdbx_poly_seq_scheme.seq_id 
_pdbx_poly_seq_scheme.mon_id 
_pdbx_poly_seq_scheme.ndb_seq_num 
_pdbx_poly_seq_scheme.pdb_seq_num 
_pdbx_poly_seq_scheme.auth_seq_num 
_pdbx_poly_seq_scheme.pdb_mon_id 
_pdbx_poly_seq_scheme.auth_mon_id 
_pdbx_poly_seq_scheme.pdb_strand_id 
_pdbx_poly_seq_scheme.pdb_ins_code 
_pdbx_poly_seq_scheme.hetero 
A 1 1  TYR 1  357 357 TYR TYR A . n 
A 1 2  ARG 2  358 358 ARG ARG A . n 
A 1 3  ALA 3  359 359 ALA ALA A . n 
A 1 4  ILE 4  360 360 ILE ILE A . n 
A 1 5  LYS 5  361 361 LYS LYS A . n 
A 1 6  GLY 6  362 362 GLY GLY A . n 
A 1 7  MET 7  363 363 MET MET A . n 
A 1 8  GLU 8  364 364 GLU GLU A . n 
A 1 9  THR 9  365 365 THR THR A . n 
A 1 10 LYS 10 366 366 LYS LYS A . n 
A 1 11 ARG 11 367 367 ARG ARG A . n 
A 1 12 GLU 12 368 368 GLU GLU A . n 
A 1 13 ILE 13 369 369 ILE ILE A . n 
A 1 14 GLY 14 370 370 GLY GLY A . n 
A 1 15 GLY 15 371 371 GLY GLY A . n 
A 1 16 TYR 16 372 372 TYR TYR A . n 
A 1 17 THR 17 373 373 THR THR A . n 
A 1 18 TYR 18 374 374 TYR TYR A . n 
A 1 19 LYS 19 375 375 LYS LYS A . n 
A 1 20 VAL 20 376 376 VAL VAL A . n 
A 1 21 VAL 21 377 377 VAL VAL A . n 
A 1 22 PHE 22 378 378 PHE PHE A . n 
A 1 23 TYR 23 379 379 TYR TYR A . n 
A 1 24 GLU 24 380 380 GLU GLU A . n 
A 1 25 ASN 25 381 381 ASN ASN A . n 
A 1 26 VAL 26 382 382 VAL VAL A . n 
A 1 27 PHE 27 383 383 PHE PHE A . n 
A 1 28 GLN 28 384 384 GLN GLN A . n 
A 1 29 ASP 29 385 385 ASP ASP A . n 
A 1 30 SER 30 386 386 SER SER A . n 
A 1 31 ILE 31 387 387 ILE ILE A . n 
A 1 32 LEU 32 388 388 LEU LEU A . n 
A 1 33 LEU 33 389 389 LEU LEU A . n 
A 1 34 GLY 34 390 390 GLY GLY A . n 
A 1 35 ASN 35 391 391 ASN ASN A . n 
A 1 36 PHE 36 392 392 PHE PHE A . n 
A 1 37 ALA 37 393 393 ALA ALA A . n 
A 1 38 SER 38 394 394 SER SER A . n 
A 1 39 GLN 39 395 395 GLN GLN A . n 
A 1 40 GLU 40 396 396 GLU GLU A . n 
A 1 41 GLY 41 397 397 GLY GLY A . n 
A 1 42 ASN 42 398 398 ASN ASN A . n 
A 1 43 VAL 43 399 399 VAL VAL A . n 
A 1 44 LEU 44 400 400 LEU LEU A . n 
A 1 45 LYS 45 401 401 LYS LYS A . n 
A 1 46 TYR 46 402 402 TYR TYR A . n 
A 1 47 GLU 47 403 403 GLU GLU A . n 
A 1 48 ASN 48 404 404 ASN ASN A . n 
A 1 49 GLY 49 405 405 GLY GLY A . n 
A 1 50 GLN 50 406 406 GLN GLN A . n 
A 1 51 SER 51 407 407 SER SER A . n 
A 1 52 CYS 52 408 408 CYS CYS A . n 
A 1 53 TRP 53 409 409 TRP TRP A . n 
A 1 54 ASN 54 410 410 ASN ASN A . n 
A 1 55 GLY 55 411 411 GLY GLY A . n 
A 1 56 PRO 56 412 412 PRO PRO A . n 
A 1 57 HIS 57 413 413 HIS HIS A . n 
A 1 58 ARG 58 414 414 ARG ARG A . n 
A 1 59 SER 59 415 415 SER SER A . n 
A 1 60 ALA 60 416 416 ALA ALA A . n 
A 1 61 ILE 61 417 417 ILE ILE A . n 
A 1 62 VAL 62 418 418 VAL VAL A . n 
A 1 63 THR 63 419 419 THR THR A . n 
A 1 64 VAL 64 420 420 VAL VAL A . n 
A 1 65 GLU 65 421 421 GLU GLU A . n 
A 1 66 CYS 66 422 422 CYS CYS A . n 
A 1 67 GLY 67 423 423 GLY GLY A . n 
A 1 68 VAL 68 424 424 VAL VAL A . n 
A 1 69 GLU 69 425 425 GLU GLU A . n 
A 1 70 ASN 70 426 426 ASN ASN A . n 
A 1 71 GLU 71 427 427 GLU GLU A . n 
A 1 72 ILE 72 428 428 ILE ILE A . n 
A 1 73 VAL 73 429 429 VAL VAL A . n 
A 1 74 SER 74 430 430 SER SER A . n 
A 1 75 VAL 75 431 431 VAL VAL A . n 
A 1 76 LEU 76 432 432 LEU LEU A . n 
A 1 77 GLU 77 433 433 GLU GLU A . n 
A 1 78 ALA 78 434 434 ALA ALA A . n 
A 1 79 GLN 79 435 435 GLN GLN A . n 
A 1 80 LYS 80 436 436 LYS LYS A . n 
A 1 81 CYS 81 437 437 CYS CYS A . n 
A 1 82 GLU 82 438 438 GLU GLU A . n 
A 1 83 TYR 83 439 439 TYR TYR A . n 
A 1 84 LEU 84 440 440 LEU LEU A . n 
A 1 85 ILE 85 441 441 ILE ILE A . n 
A 1 86 LYS 86 442 442 LYS LYS A . n 
A 1 87 MET 87 443 443 MET MET A . n 
A 1 88 LYS 88 444 444 LYS LYS A . n 
A 1 89 SER 89 445 445 SER SER A . n 
A 1 90 PRO 90 446 446 PRO PRO A . n 
A 1 91 ALA 91 447 447 ALA ALA A . n 
A 1 92 ALA 92 448 448 ALA ALA A . n 
A 1 93 CYS 93 449 449 CYS CYS A . n 
A 1 94 SER 94 450 450 SER SER A . n 
# 
loop_
_pdbx_nonpoly_scheme.asym_id 
_pdbx_nonpoly_scheme.entity_id 
_pdbx_nonpoly_scheme.mon_id 
_pdbx_nonpoly_scheme.ndb_seq_num 
_pdbx_nonpoly_scheme.pdb_seq_num 
_pdbx_nonpoly_scheme.auth_seq_num 
_pdbx_nonpoly_scheme.pdb_mon_id 
_pdbx_nonpoly_scheme.auth_mon_id 
_pdbx_nonpoly_scheme.pdb_strand_id 
_pdbx_nonpoly_scheme.pdb_ins_code 
B 2 MAN 1   501 2   MAN MAN A . 
C 3 HOH 1   601 8   HOH HOH A . 
C 3 HOH 2   602 94  HOH HOH A . 
C 3 HOH 3   603 58  HOH HOH A . 
C 3 HOH 4   604 134 HOH HOH A . 
C 3 HOH 5   605 86  HOH HOH A . 
C 3 HOH 6   606 14  HOH HOH A . 
C 3 HOH 7   607 42  HOH HOH A . 
C 3 HOH 8   608 22  HOH HOH A . 
C 3 HOH 9   609 85  HOH HOH A . 
C 3 HOH 10  610 4   HOH HOH A . 
C 3 HOH 11  611 29  HOH HOH A . 
C 3 HOH 12  612 13  HOH HOH A . 
C 3 HOH 13  613 9   HOH HOH A . 
C 3 HOH 14  614 63  HOH HOH A . 
C 3 HOH 15  615 52  HOH HOH A . 
C 3 HOH 16  616 10  HOH HOH A . 
C 3 HOH 17  617 17  HOH HOH A . 
C 3 HOH 18  618 125 HOH HOH A . 
C 3 HOH 19  619 54  HOH HOH A . 
C 3 HOH 20  620 26  HOH HOH A . 
C 3 HOH 21  621 119 HOH HOH A . 
C 3 HOH 22  622 47  HOH HOH A . 
C 3 HOH 23  623 21  HOH HOH A . 
C 3 HOH 24  624 5   HOH HOH A . 
C 3 HOH 25  625 84  HOH HOH A . 
C 3 HOH 26  626 99  HOH HOH A . 
C 3 HOH 27  627 46  HOH HOH A . 
C 3 HOH 28  628 93  HOH HOH A . 
C 3 HOH 29  629 18  HOH HOH A . 
C 3 HOH 30  630 64  HOH HOH A . 
C 3 HOH 31  631 112 HOH HOH A . 
C 3 HOH 32  632 117 HOH HOH A . 
C 3 HOH 33  633 33  HOH HOH A . 
C 3 HOH 34  634 40  HOH HOH A . 
C 3 HOH 35  635 65  HOH HOH A . 
C 3 HOH 36  636 72  HOH HOH A . 
C 3 HOH 37  637 81  HOH HOH A . 
C 3 HOH 38  638 11  HOH HOH A . 
C 3 HOH 39  639 89  HOH HOH A . 
C 3 HOH 40  640 101 HOH HOH A . 
C 3 HOH 41  641 38  HOH HOH A . 
C 3 HOH 42  642 34  HOH HOH A . 
C 3 HOH 43  643 106 HOH HOH A . 
C 3 HOH 44  644 19  HOH HOH A . 
C 3 HOH 45  645 98  HOH HOH A . 
C 3 HOH 46  646 12  HOH HOH A . 
C 3 HOH 47  647 141 HOH HOH A . 
C 3 HOH 48  648 83  HOH HOH A . 
C 3 HOH 49  649 82  HOH HOH A . 
C 3 HOH 50  650 3   HOH HOH A . 
C 3 HOH 51  651 28  HOH HOH A . 
C 3 HOH 52  652 50  HOH HOH A . 
C 3 HOH 53  653 74  HOH HOH A . 
C 3 HOH 54  654 66  HOH HOH A . 
C 3 HOH 55  655 57  HOH HOH A . 
C 3 HOH 56  656 95  HOH HOH A . 
C 3 HOH 57  657 59  HOH HOH A . 
C 3 HOH 58  658 113 HOH HOH A . 
C 3 HOH 59  659 30  HOH HOH A . 
C 3 HOH 60  660 88  HOH HOH A . 
C 3 HOH 61  661 80  HOH HOH A . 
C 3 HOH 62  662 56  HOH HOH A . 
C 3 HOH 63  663 111 HOH HOH A . 
C 3 HOH 64  664 97  HOH HOH A . 
C 3 HOH 65  665 43  HOH HOH A . 
C 3 HOH 66  666 37  HOH HOH A . 
C 3 HOH 67  667 110 HOH HOH A . 
C 3 HOH 68  668 31  HOH HOH A . 
C 3 HOH 69  669 132 HOH HOH A . 
C 3 HOH 70  670 107 HOH HOH A . 
C 3 HOH 71  671 128 HOH HOH A . 
C 3 HOH 72  672 114 HOH HOH A . 
C 3 HOH 73  673 100 HOH HOH A . 
C 3 HOH 74  674 71  HOH HOH A . 
C 3 HOH 75  675 103 HOH HOH A . 
C 3 HOH 76  676 20  HOH HOH A . 
C 3 HOH 77  677 67  HOH HOH A . 
C 3 HOH 78  678 126 HOH HOH A . 
C 3 HOH 79  679 70  HOH HOH A . 
C 3 HOH 80  680 79  HOH HOH A . 
C 3 HOH 81  681 73  HOH HOH A . 
C 3 HOH 82  682 51  HOH HOH A . 
C 3 HOH 83  683 139 HOH HOH A . 
C 3 HOH 84  684 90  HOH HOH A . 
C 3 HOH 85  685 129 HOH HOH A . 
C 3 HOH 86  686 123 HOH HOH A . 
C 3 HOH 87  687 137 HOH HOH A . 
C 3 HOH 88  688 140 HOH HOH A . 
C 3 HOH 89  689 76  HOH HOH A . 
C 3 HOH 90  690 116 HOH HOH A . 
C 3 HOH 91  691 138 HOH HOH A . 
C 3 HOH 92  692 75  HOH HOH A . 
C 3 HOH 93  693 1   HOH HOH A . 
C 3 HOH 94  694 2   HOH HOH A . 
C 3 HOH 95  695 6   HOH HOH A . 
C 3 HOH 96  696 7   HOH HOH A . 
C 3 HOH 97  697 15  HOH HOH A . 
C 3 HOH 98  698 16  HOH HOH A . 
C 3 HOH 99  699 23  HOH HOH A . 
C 3 HOH 100 700 24  HOH HOH A . 
C 3 HOH 101 701 25  HOH HOH A . 
C 3 HOH 102 702 27  HOH HOH A . 
C 3 HOH 103 703 32  HOH HOH A . 
C 3 HOH 104 704 35  HOH HOH A . 
C 3 HOH 105 705 36  HOH HOH A . 
C 3 HOH 106 706 39  HOH HOH A . 
C 3 HOH 107 707 41  HOH HOH A . 
C 3 HOH 108 708 44  HOH HOH A . 
C 3 HOH 109 709 45  HOH HOH A . 
C 3 HOH 110 710 48  HOH HOH A . 
C 3 HOH 111 711 49  HOH HOH A . 
C 3 HOH 112 712 53  HOH HOH A . 
C 3 HOH 113 713 55  HOH HOH A . 
C 3 HOH 114 714 60  HOH HOH A . 
C 3 HOH 115 715 61  HOH HOH A . 
C 3 HOH 116 716 62  HOH HOH A . 
C 3 HOH 117 717 68  HOH HOH A . 
C 3 HOH 118 718 69  HOH HOH A . 
C 3 HOH 119 719 77  HOH HOH A . 
C 3 HOH 120 720 78  HOH HOH A . 
C 3 HOH 121 721 87  HOH HOH A . 
C 3 HOH 122 722 91  HOH HOH A . 
C 3 HOH 123 723 92  HOH HOH A . 
C 3 HOH 124 724 96  HOH HOH A . 
C 3 HOH 125 725 102 HOH HOH A . 
C 3 HOH 126 726 104 HOH HOH A . 
C 3 HOH 127 727 105 HOH HOH A . 
C 3 HOH 128 728 108 HOH HOH A . 
C 3 HOH 129 729 109 HOH HOH A . 
C 3 HOH 130 730 115 HOH HOH A . 
C 3 HOH 131 731 118 HOH HOH A . 
C 3 HOH 132 732 120 HOH HOH A . 
C 3 HOH 133 733 121 HOH HOH A . 
C 3 HOH 134 734 122 HOH HOH A . 
C 3 HOH 135 735 124 HOH HOH A . 
C 3 HOH 136 736 127 HOH HOH A . 
C 3 HOH 137 737 130 HOH HOH A . 
C 3 HOH 138 738 131 HOH HOH A . 
C 3 HOH 139 739 133 HOH HOH A . 
C 3 HOH 140 740 135 HOH HOH A . 
C 3 HOH 141 741 136 HOH HOH A . 
C 3 HOH 142 742 142 HOH HOH A . 
# 
loop_
_software.citation_id 
_software.classification 
_software.compiler_name 
_software.compiler_version 
_software.contact_author 
_software.contact_author_email 
_software.date 
_software.description 
_software.dependencies 
_software.hardware 
_software.language 
_software.location 
_software.mods 
_software.name 
_software.os 
_software.os_version 
_software.type 
_software.version 
_software.pdbx_ordinal 
? 'data reduction'  ? ? ? ? ? ? ? ? ? ? ? HKL-2000    ? ? ? .                             1 
? phasing           ? ? ? ? ? ? ? ? ? ? ? SHELX       ? ? ? .                             2 
? refinement        ? ? ? ? ? ? ? ? ? ? ? PHENIX      ? ? ? '(phenix.refine: 1.8.2_1309)' 3 
? 'data extraction' ? ? ? ? ? ? ? ? ? ? ? PDB_EXTRACT ? ? ? 3.15                          4 
? 'data scaling'    ? ? ? ? ? ? ? ? ? ? ? HKL-2000    ? ? ? .                             5 
# 
_cell.angle_alpha                  90.000 
_cell.angle_alpha_esd              ? 
_cell.angle_beta                   90.000 
_cell.angle_beta_esd               ? 
_cell.angle_gamma                  90.000 
_cell.angle_gamma_esd              ? 
_cell.entry_id                     4XQM 
_cell.details                      ? 
_cell.formula_units_Z              ? 
_cell.length_a                     57.571 
_cell.length_a_esd                 ? 
_cell.length_b                     57.571 
_cell.length_b_esd                 ? 
_cell.length_c                     58.321 
_cell.length_c_esd                 ? 
_cell.volume                       ? 
_cell.volume_esd                   ? 
_cell.Z_PDB                        8 
_cell.reciprocal_angle_alpha       ? 
_cell.reciprocal_angle_beta        ? 
_cell.reciprocal_angle_gamma       ? 
_cell.reciprocal_angle_alpha_esd   ? 
_cell.reciprocal_angle_beta_esd    ? 
_cell.reciprocal_angle_gamma_esd   ? 
_cell.reciprocal_length_a          ? 
_cell.reciprocal_length_b          ? 
_cell.reciprocal_length_c          ? 
_cell.reciprocal_length_a_esd      ? 
_cell.reciprocal_length_b_esd      ? 
_cell.reciprocal_length_c_esd      ? 
_cell.pdbx_unique_axis             ? 
# 
_symmetry.entry_id                         4XQM 
_symmetry.cell_setting                     ? 
_symmetry.Int_Tables_number                79 
_symmetry.space_group_name_Hall            ? 
_symmetry.space_group_name_H-M             'I 4' 
_symmetry.pdbx_full_space_group_name_H-M   ? 
# 
_exptl.absorpt_coefficient_mu     ? 
_exptl.absorpt_correction_T_max   ? 
_exptl.absorpt_correction_T_min   ? 
_exptl.absorpt_correction_type    ? 
_exptl.absorpt_process_details    ? 
_exptl.entry_id                   4XQM 
_exptl.crystals_number            1 
_exptl.details                    ? 
_exptl.method                     'X-RAY DIFFRACTION' 
_exptl.method_details             ? 
# 
_exptl_crystal.colour                      ? 
_exptl_crystal.density_diffrn              ? 
_exptl_crystal.density_Matthews            2.29 
_exptl_crystal.density_method              ? 
_exptl_crystal.density_percent_sol         46.33 
_exptl_crystal.description                 ? 
_exptl_crystal.F_000                       ? 
_exptl_crystal.id                          1 
_exptl_crystal.preparation                 ? 
_exptl_crystal.size_max                    ? 
_exptl_crystal.size_mid                    ? 
_exptl_crystal.size_min                    ? 
_exptl_crystal.size_rad                    ? 
_exptl_crystal.colour_lustre               ? 
_exptl_crystal.colour_modifier             ? 
_exptl_crystal.colour_primary              ? 
_exptl_crystal.density_meas                ? 
_exptl_crystal.density_meas_esd            ? 
_exptl_crystal.density_meas_gt             ? 
_exptl_crystal.density_meas_lt             ? 
_exptl_crystal.density_meas_temp           ? 
_exptl_crystal.density_meas_temp_esd       ? 
_exptl_crystal.density_meas_temp_gt        ? 
_exptl_crystal.density_meas_temp_lt        ? 
_exptl_crystal.pdbx_crystal_image_url      ? 
_exptl_crystal.pdbx_crystal_image_format   ? 
_exptl_crystal.pdbx_mosaicity              ? 
_exptl_crystal.pdbx_mosaicity_esd          ? 
# 
_exptl_crystal_grow.apparatus       ? 
_exptl_crystal_grow.atmosphere      ? 
_exptl_crystal_grow.crystal_id      1 
_exptl_crystal_grow.details         ? 
_exptl_crystal_grow.method          'VAPOR DIFFUSION, HANGING DROP' 
_exptl_crystal_grow.method_ref      ? 
_exptl_crystal_grow.pH              8.25 
_exptl_crystal_grow.pressure        ? 
_exptl_crystal_grow.pressure_esd    ? 
_exptl_crystal_grow.seeding         ? 
_exptl_crystal_grow.seeding_ref     ? 
_exptl_crystal_grow.temp            292 
_exptl_crystal_grow.temp_details    ? 
_exptl_crystal_grow.temp_esd        ? 
_exptl_crystal_grow.time            ? 
_exptl_crystal_grow.pdbx_details    
;10mg/ml protein in 20mM Tris pH 7.5, 150mM NaCl, 100mM mannose mixed 1:1 with 
100 mM triethanolamine HCl pH 8.25, 200 mM potassium glutamate, 28% PEG 4000
;
_exptl_crystal_grow.pdbx_pH_range   ? 
# 
_diffrn.ambient_environment    ? 
_diffrn.ambient_temp           98 
_diffrn.ambient_temp_details   ? 
_diffrn.ambient_temp_esd       ? 
_diffrn.crystal_id             1 
_diffrn.crystal_support        ? 
_diffrn.crystal_treatment      ? 
_diffrn.details                ? 
_diffrn.id                     1 
_diffrn.ambient_pressure       ? 
_diffrn.ambient_pressure_esd   ? 
_diffrn.ambient_pressure_gt    ? 
_diffrn.ambient_pressure_lt    ? 
_diffrn.ambient_temp_gt        ? 
_diffrn.ambient_temp_lt        ? 
# 
_diffrn_detector.details                      ? 
_diffrn_detector.detector                     'IMAGE PLATE' 
_diffrn_detector.diffrn_id                    1 
_diffrn_detector.type                         'RIGAKU RAXIS IV++' 
_diffrn_detector.area_resol_mean              ? 
_diffrn_detector.dtime                        ? 
_diffrn_detector.pdbx_frames_total            ? 
_diffrn_detector.pdbx_collection_time_total   ? 
_diffrn_detector.pdbx_collection_date         2013-07-01 
# 
_diffrn_radiation.collimation                      ? 
_diffrn_radiation.diffrn_id                        1 
_diffrn_radiation.filter_edge                      ? 
_diffrn_radiation.inhomogeneity                    ? 
_diffrn_radiation.monochromator                    ? 
_diffrn_radiation.polarisn_norm                    ? 
_diffrn_radiation.polarisn_ratio                   ? 
_diffrn_radiation.probe                            ? 
_diffrn_radiation.type                             ? 
_diffrn_radiation.xray_symbol                      ? 
_diffrn_radiation.wavelength_id                    1 
_diffrn_radiation.pdbx_monochromatic_or_laue_m_l   M 
_diffrn_radiation.pdbx_wavelength_list             ? 
_diffrn_radiation.pdbx_wavelength                  ? 
_diffrn_radiation.pdbx_diffrn_protocol             'SINGLE WAVELENGTH' 
_diffrn_radiation.pdbx_analyzer                    ? 
_diffrn_radiation.pdbx_scattering_type             x-ray 
# 
_diffrn_radiation_wavelength.id           1 
_diffrn_radiation_wavelength.wavelength   1.54 
_diffrn_radiation_wavelength.wt           1.0 
# 
_diffrn_source.current                     ? 
_diffrn_source.details                     ? 
_diffrn_source.diffrn_id                   1 
_diffrn_source.power                       ? 
_diffrn_source.size                        ? 
_diffrn_source.source                      'ROTATING ANODE' 
_diffrn_source.target                      ? 
_diffrn_source.type                        'RIGAKU MICROMAX-007' 
_diffrn_source.voltage                     ? 
_diffrn_source.take-off_angle              ? 
_diffrn_source.pdbx_wavelength_list        1.54 
_diffrn_source.pdbx_wavelength             ? 
_diffrn_source.pdbx_synchrotron_beamline   ? 
_diffrn_source.pdbx_synchrotron_site       ? 
# 
_reflns.B_iso_Wilson_estimate            ? 
_reflns.entry_id                         4XQM 
_reflns.data_reduction_details           ? 
_reflns.data_reduction_method            ? 
_reflns.d_resolution_high                1.620 
_reflns.d_resolution_low                 50.000 
_reflns.details                          ? 
_reflns.limit_h_max                      ? 
_reflns.limit_h_min                      ? 
_reflns.limit_k_max                      ? 
_reflns.limit_k_min                      ? 
_reflns.limit_l_max                      ? 
_reflns.limit_l_min                      ? 
_reflns.number_all                       ? 
_reflns.number_obs                       12000 
_reflns.observed_criterion               ? 
_reflns.observed_criterion_F_max         ? 
_reflns.observed_criterion_F_min         ? 
_reflns.observed_criterion_I_max         ? 
_reflns.observed_criterion_I_min         ? 
_reflns.observed_criterion_sigma_F       ? 
_reflns.observed_criterion_sigma_I       ? 
_reflns.percent_possible_obs             99.000 
_reflns.R_free_details                   ? 
_reflns.Rmerge_F_all                     ? 
_reflns.Rmerge_F_obs                     ? 
_reflns.Friedel_coverage                 ? 
_reflns.number_gt                        ? 
_reflns.threshold_expression             ? 
_reflns.pdbx_redundancy                  12.800 
_reflns.pdbx_Rmerge_I_obs                0.064 
_reflns.pdbx_Rmerge_I_all                ? 
_reflns.pdbx_Rsym_value                  ? 
_reflns.pdbx_netI_over_av_sigmaI         49.610 
_reflns.pdbx_netI_over_sigmaI            14.500 
_reflns.pdbx_res_netI_over_av_sigmaI_2   ? 
_reflns.pdbx_res_netI_over_sigmaI_2      ? 
_reflns.pdbx_chi_squared                 1.521 
_reflns.pdbx_scaling_rejects             ? 
_reflns.pdbx_d_res_high_opt              ? 
_reflns.pdbx_d_res_low_opt               ? 
_reflns.pdbx_d_res_opt_method            ? 
_reflns.phase_calculation_details        ? 
_reflns.pdbx_Rrim_I_all                  ? 
_reflns.pdbx_Rpim_I_all                  ? 
_reflns.pdbx_d_opt                       ? 
_reflns.pdbx_number_measured_all         153936 
_reflns.pdbx_diffrn_id                   1 
_reflns.pdbx_ordinal                     1 
_reflns.pdbx_CC_half                     ? 
_reflns.pdbx_R_split                     ? 
# 
loop_
_reflns_shell.d_res_high 
_reflns_shell.d_res_low 
_reflns_shell.meanI_over_sigI_all 
_reflns_shell.meanI_over_sigI_obs 
_reflns_shell.number_measured_all 
_reflns_shell.number_measured_obs 
_reflns_shell.number_possible 
_reflns_shell.number_unique_all 
_reflns_shell.number_unique_obs 
_reflns_shell.percent_possible_all 
_reflns_shell.percent_possible_obs 
_reflns_shell.Rmerge_F_all 
_reflns_shell.Rmerge_F_obs 
_reflns_shell.Rmerge_I_all 
_reflns_shell.Rmerge_I_obs 
_reflns_shell.meanI_over_sigI_gt 
_reflns_shell.meanI_over_uI_all 
_reflns_shell.meanI_over_uI_gt 
_reflns_shell.number_measured_gt 
_reflns_shell.number_unique_gt 
_reflns_shell.percent_possible_gt 
_reflns_shell.Rmerge_F_gt 
_reflns_shell.Rmerge_I_gt 
_reflns_shell.pdbx_redundancy 
_reflns_shell.pdbx_Rsym_value 
_reflns_shell.pdbx_chi_squared 
_reflns_shell.pdbx_netI_over_sigmaI_all 
_reflns_shell.pdbx_netI_over_sigmaI_obs 
_reflns_shell.pdbx_Rrim_I_all 
_reflns_shell.pdbx_Rpim_I_all 
_reflns_shell.pdbx_rejects 
_reflns_shell.pdbx_ordinal 
_reflns_shell.pdbx_diffrn_id 
_reflns_shell.pdbx_CC_half 
_reflns_shell.pdbx_R_split 
1.620 1.650  ? ? ? ? ? 467 ? 79.600  ? ? ? ? 0.395 ? ? ? ? ? ? ? ? 3.700  ? 1.191 ? ? ? ? 0 1  1 ? ? 
1.650 1.680  ? ? ? ? ? 604 ? 99.500  ? ? ? ? 0.416 ? ? ? ? ? ? ? ? 6.100  ? 1.282 ? ? ? ? 0 2  1 ? ? 
1.680 1.710  ? ? ? ? ? 595 ? 100.000 ? ? ? ? 0.404 ? ? ? ? ? ? ? ? 9.100  ? 1.296 ? ? ? ? 0 3  1 ? ? 
1.710 1.750  ? ? ? ? ? 611 ? 100.000 ? ? ? ? 0.352 ? ? ? ? ? ? ? ? 11.200 ? 1.491 ? ? ? ? 0 4  1 ? ? 
1.750 1.780  ? ? ? ? ? 620 ? 100.000 ? ? ? ? 0.317 ? ? ? ? ? ? ? ? 12.600 ? 1.489 ? ? ? ? 0 5  1 ? ? 
1.780 1.820  ? ? ? ? ? 584 ? 100.000 ? ? ? ? 0.278 ? ? ? ? ? ? ? ? 13.300 ? 1.393 ? ? ? ? 0 6  1 ? ? 
1.820 1.870  ? ? ? ? ? 612 ? 100.000 ? ? ? ? 0.234 ? ? ? ? ? ? ? ? 13.500 ? 1.688 ? ? ? ? 0 7  1 ? ? 
1.870 1.920  ? ? ? ? ? 611 ? 100.000 ? ? ? ? 0.195 ? ? ? ? ? ? ? ? 13.800 ? 1.832 ? ? ? ? 0 8  1 ? ? 
1.920 1.980  ? ? ? ? ? 584 ? 100.000 ? ? ? ? 0.164 ? ? ? ? ? ? ? ? 13.900 ? 1.653 ? ? ? ? 0 9  1 ? ? 
1.980 2.040  ? ? ? ? ? 604 ? 100.000 ? ? ? ? 0.148 ? ? ? ? ? ? ? ? 14.000 ? 1.619 ? ? ? ? 0 10 1 ? ? 
2.040 2.110  ? ? ? ? ? 606 ? 100.000 ? ? ? ? 0.119 ? ? ? ? ? ? ? ? 14.000 ? 1.651 ? ? ? ? 0 11 1 ? ? 
2.110 2.200  ? ? ? ? ? 613 ? 100.000 ? ? ? ? 0.094 ? ? ? ? ? ? ? ? 14.100 ? 1.584 ? ? ? ? 0 12 1 ? ? 
2.200 2.300  ? ? ? ? ? 601 ? 100.000 ? ? ? ? 0.093 ? ? ? ? ? ? ? ? 14.100 ? 1.523 ? ? ? ? 0 13 1 ? ? 
2.300 2.420  ? ? ? ? ? 607 ? 100.000 ? ? ? ? 0.080 ? ? ? ? ? ? ? ? 14.300 ? 1.495 ? ? ? ? 0 14 1 ? ? 
2.420 2.570  ? ? ? ? ? 609 ? 100.000 ? ? ? ? 0.067 ? ? ? ? ? ? ? ? 14.300 ? 1.428 ? ? ? ? 0 15 1 ? ? 
2.570 2.770  ? ? ? ? ? 610 ? 100.000 ? ? ? ? 0.060 ? ? ? ? ? ? ? ? 14.400 ? 1.359 ? ? ? ? 0 16 1 ? ? 
2.770 3.050  ? ? ? ? ? 601 ? 100.000 ? ? ? ? 0.051 ? ? ? ? ? ? ? ? 14.500 ? 1.517 ? ? ? ? 0 17 1 ? ? 
3.050 3.490  ? ? ? ? ? 612 ? 100.000 ? ? ? ? 0.038 ? ? ? ? ? ? ? ? 14.500 ? 1.478 ? ? ? ? 0 18 1 ? ? 
3.490 4.400  ? ? ? ? ? 614 ? 100.000 ? ? ? ? 0.030 ? ? ? ? ? ? ? ? 14.600 ? 1.380 ? ? ? ? 0 19 1 ? ? 
4.400 50.000 ? ? ? ? ? 635 ? 99.700  ? ? ? ? 0.030 ? ? ? ? ? ? ? ? 14.300 ? 1.574 ? ? ? ? 0 20 1 ? ? 
# 
_refine.aniso_B[1][1]                            ? 
_refine.aniso_B[1][2]                            ? 
_refine.aniso_B[1][3]                            ? 
_refine.aniso_B[2][2]                            ? 
_refine.aniso_B[2][3]                            ? 
_refine.aniso_B[3][3]                            ? 
_refine.B_iso_max                                50.480 
_refine.B_iso_mean                               17.6900 
_refine.B_iso_min                                9.110 
_refine.correlation_coeff_Fo_to_Fc               ? 
_refine.correlation_coeff_Fo_to_Fc_free          ? 
_refine.details                                  ? 
_refine.diff_density_max                         ? 
_refine.diff_density_max_esd                     ? 
_refine.diff_density_min                         ? 
_refine.diff_density_min_esd                     ? 
_refine.diff_density_rms                         ? 
_refine.diff_density_rms_esd                     ? 
_refine.entry_id                                 4XQM 
_refine.pdbx_refine_id                           'X-RAY DIFFRACTION' 
_refine.ls_abs_structure_details                 ? 
_refine.ls_abs_structure_Flack                   ? 
_refine.ls_abs_structure_Flack_esd               ? 
_refine.ls_abs_structure_Rogers                  ? 
_refine.ls_abs_structure_Rogers_esd              ? 
_refine.ls_d_res_high                            1.6250 
_refine.ls_d_res_low                             29.1610 
_refine.ls_extinction_coef                       ? 
_refine.ls_extinction_coef_esd                   ? 
_refine.ls_extinction_expression                 ? 
_refine.ls_extinction_method                     ? 
_refine.ls_goodness_of_fit_all                   ? 
_refine.ls_goodness_of_fit_all_esd               ? 
_refine.ls_goodness_of_fit_obs                   ? 
_refine.ls_goodness_of_fit_obs_esd               ? 
_refine.ls_hydrogen_treatment                    ? 
_refine.ls_matrix_type                           ? 
_refine.ls_number_constraints                    ? 
_refine.ls_number_parameters                     ? 
_refine.ls_number_reflns_all                     ? 
_refine.ls_number_reflns_obs                     23378 
_refine.ls_number_reflns_R_free                  2354 
_refine.ls_number_reflns_R_work                  21024 
_refine.ls_number_restraints                     ? 
_refine.ls_percent_reflns_obs                    99.0200 
_refine.ls_percent_reflns_R_free                 10.0700 
_refine.ls_R_factor_all                          ? 
_refine.ls_R_factor_obs                          0.1703 
_refine.ls_R_factor_R_free                       0.1969 
_refine.ls_R_factor_R_free_error                 ? 
_refine.ls_R_factor_R_free_error_details         ? 
_refine.ls_R_factor_R_work                       0.1673 
_refine.ls_R_Fsqd_factor_obs                     ? 
_refine.ls_R_I_factor_obs                        ? 
_refine.ls_redundancy_reflns_all                 ? 
_refine.ls_redundancy_reflns_obs                 ? 
_refine.ls_restrained_S_all                      ? 
_refine.ls_restrained_S_obs                      ? 
_refine.ls_shift_over_esd_max                    ? 
_refine.ls_shift_over_esd_mean                   ? 
_refine.ls_structure_factor_coef                 ? 
_refine.ls_weighting_details                     ? 
_refine.ls_weighting_scheme                      ? 
_refine.ls_wR_factor_all                         ? 
_refine.ls_wR_factor_obs                         ? 
_refine.ls_wR_factor_R_free                      ? 
_refine.ls_wR_factor_R_work                      ? 
_refine.occupancy_max                            ? 
_refine.occupancy_min                            ? 
_refine.solvent_model_details                    'FLAT BULK SOLVENT MODEL' 
_refine.solvent_model_param_bsol                 ? 
_refine.solvent_model_param_ksol                 ? 
_refine.ls_R_factor_gt                           ? 
_refine.ls_goodness_of_fit_gt                    ? 
_refine.ls_goodness_of_fit_ref                   ? 
_refine.ls_shift_over_su_max                     ? 
_refine.ls_shift_over_su_max_lt                  ? 
_refine.ls_shift_over_su_mean                    ? 
_refine.ls_shift_over_su_mean_lt                 ? 
_refine.pdbx_ls_sigma_I                          ? 
_refine.pdbx_ls_sigma_F                          1.360 
_refine.pdbx_ls_sigma_Fsqd                       ? 
_refine.pdbx_data_cutoff_high_absF               ? 
_refine.pdbx_data_cutoff_high_rms_absF           ? 
_refine.pdbx_data_cutoff_low_absF                ? 
_refine.pdbx_isotropic_thermal_model             ? 
_refine.pdbx_ls_cross_valid_method               'FREE R-VALUE' 
_refine.pdbx_method_to_determine_struct          SAD 
_refine.pdbx_starting_model                      ? 
_refine.pdbx_stereochemistry_target_values       ML 
_refine.pdbx_R_Free_selection_details            ? 
_refine.pdbx_stereochem_target_val_spec_case     ? 
_refine.pdbx_overall_ESU_R                       ? 
_refine.pdbx_overall_ESU_R_Free                  ? 
_refine.pdbx_solvent_vdw_probe_radii             1.1100 
_refine.pdbx_solvent_ion_probe_radii             ? 
_refine.pdbx_solvent_shrinkage_radii             0.9000 
_refine.pdbx_real_space_R                        ? 
_refine.pdbx_density_correlation                 ? 
_refine.pdbx_pd_number_of_powder_patterns        ? 
_refine.pdbx_pd_number_of_points                 ? 
_refine.pdbx_pd_meas_number_of_points            ? 
_refine.pdbx_pd_proc_ls_prof_R_factor            ? 
_refine.pdbx_pd_proc_ls_prof_wR_factor           ? 
_refine.pdbx_pd_Marquardt_correlation_coeff      ? 
_refine.pdbx_pd_Fsqrd_R_factor                   ? 
_refine.pdbx_pd_ls_matrix_band_width             ? 
_refine.pdbx_overall_phase_error                 18.8100 
_refine.pdbx_overall_SU_R_free_Cruickshank_DPI   ? 
_refine.pdbx_overall_SU_R_free_Blow_DPI          ? 
_refine.pdbx_overall_SU_R_Blow_DPI               ? 
_refine.pdbx_TLS_residual_ADP_flag               ? 
_refine.pdbx_diffrn_id                           1 
_refine.overall_SU_B                             ? 
_refine.overall_SU_ML                            0.2000 
_refine.overall_SU_R_Cruickshank_DPI             ? 
_refine.overall_SU_R_free                        ? 
_refine.overall_FOM_free_R_set                   ? 
_refine.overall_FOM_work_R_set                   0.8862 
_refine.pdbx_average_fsc_overall                 ? 
_refine.pdbx_average_fsc_work                    ? 
_refine.pdbx_average_fsc_free                    ? 
# 
_refine_hist.cycle_id                         final 
_refine_hist.pdbx_refine_id                   'X-RAY DIFFRACTION' 
_refine_hist.d_res_high                       1.6250 
_refine_hist.d_res_low                        29.1610 
_refine_hist.pdbx_number_atoms_ligand         12 
_refine_hist.number_atoms_solvent             142 
_refine_hist.number_atoms_total               891 
_refine_hist.pdbx_number_residues_total       94 
_refine_hist.pdbx_B_iso_mean_ligand           18.56 
_refine_hist.pdbx_B_iso_mean_solvent          27.24 
_refine_hist.pdbx_number_atoms_protein        737 
_refine_hist.pdbx_number_atoms_nucleic_acid   0 
# 
loop_
_refine_ls_restr.pdbx_refine_id 
_refine_ls_restr.criterion 
_refine_ls_restr.dev_ideal 
_refine_ls_restr.dev_ideal_target 
_refine_ls_restr.number 
_refine_ls_restr.rejects 
_refine_ls_restr.type 
_refine_ls_restr.weight 
_refine_ls_restr.pdbx_restraint_function 
'X-RAY DIFFRACTION' ? 0.009  ? 764  ? f_bond_d           ? ? 
'X-RAY DIFFRACTION' ? 1.396  ? 1027 ? f_angle_d          ? ? 
'X-RAY DIFFRACTION' ? 0.090  ? 114  ? f_chiral_restr     ? ? 
'X-RAY DIFFRACTION' ? 0.004  ? 130  ? f_plane_restr      ? ? 
'X-RAY DIFFRACTION' ? 12.802 ? 288  ? f_dihedral_angle_d ? ? 
# 
loop_
_refine_ls_shell.pdbx_refine_id 
_refine_ls_shell.d_res_high 
_refine_ls_shell.d_res_low 
_refine_ls_shell.number_reflns_all 
_refine_ls_shell.number_reflns_obs 
_refine_ls_shell.number_reflns_R_free 
_refine_ls_shell.number_reflns_R_work 
_refine_ls_shell.percent_reflns_obs 
_refine_ls_shell.percent_reflns_R_free 
_refine_ls_shell.R_factor_all 
_refine_ls_shell.R_factor_obs 
_refine_ls_shell.R_factor_R_free 
_refine_ls_shell.R_factor_R_free_error 
_refine_ls_shell.R_factor_R_work 
_refine_ls_shell.redundancy_reflns_all 
_refine_ls_shell.redundancy_reflns_obs 
_refine_ls_shell.wR_factor_all 
_refine_ls_shell.wR_factor_obs 
_refine_ls_shell.wR_factor_R_free 
_refine_ls_shell.wR_factor_R_work 
_refine_ls_shell.pdbx_total_number_of_bins_used 
_refine_ls_shell.pdbx_phase_error 
_refine_ls_shell.pdbx_fsc_work 
_refine_ls_shell.pdbx_fsc_free 
'X-RAY DIFFRACTION' 1.6251 1.6582  1178 . 105 1073 85.0000  . . . 0.3661 . 0.3156 . . . . . . 17 . . . 
'X-RAY DIFFRACTION' 1.6582 1.6943  1352 . 137 1215 99.0000  . . . 0.2432 . 0.2699 . . . . . . 17 . . . 
'X-RAY DIFFRACTION' 1.6943 1.7337  1406 . 150 1256 100.0000 . . . 0.2584 . 0.2132 . . . . . . 17 . . . 
'X-RAY DIFFRACTION' 1.7337 1.7770  1369 . 120 1249 100.0000 . . . 0.2011 . 0.1926 . . . . . . 17 . . . 
'X-RAY DIFFRACTION' 1.7770 1.8251  1403 . 140 1263 100.0000 . . . 0.2140 . 0.1843 . . . . . . 17 . . . 
'X-RAY DIFFRACTION' 1.8251 1.8788  1374 . 140 1234 100.0000 . . . 0.1859 . 0.1759 . . . . . . 17 . . . 
'X-RAY DIFFRACTION' 1.8788 1.9394  1414 . 144 1270 100.0000 . . . 0.2222 . 0.1755 . . . . . . 17 . . . 
'X-RAY DIFFRACTION' 1.9394 2.0087  1374 . 142 1232 100.0000 . . . 0.1927 . 0.1713 . . . . . . 17 . . . 
'X-RAY DIFFRACTION' 2.0087 2.0891  1400 . 142 1258 100.0000 . . . 0.2321 . 0.1840 . . . . . . 17 . . . 
'X-RAY DIFFRACTION' 2.0891 2.1841  1381 . 152 1229 100.0000 . . . 0.1951 . 0.1536 . . . . . . 17 . . . 
'X-RAY DIFFRACTION' 2.1841 2.2993  1384 . 138 1246 100.0000 . . . 0.2172 . 0.1643 . . . . . . 17 . . . 
'X-RAY DIFFRACTION' 2.2993 2.4432  1376 . 135 1241 100.0000 . . . 0.2019 . 0.1659 . . . . . . 17 . . . 
'X-RAY DIFFRACTION' 2.4432 2.6318  1426 . 142 1284 100.0000 . . . 0.2318 . 0.1670 . . . . . . 17 . . . 
'X-RAY DIFFRACTION' 2.6318 2.8964  1368 . 132 1236 100.0000 . . . 0.2165 . 0.1638 . . . . . . 17 . . . 
'X-RAY DIFFRACTION' 2.8964 3.3150  1395 . 142 1253 100.0000 . . . 0.1848 . 0.1628 . . . . . . 17 . . . 
'X-RAY DIFFRACTION' 3.3150 4.1746  1399 . 156 1243 100.0000 . . . 0.1705 . 0.1316 . . . . . . 17 . . . 
'X-RAY DIFFRACTION' 4.1746 29.1652 1379 . 137 1242 100.0000 . . . 0.1420 . 0.1581 . . . . . . 17 . . . 
# 
_struct.entry_id                     4XQM 
_struct.title                        'Crystal structure of the MRH domain of Glucosidase II beta bound to mannose' 
_struct.pdbx_model_details           ? 
_struct.pdbx_formula_weight          ? 
_struct.pdbx_formula_weight_method   ? 
_struct.pdbx_model_type_details      ? 
_struct.pdbx_CASP_flag               ? 
# 
_struct_keywords.entry_id        4XQM 
_struct_keywords.text            'hydrolase, sugar binding protein' 
_struct_keywords.pdbx_keywords   HYDROLASE 
# 
loop_
_struct_asym.id 
_struct_asym.pdbx_blank_PDB_chainid_flag 
_struct_asym.pdbx_modified 
_struct_asym.entity_id 
_struct_asym.details 
A N N 1 ? 
B N N 2 ? 
C N N 3 ? 
# 
_struct_ref.id                         1 
_struct_ref.db_name                    UNP 
_struct_ref.db_code                    GLU2B_SCHPO 
_struct_ref.pdbx_db_accession          Q9USH8 
_struct_ref.pdbx_db_isoform            ? 
_struct_ref.entity_id                  1 
_struct_ref.pdbx_seq_one_letter_code   
;YRAIKGMETKREIGGYTYKVVFYENVFQDSILLGNFASQEGNVLKYENGQSCWNGPHRSAIVTVECGVENEIVSVLEAQK
CEYLIKMKSPAACS
;
_struct_ref.pdbx_align_begin           380 
# 
_struct_ref_seq.align_id                      1 
_struct_ref_seq.ref_id                        1 
_struct_ref_seq.pdbx_PDB_id_code              4XQM 
_struct_ref_seq.pdbx_strand_id                A 
_struct_ref_seq.seq_align_beg                 1 
_struct_ref_seq.pdbx_seq_align_beg_ins_code   ? 
_struct_ref_seq.seq_align_end                 94 
_struct_ref_seq.pdbx_seq_align_end_ins_code   ? 
_struct_ref_seq.pdbx_db_accession             Q9USH8 
_struct_ref_seq.db_align_beg                  380 
_struct_ref_seq.pdbx_db_align_beg_ins_code    ? 
_struct_ref_seq.db_align_end                  473 
_struct_ref_seq.pdbx_db_align_end_ins_code    ? 
_struct_ref_seq.pdbx_auth_seq_align_beg       357 
_struct_ref_seq.pdbx_auth_seq_align_end       450 
# 
_pdbx_struct_assembly.id                   1 
_pdbx_struct_assembly.details              author_and_software_defined_assembly 
_pdbx_struct_assembly.method_details       PISA 
_pdbx_struct_assembly.oligomeric_details   monomeric 
_pdbx_struct_assembly.oligomeric_count     1 
# 
_pdbx_struct_assembly_gen.assembly_id       1 
_pdbx_struct_assembly_gen.oper_expression   1 
_pdbx_struct_assembly_gen.asym_id_list      A,B,C 
# 
_pdbx_struct_oper_list.id                   1 
_pdbx_struct_oper_list.type                 'identity operation' 
_pdbx_struct_oper_list.name                 1_555 
_pdbx_struct_oper_list.symmetry_operation   x,y,z 
_pdbx_struct_oper_list.matrix[1][1]         1.0000000000 
_pdbx_struct_oper_list.matrix[1][2]         0.0000000000 
_pdbx_struct_oper_list.matrix[1][3]         0.0000000000 
_pdbx_struct_oper_list.vector[1]            0.0000000000 
_pdbx_struct_oper_list.matrix[2][1]         0.0000000000 
_pdbx_struct_oper_list.matrix[2][2]         1.0000000000 
_pdbx_struct_oper_list.matrix[2][3]         0.0000000000 
_pdbx_struct_oper_list.vector[2]            0.0000000000 
_pdbx_struct_oper_list.matrix[3][1]         0.0000000000 
_pdbx_struct_oper_list.matrix[3][2]         0.0000000000 
_pdbx_struct_oper_list.matrix[3][3]         1.0000000000 
_pdbx_struct_oper_list.vector[3]            0.0000000000 
# 
_struct_conf.conf_type_id            HELX_P 
_struct_conf.id                      HELX_P1 
_struct_conf.pdbx_PDB_helix_id       AA1 
_struct_conf.beg_label_comp_id       PRO 
_struct_conf.beg_label_asym_id       A 
_struct_conf.beg_label_seq_id        90 
_struct_conf.pdbx_beg_PDB_ins_code   ? 
_struct_conf.end_label_comp_id       CYS 
_struct_conf.end_label_asym_id       A 
_struct_conf.end_label_seq_id        93 
_struct_conf.pdbx_end_PDB_ins_code   ? 
_struct_conf.beg_auth_comp_id        PRO 
_struct_conf.beg_auth_asym_id        A 
_struct_conf.beg_auth_seq_id         446 
_struct_conf.end_auth_comp_id        CYS 
_struct_conf.end_auth_asym_id        A 
_struct_conf.end_auth_seq_id         449 
_struct_conf.pdbx_PDB_helix_class    5 
_struct_conf.details                 ? 
_struct_conf.pdbx_PDB_helix_length   4 
# 
_struct_conf_type.id          HELX_P 
_struct_conf_type.criteria    ? 
_struct_conf_type.reference   ? 
# 
loop_
_struct_conn.id 
_struct_conn.conn_type_id 
_struct_conn.pdbx_leaving_atom_flag 
_struct_conn.pdbx_PDB_id 
_struct_conn.ptnr1_label_asym_id 
_struct_conn.ptnr1_label_comp_id 
_struct_conn.ptnr1_label_seq_id 
_struct_conn.ptnr1_label_atom_id 
_struct_conn.pdbx_ptnr1_label_alt_id 
_struct_conn.pdbx_ptnr1_PDB_ins_code 
_struct_conn.pdbx_ptnr1_standard_comp_id 
_struct_conn.ptnr1_symmetry 
_struct_conn.ptnr2_label_asym_id 
_struct_conn.ptnr2_label_comp_id 
_struct_conn.ptnr2_label_seq_id 
_struct_conn.ptnr2_label_atom_id 
_struct_conn.pdbx_ptnr2_label_alt_id 
_struct_conn.pdbx_ptnr2_PDB_ins_code 
_struct_conn.ptnr1_auth_asym_id 
_struct_conn.ptnr1_auth_comp_id 
_struct_conn.ptnr1_auth_seq_id 
_struct_conn.ptnr2_auth_asym_id 
_struct_conn.ptnr2_auth_comp_id 
_struct_conn.ptnr2_auth_seq_id 
_struct_conn.ptnr2_symmetry 
_struct_conn.pdbx_ptnr3_label_atom_id 
_struct_conn.pdbx_ptnr3_label_seq_id 
_struct_conn.pdbx_ptnr3_label_comp_id 
_struct_conn.pdbx_ptnr3_label_asym_id 
_struct_conn.pdbx_ptnr3_label_alt_id 
_struct_conn.pdbx_ptnr3_PDB_ins_code 
_struct_conn.details 
_struct_conn.pdbx_dist_value 
_struct_conn.pdbx_value_order 
_struct_conn.pdbx_role 
disulf1 disulf ? ? A CYS 52 SG ? ? ? 1_555 A CYS 81 SG ? ? A CYS 408 A CYS 437 1_555 ? ? ? ? ? ? ? 2.045 ? ? 
disulf2 disulf ? ? A CYS 66 SG ? ? ? 1_555 A CYS 93 SG ? ? A CYS 422 A CYS 449 1_555 ? ? ? ? ? ? ? 2.042 ? ? 
# 
_struct_conn_type.id          disulf 
_struct_conn_type.criteria    ? 
_struct_conn_type.reference   ? 
# 
loop_
_pdbx_modification_feature.ordinal 
_pdbx_modification_feature.label_comp_id 
_pdbx_modification_feature.label_asym_id 
_pdbx_modification_feature.label_seq_id 
_pdbx_modification_feature.label_alt_id 
_pdbx_modification_feature.modified_residue_label_comp_id 
_pdbx_modification_feature.modified_residue_label_asym_id 
_pdbx_modification_feature.modified_residue_label_seq_id 
_pdbx_modification_feature.modified_residue_label_alt_id 
_pdbx_modification_feature.auth_comp_id 
_pdbx_modification_feature.auth_asym_id 
_pdbx_modification_feature.auth_seq_id 
_pdbx_modification_feature.PDB_ins_code 
_pdbx_modification_feature.symmetry 
_pdbx_modification_feature.modified_residue_auth_comp_id 
_pdbx_modification_feature.modified_residue_auth_asym_id 
_pdbx_modification_feature.modified_residue_auth_seq_id 
_pdbx_modification_feature.modified_residue_PDB_ins_code 
_pdbx_modification_feature.modified_residue_symmetry 
_pdbx_modification_feature.comp_id_linking_atom 
_pdbx_modification_feature.modified_residue_id_linking_atom 
_pdbx_modification_feature.modified_residue_id 
_pdbx_modification_feature.ref_pcm_id 
_pdbx_modification_feature.ref_comp_id 
_pdbx_modification_feature.type 
_pdbx_modification_feature.category 
1 CYS A 52 ? CYS A 81 ? CYS A 408 ? 1_555 CYS A 437 ? 1_555 SG SG . . . None 'Disulfide bridge' 
2 CYS A 66 ? CYS A 93 ? CYS A 422 ? 1_555 CYS A 449 ? 1_555 SG SG . . . None 'Disulfide bridge' 
# 
_struct_sheet.id               AA1 
_struct_sheet.type             ? 
_struct_sheet.number_strands   8 
_struct_sheet.details          ? 
# 
loop_
_struct_sheet_order.sheet_id 
_struct_sheet_order.range_id_1 
_struct_sheet_order.range_id_2 
_struct_sheet_order.offset 
_struct_sheet_order.sense 
AA1 1 2 ? anti-parallel 
AA1 2 3 ? anti-parallel 
AA1 3 4 ? anti-parallel 
AA1 4 5 ? anti-parallel 
AA1 5 6 ? anti-parallel 
AA1 6 7 ? parallel      
AA1 7 8 ? anti-parallel 
# 
loop_
_struct_sheet_range.sheet_id 
_struct_sheet_range.id 
_struct_sheet_range.beg_label_comp_id 
_struct_sheet_range.beg_label_asym_id 
_struct_sheet_range.beg_label_seq_id 
_struct_sheet_range.pdbx_beg_PDB_ins_code 
_struct_sheet_range.end_label_comp_id 
_struct_sheet_range.end_label_asym_id 
_struct_sheet_range.end_label_seq_id 
_struct_sheet_range.pdbx_end_PDB_ins_code 
_struct_sheet_range.beg_auth_comp_id 
_struct_sheet_range.beg_auth_asym_id 
_struct_sheet_range.beg_auth_seq_id 
_struct_sheet_range.end_auth_comp_id 
_struct_sheet_range.end_auth_asym_id 
_struct_sheet_range.end_auth_seq_id 
AA1 1 GLU A 8  ? ILE A 13 ? GLU A 364 ILE A 369 
AA1 2 TYR A 16 ? VAL A 21 ? TYR A 372 VAL A 377 
AA1 3 ASN A 25 ? GLN A 28 ? ASN A 381 GLN A 384 
AA1 4 ILE A 31 ? GLU A 40 ? ILE A 387 GLU A 396 
AA1 5 VAL A 43 ? ASN A 48 ? VAL A 399 ASN A 404 
AA1 6 SER A 59 ? CYS A 66 ? SER A 415 CYS A 422 
AA1 7 GLU A 82 ? SER A 89 ? GLU A 438 SER A 445 
AA1 8 GLU A 71 ? GLN A 79 ? GLU A 427 GLN A 435 
# 
loop_
_pdbx_struct_sheet_hbond.sheet_id 
_pdbx_struct_sheet_hbond.range_id_1 
_pdbx_struct_sheet_hbond.range_id_2 
_pdbx_struct_sheet_hbond.range_1_label_atom_id 
_pdbx_struct_sheet_hbond.range_1_label_comp_id 
_pdbx_struct_sheet_hbond.range_1_label_asym_id 
_pdbx_struct_sheet_hbond.range_1_label_seq_id 
_pdbx_struct_sheet_hbond.range_1_PDB_ins_code 
_pdbx_struct_sheet_hbond.range_1_auth_atom_id 
_pdbx_struct_sheet_hbond.range_1_auth_comp_id 
_pdbx_struct_sheet_hbond.range_1_auth_asym_id 
_pdbx_struct_sheet_hbond.range_1_auth_seq_id 
_pdbx_struct_sheet_hbond.range_2_label_atom_id 
_pdbx_struct_sheet_hbond.range_2_label_comp_id 
_pdbx_struct_sheet_hbond.range_2_label_asym_id 
_pdbx_struct_sheet_hbond.range_2_label_seq_id 
_pdbx_struct_sheet_hbond.range_2_PDB_ins_code 
_pdbx_struct_sheet_hbond.range_2_auth_atom_id 
_pdbx_struct_sheet_hbond.range_2_auth_comp_id 
_pdbx_struct_sheet_hbond.range_2_auth_asym_id 
_pdbx_struct_sheet_hbond.range_2_auth_seq_id 
AA1 1 2 N ARG A 11 ? N ARG A 367 O TYR A 18 ? O TYR A 374 
AA1 2 3 N LYS A 19 ? N LYS A 375 O PHE A 27 ? O PHE A 383 
AA1 3 4 N VAL A 26 ? N VAL A 382 O LEU A 33 ? O LEU A 389 
AA1 4 5 N ALA A 37 ? N ALA A 393 O LYS A 45 ? O LYS A 401 
AA1 5 6 N LEU A 44 ? N LEU A 400 O VAL A 62 ? O VAL A 418 
AA1 6 7 N THR A 63 ? N THR A 419 O MET A 87 ? O MET A 443 
AA1 7 8 O LEU A 84 ? O LEU A 440 N LEU A 76 ? N LEU A 432 
# 
_pdbx_entry_details.entry_id                   4XQM 
_pdbx_entry_details.compound_details           ? 
_pdbx_entry_details.source_details             ? 
_pdbx_entry_details.nonpolymer_details         ? 
_pdbx_entry_details.sequence_details           ? 
_pdbx_entry_details.has_ligand_of_interest     ? 
_pdbx_entry_details.has_protein_modification   Y 
# 
loop_
_pdbx_validate_close_contact.id 
_pdbx_validate_close_contact.PDB_model_num 
_pdbx_validate_close_contact.auth_atom_id_1 
_pdbx_validate_close_contact.auth_asym_id_1 
_pdbx_validate_close_contact.auth_comp_id_1 
_pdbx_validate_close_contact.auth_seq_id_1 
_pdbx_validate_close_contact.PDB_ins_code_1 
_pdbx_validate_close_contact.label_alt_id_1 
_pdbx_validate_close_contact.auth_atom_id_2 
_pdbx_validate_close_contact.auth_asym_id_2 
_pdbx_validate_close_contact.auth_comp_id_2 
_pdbx_validate_close_contact.auth_seq_id_2 
_pdbx_validate_close_contact.PDB_ins_code_2 
_pdbx_validate_close_contact.label_alt_id_2 
_pdbx_validate_close_contact.dist 
1 1 OE1 A GLU 396 ? ? O A HOH 735 ? ? 2.09 
2 1 O   A HOH 601 ? ? O A HOH 640 ? ? 2.14 
3 1 O   A HOH 670 ? ? O A HOH 712 ? ? 2.19 
# 
loop_
_pdbx_validate_symm_contact.id 
_pdbx_validate_symm_contact.PDB_model_num 
_pdbx_validate_symm_contact.auth_atom_id_1 
_pdbx_validate_symm_contact.auth_asym_id_1 
_pdbx_validate_symm_contact.auth_comp_id_1 
_pdbx_validate_symm_contact.auth_seq_id_1 
_pdbx_validate_symm_contact.PDB_ins_code_1 
_pdbx_validate_symm_contact.label_alt_id_1 
_pdbx_validate_symm_contact.site_symmetry_1 
_pdbx_validate_symm_contact.auth_atom_id_2 
_pdbx_validate_symm_contact.auth_asym_id_2 
_pdbx_validate_symm_contact.auth_comp_id_2 
_pdbx_validate_symm_contact.auth_seq_id_2 
_pdbx_validate_symm_contact.PDB_ins_code_2 
_pdbx_validate_symm_contact.label_alt_id_2 
_pdbx_validate_symm_contact.site_symmetry_2 
_pdbx_validate_symm_contact.dist 
1 1 N A TYR 357 ? ? 1_555 O1 A MAN 501 ? ? 7_545 1.92 
2 1 O A HOH 643 ? ? 1_555 O  A HOH 643 ? ? 2_655 2.19 
# 
_pdbx_validate_rmsd_angle.id                         1 
_pdbx_validate_rmsd_angle.PDB_model_num              1 
_pdbx_validate_rmsd_angle.auth_atom_id_1             N 
_pdbx_validate_rmsd_angle.auth_asym_id_1             A 
_pdbx_validate_rmsd_angle.auth_comp_id_1             TYR 
_pdbx_validate_rmsd_angle.auth_seq_id_1              357 
_pdbx_validate_rmsd_angle.PDB_ins_code_1             ? 
_pdbx_validate_rmsd_angle.label_alt_id_1             ? 
_pdbx_validate_rmsd_angle.auth_atom_id_2             CA 
_pdbx_validate_rmsd_angle.auth_asym_id_2             A 
_pdbx_validate_rmsd_angle.auth_comp_id_2             TYR 
_pdbx_validate_rmsd_angle.auth_seq_id_2              357 
_pdbx_validate_rmsd_angle.PDB_ins_code_2             ? 
_pdbx_validate_rmsd_angle.label_alt_id_2             ? 
_pdbx_validate_rmsd_angle.auth_atom_id_3             C 
_pdbx_validate_rmsd_angle.auth_asym_id_3             A 
_pdbx_validate_rmsd_angle.auth_comp_id_3             TYR 
_pdbx_validate_rmsd_angle.auth_seq_id_3              357 
_pdbx_validate_rmsd_angle.PDB_ins_code_3             ? 
_pdbx_validate_rmsd_angle.label_alt_id_3             ? 
_pdbx_validate_rmsd_angle.angle_value                89.27 
_pdbx_validate_rmsd_angle.angle_target_value         111.00 
_pdbx_validate_rmsd_angle.angle_deviation            -21.73 
_pdbx_validate_rmsd_angle.angle_standard_deviation   2.70 
_pdbx_validate_rmsd_angle.linker_flag                N 
# 
loop_
_pdbx_validate_torsion.id 
_pdbx_validate_torsion.PDB_model_num 
_pdbx_validate_torsion.auth_comp_id 
_pdbx_validate_torsion.auth_asym_id 
_pdbx_validate_torsion.auth_seq_id 
_pdbx_validate_torsion.PDB_ins_code 
_pdbx_validate_torsion.label_alt_id 
_pdbx_validate_torsion.phi 
_pdbx_validate_torsion.psi 
1 1 GLU A 380 ? ? -125.27 -84.60  
2 1 ASP A 385 ? ? 49.50   -126.44 
3 1 GLU A 433 ? ? -116.02 71.76   
# 
loop_
_pdbx_struct_special_symmetry.id 
_pdbx_struct_special_symmetry.PDB_model_num 
_pdbx_struct_special_symmetry.auth_asym_id 
_pdbx_struct_special_symmetry.auth_comp_id 
_pdbx_struct_special_symmetry.auth_seq_id 
_pdbx_struct_special_symmetry.PDB_ins_code 
_pdbx_struct_special_symmetry.label_asym_id 
_pdbx_struct_special_symmetry.label_comp_id 
_pdbx_struct_special_symmetry.label_seq_id 
1 1 A HOH 607 ? C HOH . 
2 1 A HOH 673 ? C HOH . 
# 
_phasing.method   SAD 
# 
loop_
_chem_comp_atom.comp_id 
_chem_comp_atom.atom_id 
_chem_comp_atom.type_symbol 
_chem_comp_atom.pdbx_aromatic_flag 
_chem_comp_atom.pdbx_stereo_config 
_chem_comp_atom.pdbx_ordinal 
ALA N    N N N 1   
ALA CA   C N S 2   
ALA C    C N N 3   
ALA O    O N N 4   
ALA CB   C N N 5   
ALA OXT  O N N 6   
ALA H    H N N 7   
ALA H2   H N N 8   
ALA HA   H N N 9   
ALA HB1  H N N 10  
ALA HB2  H N N 11  
ALA HB3  H N N 12  
ALA HXT  H N N 13  
ARG N    N N N 14  
ARG CA   C N S 15  
ARG C    C N N 16  
ARG O    O N N 17  
ARG CB   C N N 18  
ARG CG   C N N 19  
ARG CD   C N N 20  
ARG NE   N N N 21  
ARG CZ   C N N 22  
ARG NH1  N N N 23  
ARG NH2  N N N 24  
ARG OXT  O N N 25  
ARG H    H N N 26  
ARG H2   H N N 27  
ARG HA   H N N 28  
ARG HB2  H N N 29  
ARG HB3  H N N 30  
ARG HG2  H N N 31  
ARG HG3  H N N 32  
ARG HD2  H N N 33  
ARG HD3  H N N 34  
ARG HE   H N N 35  
ARG HH11 H N N 36  
ARG HH12 H N N 37  
ARG HH21 H N N 38  
ARG HH22 H N N 39  
ARG HXT  H N N 40  
ASN N    N N N 41  
ASN CA   C N S 42  
ASN C    C N N 43  
ASN O    O N N 44  
ASN CB   C N N 45  
ASN CG   C N N 46  
ASN OD1  O N N 47  
ASN ND2  N N N 48  
ASN OXT  O N N 49  
ASN H    H N N 50  
ASN H2   H N N 51  
ASN HA   H N N 52  
ASN HB2  H N N 53  
ASN HB3  H N N 54  
ASN HD21 H N N 55  
ASN HD22 H N N 56  
ASN HXT  H N N 57  
ASP N    N N N 58  
ASP CA   C N S 59  
ASP C    C N N 60  
ASP O    O N N 61  
ASP CB   C N N 62  
ASP CG   C N N 63  
ASP OD1  O N N 64  
ASP OD2  O N N 65  
ASP OXT  O N N 66  
ASP H    H N N 67  
ASP H2   H N N 68  
ASP HA   H N N 69  
ASP HB2  H N N 70  
ASP HB3  H N N 71  
ASP HD2  H N N 72  
ASP HXT  H N N 73  
CYS N    N N N 74  
CYS CA   C N R 75  
CYS C    C N N 76  
CYS O    O N N 77  
CYS CB   C N N 78  
CYS SG   S N N 79  
CYS OXT  O N N 80  
CYS H    H N N 81  
CYS H2   H N N 82  
CYS HA   H N N 83  
CYS HB2  H N N 84  
CYS HB3  H N N 85  
CYS HG   H N N 86  
CYS HXT  H N N 87  
GLN N    N N N 88  
GLN CA   C N S 89  
GLN C    C N N 90  
GLN O    O N N 91  
GLN CB   C N N 92  
GLN CG   C N N 93  
GLN CD   C N N 94  
GLN OE1  O N N 95  
GLN NE2  N N N 96  
GLN OXT  O N N 97  
GLN H    H N N 98  
GLN H2   H N N 99  
GLN HA   H N N 100 
GLN HB2  H N N 101 
GLN HB3  H N N 102 
GLN HG2  H N N 103 
GLN HG3  H N N 104 
GLN HE21 H N N 105 
GLN HE22 H N N 106 
GLN HXT  H N N 107 
GLU N    N N N 108 
GLU CA   C N S 109 
GLU C    C N N 110 
GLU O    O N N 111 
GLU CB   C N N 112 
GLU CG   C N N 113 
GLU CD   C N N 114 
GLU OE1  O N N 115 
GLU OE2  O N N 116 
GLU OXT  O N N 117 
GLU H    H N N 118 
GLU H2   H N N 119 
GLU HA   H N N 120 
GLU HB2  H N N 121 
GLU HB3  H N N 122 
GLU HG2  H N N 123 
GLU HG3  H N N 124 
GLU HE2  H N N 125 
GLU HXT  H N N 126 
GLY N    N N N 127 
GLY CA   C N N 128 
GLY C    C N N 129 
GLY O    O N N 130 
GLY OXT  O N N 131 
GLY H    H N N 132 
GLY H2   H N N 133 
GLY HA2  H N N 134 
GLY HA3  H N N 135 
GLY HXT  H N N 136 
HIS N    N N N 137 
HIS CA   C N S 138 
HIS C    C N N 139 
HIS O    O N N 140 
HIS CB   C N N 141 
HIS CG   C Y N 142 
HIS ND1  N Y N 143 
HIS CD2  C Y N 144 
HIS CE1  C Y N 145 
HIS NE2  N Y N 146 
HIS OXT  O N N 147 
HIS H    H N N 148 
HIS H2   H N N 149 
HIS HA   H N N 150 
HIS HB2  H N N 151 
HIS HB3  H N N 152 
HIS HD1  H N N 153 
HIS HD2  H N N 154 
HIS HE1  H N N 155 
HIS HE2  H N N 156 
HIS HXT  H N N 157 
HOH O    O N N 158 
HOH H1   H N N 159 
HOH H2   H N N 160 
ILE N    N N N 161 
ILE CA   C N S 162 
ILE C    C N N 163 
ILE O    O N N 164 
ILE CB   C N S 165 
ILE CG1  C N N 166 
ILE CG2  C N N 167 
ILE CD1  C N N 168 
ILE OXT  O N N 169 
ILE H    H N N 170 
ILE H2   H N N 171 
ILE HA   H N N 172 
ILE HB   H N N 173 
ILE HG12 H N N 174 
ILE HG13 H N N 175 
ILE HG21 H N N 176 
ILE HG22 H N N 177 
ILE HG23 H N N 178 
ILE HD11 H N N 179 
ILE HD12 H N N 180 
ILE HD13 H N N 181 
ILE HXT  H N N 182 
LEU N    N N N 183 
LEU CA   C N S 184 
LEU C    C N N 185 
LEU O    O N N 186 
LEU CB   C N N 187 
LEU CG   C N N 188 
LEU CD1  C N N 189 
LEU CD2  C N N 190 
LEU OXT  O N N 191 
LEU H    H N N 192 
LEU H2   H N N 193 
LEU HA   H N N 194 
LEU HB2  H N N 195 
LEU HB3  H N N 196 
LEU HG   H N N 197 
LEU HD11 H N N 198 
LEU HD12 H N N 199 
LEU HD13 H N N 200 
LEU HD21 H N N 201 
LEU HD22 H N N 202 
LEU HD23 H N N 203 
LEU HXT  H N N 204 
LYS N    N N N 205 
LYS CA   C N S 206 
LYS C    C N N 207 
LYS O    O N N 208 
LYS CB   C N N 209 
LYS CG   C N N 210 
LYS CD   C N N 211 
LYS CE   C N N 212 
LYS NZ   N N N 213 
LYS OXT  O N N 214 
LYS H    H N N 215 
LYS H2   H N N 216 
LYS HA   H N N 217 
LYS HB2  H N N 218 
LYS HB3  H N N 219 
LYS HG2  H N N 220 
LYS HG3  H N N 221 
LYS HD2  H N N 222 
LYS HD3  H N N 223 
LYS HE2  H N N 224 
LYS HE3  H N N 225 
LYS HZ1  H N N 226 
LYS HZ2  H N N 227 
LYS HZ3  H N N 228 
LYS HXT  H N N 229 
MAN C1   C N S 230 
MAN C2   C N S 231 
MAN C3   C N S 232 
MAN C4   C N S 233 
MAN C5   C N R 234 
MAN C6   C N N 235 
MAN O1   O N N 236 
MAN O2   O N N 237 
MAN O3   O N N 238 
MAN O4   O N N 239 
MAN O5   O N N 240 
MAN O6   O N N 241 
MAN H1   H N N 242 
MAN H2   H N N 243 
MAN H3   H N N 244 
MAN H4   H N N 245 
MAN H5   H N N 246 
MAN H61  H N N 247 
MAN H62  H N N 248 
MAN HO1  H N N 249 
MAN HO2  H N N 250 
MAN HO3  H N N 251 
MAN HO4  H N N 252 
MAN HO6  H N N 253 
MET N    N N N 254 
MET CA   C N S 255 
MET C    C N N 256 
MET O    O N N 257 
MET CB   C N N 258 
MET CG   C N N 259 
MET SD   S N N 260 
MET CE   C N N 261 
MET OXT  O N N 262 
MET H    H N N 263 
MET H2   H N N 264 
MET HA   H N N 265 
MET HB2  H N N 266 
MET HB3  H N N 267 
MET HG2  H N N 268 
MET HG3  H N N 269 
MET HE1  H N N 270 
MET HE2  H N N 271 
MET HE3  H N N 272 
MET HXT  H N N 273 
PHE N    N N N 274 
PHE CA   C N S 275 
PHE C    C N N 276 
PHE O    O N N 277 
PHE CB   C N N 278 
PHE CG   C Y N 279 
PHE CD1  C Y N 280 
PHE CD2  C Y N 281 
PHE CE1  C Y N 282 
PHE CE2  C Y N 283 
PHE CZ   C Y N 284 
PHE OXT  O N N 285 
PHE H    H N N 286 
PHE H2   H N N 287 
PHE HA   H N N 288 
PHE HB2  H N N 289 
PHE HB3  H N N 290 
PHE HD1  H N N 291 
PHE HD2  H N N 292 
PHE HE1  H N N 293 
PHE HE2  H N N 294 
PHE HZ   H N N 295 
PHE HXT  H N N 296 
PRO N    N N N 297 
PRO CA   C N S 298 
PRO C    C N N 299 
PRO O    O N N 300 
PRO CB   C N N 301 
PRO CG   C N N 302 
PRO CD   C N N 303 
PRO OXT  O N N 304 
PRO H    H N N 305 
PRO HA   H N N 306 
PRO HB2  H N N 307 
PRO HB3  H N N 308 
PRO HG2  H N N 309 
PRO HG3  H N N 310 
PRO HD2  H N N 311 
PRO HD3  H N N 312 
PRO HXT  H N N 313 
SER N    N N N 314 
SER CA   C N S 315 
SER C    C N N 316 
SER O    O N N 317 
SER CB   C N N 318 
SER OG   O N N 319 
SER OXT  O N N 320 
SER H    H N N 321 
SER H2   H N N 322 
SER HA   H N N 323 
SER HB2  H N N 324 
SER HB3  H N N 325 
SER HG   H N N 326 
SER HXT  H N N 327 
THR N    N N N 328 
THR CA   C N S 329 
THR C    C N N 330 
THR O    O N N 331 
THR CB   C N R 332 
THR OG1  O N N 333 
THR CG2  C N N 334 
THR OXT  O N N 335 
THR H    H N N 336 
THR H2   H N N 337 
THR HA   H N N 338 
THR HB   H N N 339 
THR HG1  H N N 340 
THR HG21 H N N 341 
THR HG22 H N N 342 
THR HG23 H N N 343 
THR HXT  H N N 344 
TRP N    N N N 345 
TRP CA   C N S 346 
TRP C    C N N 347 
TRP O    O N N 348 
TRP CB   C N N 349 
TRP CG   C Y N 350 
TRP CD1  C Y N 351 
TRP CD2  C Y N 352 
TRP NE1  N Y N 353 
TRP CE2  C Y N 354 
TRP CE3  C Y N 355 
TRP CZ2  C Y N 356 
TRP CZ3  C Y N 357 
TRP CH2  C Y N 358 
TRP OXT  O N N 359 
TRP H    H N N 360 
TRP H2   H N N 361 
TRP HA   H N N 362 
TRP HB2  H N N 363 
TRP HB3  H N N 364 
TRP HD1  H N N 365 
TRP HE1  H N N 366 
TRP HE3  H N N 367 
TRP HZ2  H N N 368 
TRP HZ3  H N N 369 
TRP HH2  H N N 370 
TRP HXT  H N N 371 
TYR N    N N N 372 
TYR CA   C N S 373 
TYR C    C N N 374 
TYR O    O N N 375 
TYR CB   C N N 376 
TYR CG   C Y N 377 
TYR CD1  C Y N 378 
TYR CD2  C Y N 379 
TYR CE1  C Y N 380 
TYR CE2  C Y N 381 
TYR CZ   C Y N 382 
TYR OH   O N N 383 
TYR OXT  O N N 384 
TYR H    H N N 385 
TYR H2   H N N 386 
TYR HA   H N N 387 
TYR HB2  H N N 388 
TYR HB3  H N N 389 
TYR HD1  H N N 390 
TYR HD2  H N N 391 
TYR HE1  H N N 392 
TYR HE2  H N N 393 
TYR HH   H N N 394 
TYR HXT  H N N 395 
VAL N    N N N 396 
VAL CA   C N S 397 
VAL C    C N N 398 
VAL O    O N N 399 
VAL CB   C N N 400 
VAL CG1  C N N 401 
VAL CG2  C N N 402 
VAL OXT  O N N 403 
VAL H    H N N 404 
VAL H2   H N N 405 
VAL HA   H N N 406 
VAL HB   H N N 407 
VAL HG11 H N N 408 
VAL HG12 H N N 409 
VAL HG13 H N N 410 
VAL HG21 H N N 411 
VAL HG22 H N N 412 
VAL HG23 H N N 413 
VAL HXT  H N N 414 
# 
loop_
_chem_comp_bond.comp_id 
_chem_comp_bond.atom_id_1 
_chem_comp_bond.atom_id_2 
_chem_comp_bond.value_order 
_chem_comp_bond.pdbx_aromatic_flag 
_chem_comp_bond.pdbx_stereo_config 
_chem_comp_bond.pdbx_ordinal 
ALA N   CA   sing N N 1   
ALA N   H    sing N N 2   
ALA N   H2   sing N N 3   
ALA CA  C    sing N N 4   
ALA CA  CB   sing N N 5   
ALA CA  HA   sing N N 6   
ALA C   O    doub N N 7   
ALA C   OXT  sing N N 8   
ALA CB  HB1  sing N N 9   
ALA CB  HB2  sing N N 10  
ALA CB  HB3  sing N N 11  
ALA OXT HXT  sing N N 12  
ARG N   CA   sing N N 13  
ARG N   H    sing N N 14  
ARG N   H2   sing N N 15  
ARG CA  C    sing N N 16  
ARG CA  CB   sing N N 17  
ARG CA  HA   sing N N 18  
ARG C   O    doub N N 19  
ARG C   OXT  sing N N 20  
ARG CB  CG   sing N N 21  
ARG CB  HB2  sing N N 22  
ARG CB  HB3  sing N N 23  
ARG CG  CD   sing N N 24  
ARG CG  HG2  sing N N 25  
ARG CG  HG3  sing N N 26  
ARG CD  NE   sing N N 27  
ARG CD  HD2  sing N N 28  
ARG CD  HD3  sing N N 29  
ARG NE  CZ   sing N N 30  
ARG NE  HE   sing N N 31  
ARG CZ  NH1  sing N N 32  
ARG CZ  NH2  doub N N 33  
ARG NH1 HH11 sing N N 34  
ARG NH1 HH12 sing N N 35  
ARG NH2 HH21 sing N N 36  
ARG NH2 HH22 sing N N 37  
ARG OXT HXT  sing N N 38  
ASN N   CA   sing N N 39  
ASN N   H    sing N N 40  
ASN N   H2   sing N N 41  
ASN CA  C    sing N N 42  
ASN CA  CB   sing N N 43  
ASN CA  HA   sing N N 44  
ASN C   O    doub N N 45  
ASN C   OXT  sing N N 46  
ASN CB  CG   sing N N 47  
ASN CB  HB2  sing N N 48  
ASN CB  HB3  sing N N 49  
ASN CG  OD1  doub N N 50  
ASN CG  ND2  sing N N 51  
ASN ND2 HD21 sing N N 52  
ASN ND2 HD22 sing N N 53  
ASN OXT HXT  sing N N 54  
ASP N   CA   sing N N 55  
ASP N   H    sing N N 56  
ASP N   H2   sing N N 57  
ASP CA  C    sing N N 58  
ASP CA  CB   sing N N 59  
ASP CA  HA   sing N N 60  
ASP C   O    doub N N 61  
ASP C   OXT  sing N N 62  
ASP CB  CG   sing N N 63  
ASP CB  HB2  sing N N 64  
ASP CB  HB3  sing N N 65  
ASP CG  OD1  doub N N 66  
ASP CG  OD2  sing N N 67  
ASP OD2 HD2  sing N N 68  
ASP OXT HXT  sing N N 69  
CYS N   CA   sing N N 70  
CYS N   H    sing N N 71  
CYS N   H2   sing N N 72  
CYS CA  C    sing N N 73  
CYS CA  CB   sing N N 74  
CYS CA  HA   sing N N 75  
CYS C   O    doub N N 76  
CYS C   OXT  sing N N 77  
CYS CB  SG   sing N N 78  
CYS CB  HB2  sing N N 79  
CYS CB  HB3  sing N N 80  
CYS SG  HG   sing N N 81  
CYS OXT HXT  sing N N 82  
GLN N   CA   sing N N 83  
GLN N   H    sing N N 84  
GLN N   H2   sing N N 85  
GLN CA  C    sing N N 86  
GLN CA  CB   sing N N 87  
GLN CA  HA   sing N N 88  
GLN C   O    doub N N 89  
GLN C   OXT  sing N N 90  
GLN CB  CG   sing N N 91  
GLN CB  HB2  sing N N 92  
GLN CB  HB3  sing N N 93  
GLN CG  CD   sing N N 94  
GLN CG  HG2  sing N N 95  
GLN CG  HG3  sing N N 96  
GLN CD  OE1  doub N N 97  
GLN CD  NE2  sing N N 98  
GLN NE2 HE21 sing N N 99  
GLN NE2 HE22 sing N N 100 
GLN OXT HXT  sing N N 101 
GLU N   CA   sing N N 102 
GLU N   H    sing N N 103 
GLU N   H2   sing N N 104 
GLU CA  C    sing N N 105 
GLU CA  CB   sing N N 106 
GLU CA  HA   sing N N 107 
GLU C   O    doub N N 108 
GLU C   OXT  sing N N 109 
GLU CB  CG   sing N N 110 
GLU CB  HB2  sing N N 111 
GLU CB  HB3  sing N N 112 
GLU CG  CD   sing N N 113 
GLU CG  HG2  sing N N 114 
GLU CG  HG3  sing N N 115 
GLU CD  OE1  doub N N 116 
GLU CD  OE2  sing N N 117 
GLU OE2 HE2  sing N N 118 
GLU OXT HXT  sing N N 119 
GLY N   CA   sing N N 120 
GLY N   H    sing N N 121 
GLY N   H2   sing N N 122 
GLY CA  C    sing N N 123 
GLY CA  HA2  sing N N 124 
GLY CA  HA3  sing N N 125 
GLY C   O    doub N N 126 
GLY C   OXT  sing N N 127 
GLY OXT HXT  sing N N 128 
HIS N   CA   sing N N 129 
HIS N   H    sing N N 130 
HIS N   H2   sing N N 131 
HIS CA  C    sing N N 132 
HIS CA  CB   sing N N 133 
HIS CA  HA   sing N N 134 
HIS C   O    doub N N 135 
HIS C   OXT  sing N N 136 
HIS CB  CG   sing N N 137 
HIS CB  HB2  sing N N 138 
HIS CB  HB3  sing N N 139 
HIS CG  ND1  sing Y N 140 
HIS CG  CD2  doub Y N 141 
HIS ND1 CE1  doub Y N 142 
HIS ND1 HD1  sing N N 143 
HIS CD2 NE2  sing Y N 144 
HIS CD2 HD2  sing N N 145 
HIS CE1 NE2  sing Y N 146 
HIS CE1 HE1  sing N N 147 
HIS NE2 HE2  sing N N 148 
HIS OXT HXT  sing N N 149 
HOH O   H1   sing N N 150 
HOH O   H2   sing N N 151 
ILE N   CA   sing N N 152 
ILE N   H    sing N N 153 
ILE N   H2   sing N N 154 
ILE CA  C    sing N N 155 
ILE CA  CB   sing N N 156 
ILE CA  HA   sing N N 157 
ILE C   O    doub N N 158 
ILE C   OXT  sing N N 159 
ILE CB  CG1  sing N N 160 
ILE CB  CG2  sing N N 161 
ILE CB  HB   sing N N 162 
ILE CG1 CD1  sing N N 163 
ILE CG1 HG12 sing N N 164 
ILE CG1 HG13 sing N N 165 
ILE CG2 HG21 sing N N 166 
ILE CG2 HG22 sing N N 167 
ILE CG2 HG23 sing N N 168 
ILE CD1 HD11 sing N N 169 
ILE CD1 HD12 sing N N 170 
ILE CD1 HD13 sing N N 171 
ILE OXT HXT  sing N N 172 
LEU N   CA   sing N N 173 
LEU N   H    sing N N 174 
LEU N   H2   sing N N 175 
LEU CA  C    sing N N 176 
LEU CA  CB   sing N N 177 
LEU CA  HA   sing N N 178 
LEU C   O    doub N N 179 
LEU C   OXT  sing N N 180 
LEU CB  CG   sing N N 181 
LEU CB  HB2  sing N N 182 
LEU CB  HB3  sing N N 183 
LEU CG  CD1  sing N N 184 
LEU CG  CD2  sing N N 185 
LEU CG  HG   sing N N 186 
LEU CD1 HD11 sing N N 187 
LEU CD1 HD12 sing N N 188 
LEU CD1 HD13 sing N N 189 
LEU CD2 HD21 sing N N 190 
LEU CD2 HD22 sing N N 191 
LEU CD2 HD23 sing N N 192 
LEU OXT HXT  sing N N 193 
LYS N   CA   sing N N 194 
LYS N   H    sing N N 195 
LYS N   H2   sing N N 196 
LYS CA  C    sing N N 197 
LYS CA  CB   sing N N 198 
LYS CA  HA   sing N N 199 
LYS C   O    doub N N 200 
LYS C   OXT  sing N N 201 
LYS CB  CG   sing N N 202 
LYS CB  HB2  sing N N 203 
LYS CB  HB3  sing N N 204 
LYS CG  CD   sing N N 205 
LYS CG  HG2  sing N N 206 
LYS CG  HG3  sing N N 207 
LYS CD  CE   sing N N 208 
LYS CD  HD2  sing N N 209 
LYS CD  HD3  sing N N 210 
LYS CE  NZ   sing N N 211 
LYS CE  HE2  sing N N 212 
LYS CE  HE3  sing N N 213 
LYS NZ  HZ1  sing N N 214 
LYS NZ  HZ2  sing N N 215 
LYS NZ  HZ3  sing N N 216 
LYS OXT HXT  sing N N 217 
MAN C1  C2   sing N N 218 
MAN C1  O1   sing N N 219 
MAN C1  O5   sing N N 220 
MAN C1  H1   sing N N 221 
MAN C2  C3   sing N N 222 
MAN C2  O2   sing N N 223 
MAN C2  H2   sing N N 224 
MAN C3  C4   sing N N 225 
MAN C3  O3   sing N N 226 
MAN C3  H3   sing N N 227 
MAN C4  C5   sing N N 228 
MAN C4  O4   sing N N 229 
MAN C4  H4   sing N N 230 
MAN C5  C6   sing N N 231 
MAN C5  O5   sing N N 232 
MAN C5  H5   sing N N 233 
MAN C6  O6   sing N N 234 
MAN C6  H61  sing N N 235 
MAN C6  H62  sing N N 236 
MAN O1  HO1  sing N N 237 
MAN O2  HO2  sing N N 238 
MAN O3  HO3  sing N N 239 
MAN O4  HO4  sing N N 240 
MAN O6  HO6  sing N N 241 
MET N   CA   sing N N 242 
MET N   H    sing N N 243 
MET N   H2   sing N N 244 
MET CA  C    sing N N 245 
MET CA  CB   sing N N 246 
MET CA  HA   sing N N 247 
MET C   O    doub N N 248 
MET C   OXT  sing N N 249 
MET CB  CG   sing N N 250 
MET CB  HB2  sing N N 251 
MET CB  HB3  sing N N 252 
MET CG  SD   sing N N 253 
MET CG  HG2  sing N N 254 
MET CG  HG3  sing N N 255 
MET SD  CE   sing N N 256 
MET CE  HE1  sing N N 257 
MET CE  HE2  sing N N 258 
MET CE  HE3  sing N N 259 
MET OXT HXT  sing N N 260 
PHE N   CA   sing N N 261 
PHE N   H    sing N N 262 
PHE N   H2   sing N N 263 
PHE CA  C    sing N N 264 
PHE CA  CB   sing N N 265 
PHE CA  HA   sing N N 266 
PHE C   O    doub N N 267 
PHE C   OXT  sing N N 268 
PHE CB  CG   sing N N 269 
PHE CB  HB2  sing N N 270 
PHE CB  HB3  sing N N 271 
PHE CG  CD1  doub Y N 272 
PHE CG  CD2  sing Y N 273 
PHE CD1 CE1  sing Y N 274 
PHE CD1 HD1  sing N N 275 
PHE CD2 CE2  doub Y N 276 
PHE CD2 HD2  sing N N 277 
PHE CE1 CZ   doub Y N 278 
PHE CE1 HE1  sing N N 279 
PHE CE2 CZ   sing Y N 280 
PHE CE2 HE2  sing N N 281 
PHE CZ  HZ   sing N N 282 
PHE OXT HXT  sing N N 283 
PRO N   CA   sing N N 284 
PRO N   CD   sing N N 285 
PRO N   H    sing N N 286 
PRO CA  C    sing N N 287 
PRO CA  CB   sing N N 288 
PRO CA  HA   sing N N 289 
PRO C   O    doub N N 290 
PRO C   OXT  sing N N 291 
PRO CB  CG   sing N N 292 
PRO CB  HB2  sing N N 293 
PRO CB  HB3  sing N N 294 
PRO CG  CD   sing N N 295 
PRO CG  HG2  sing N N 296 
PRO CG  HG3  sing N N 297 
PRO CD  HD2  sing N N 298 
PRO CD  HD3  sing N N 299 
PRO OXT HXT  sing N N 300 
SER N   CA   sing N N 301 
SER N   H    sing N N 302 
SER N   H2   sing N N 303 
SER CA  C    sing N N 304 
SER CA  CB   sing N N 305 
SER CA  HA   sing N N 306 
SER C   O    doub N N 307 
SER C   OXT  sing N N 308 
SER CB  OG   sing N N 309 
SER CB  HB2  sing N N 310 
SER CB  HB3  sing N N 311 
SER OG  HG   sing N N 312 
SER OXT HXT  sing N N 313 
THR N   CA   sing N N 314 
THR N   H    sing N N 315 
THR N   H2   sing N N 316 
THR CA  C    sing N N 317 
THR CA  CB   sing N N 318 
THR CA  HA   sing N N 319 
THR C   O    doub N N 320 
THR C   OXT  sing N N 321 
THR CB  OG1  sing N N 322 
THR CB  CG2  sing N N 323 
THR CB  HB   sing N N 324 
THR OG1 HG1  sing N N 325 
THR CG2 HG21 sing N N 326 
THR CG2 HG22 sing N N 327 
THR CG2 HG23 sing N N 328 
THR OXT HXT  sing N N 329 
TRP N   CA   sing N N 330 
TRP N   H    sing N N 331 
TRP N   H2   sing N N 332 
TRP CA  C    sing N N 333 
TRP CA  CB   sing N N 334 
TRP CA  HA   sing N N 335 
TRP C   O    doub N N 336 
TRP C   OXT  sing N N 337 
TRP CB  CG   sing N N 338 
TRP CB  HB2  sing N N 339 
TRP CB  HB3  sing N N 340 
TRP CG  CD1  doub Y N 341 
TRP CG  CD2  sing Y N 342 
TRP CD1 NE1  sing Y N 343 
TRP CD1 HD1  sing N N 344 
TRP CD2 CE2  doub Y N 345 
TRP CD2 CE3  sing Y N 346 
TRP NE1 CE2  sing Y N 347 
TRP NE1 HE1  sing N N 348 
TRP CE2 CZ2  sing Y N 349 
TRP CE3 CZ3  doub Y N 350 
TRP CE3 HE3  sing N N 351 
TRP CZ2 CH2  doub Y N 352 
TRP CZ2 HZ2  sing N N 353 
TRP CZ3 CH2  sing Y N 354 
TRP CZ3 HZ3  sing N N 355 
TRP CH2 HH2  sing N N 356 
TRP OXT HXT  sing N N 357 
TYR N   CA   sing N N 358 
TYR N   H    sing N N 359 
TYR N   H2   sing N N 360 
TYR CA  C    sing N N 361 
TYR CA  CB   sing N N 362 
TYR CA  HA   sing N N 363 
TYR C   O    doub N N 364 
TYR C   OXT  sing N N 365 
TYR CB  CG   sing N N 366 
TYR CB  HB2  sing N N 367 
TYR CB  HB3  sing N N 368 
TYR CG  CD1  doub Y N 369 
TYR CG  CD2  sing Y N 370 
TYR CD1 CE1  sing Y N 371 
TYR CD1 HD1  sing N N 372 
TYR CD2 CE2  doub Y N 373 
TYR CD2 HD2  sing N N 374 
TYR CE1 CZ   doub Y N 375 
TYR CE1 HE1  sing N N 376 
TYR CE2 CZ   sing Y N 377 
TYR CE2 HE2  sing N N 378 
TYR CZ  OH   sing N N 379 
TYR OH  HH   sing N N 380 
TYR OXT HXT  sing N N 381 
VAL N   CA   sing N N 382 
VAL N   H    sing N N 383 
VAL N   H2   sing N N 384 
VAL CA  C    sing N N 385 
VAL CA  CB   sing N N 386 
VAL CA  HA   sing N N 387 
VAL C   O    doub N N 388 
VAL C   OXT  sing N N 389 
VAL CB  CG1  sing N N 390 
VAL CB  CG2  sing N N 391 
VAL CB  HB   sing N N 392 
VAL CG1 HG11 sing N N 393 
VAL CG1 HG12 sing N N 394 
VAL CG1 HG13 sing N N 395 
VAL CG2 HG21 sing N N 396 
VAL CG2 HG22 sing N N 397 
VAL CG2 HG23 sing N N 398 
VAL OXT HXT  sing N N 399 
# 
loop_
_pdbx_audit_support.funding_organization 
_pdbx_audit_support.country 
_pdbx_audit_support.grant_number 
_pdbx_audit_support.ordinal 
'National Institutes of Health/National Institute of Diabetes and Digestive and Kidney Disease (NIH/NIDDK)' 'United States' 
DK042667 1 
'Mizutani Foundation for Glycoscience'                                                                      'United States' 
10-0056  2 
# 
_atom_sites.entry_id                    4XQM 
_atom_sites.fract_transf_matrix[1][1]   0.01701341 
_atom_sites.fract_transf_matrix[1][2]   0.00251846 
_atom_sites.fract_transf_matrix[1][3]   0.00243270 
_atom_sites.fract_transf_matrix[2][1]   0.00235390 
_atom_sites.fract_transf_matrix[2][2]   0.00070794 
_atom_sites.fract_transf_matrix[2][3]   -0.01719520 
_atom_sites.fract_transf_matrix[3][1]   -0.00255883 
_atom_sites.fract_transf_matrix[3][2]   0.01695042 
_atom_sites.fract_transf_matrix[3][3]   0.00034758 
_atom_sites.fract_transf_vector[1]      0.371539 
_atom_sites.fract_transf_vector[2]      0.161144 
_atom_sites.fract_transf_vector[3]      0.700566 
# 
loop_
_atom_type.symbol 
C 
N 
O 
S 
# 
loop_
_atom_site.group_PDB 
_atom_site.id 
_atom_site.type_symbol 
_atom_site.label_atom_id 
_atom_site.label_alt_id 
_atom_site.label_comp_id 
_atom_site.label_asym_id 
_atom_site.label_entity_id 
_atom_site.label_seq_id 
_atom_site.pdbx_PDB_ins_code 
_atom_site.Cartn_x 
_atom_site.Cartn_y 
_atom_site.Cartn_z 
_atom_site.occupancy 
_atom_site.B_iso_or_equiv 
_atom_site.pdbx_formal_charge 
_atom_site.auth_seq_id 
_atom_site.auth_comp_id 
_atom_site.auth_asym_id 
_atom_site.auth_atom_id 
_atom_site.pdbx_PDB_model_num 
ATOM   1   N N   . TYR A 1 1  ? -7.605  12.474  9.824   1.00 30.98 ? 357 TYR A N   1 
ATOM   2   C CA  . TYR A 1 1  ? -7.221  11.625  8.734   1.00 21.64 ? 357 TYR A CA  1 
ATOM   3   C C   . TYR A 1 1  ? -7.898  10.495  9.401   1.00 16.39 ? 357 TYR A C   1 
ATOM   4   O O   . TYR A 1 1  ? -7.923  9.397   8.913   1.00 16.27 ? 357 TYR A O   1 
ATOM   5   C CB  . TYR A 1 1  ? -5.708  11.551  8.741   1.00 18.17 ? 357 TYR A CB  1 
ATOM   6   C CG  . TYR A 1 1  ? -5.113  11.773  10.113  1.00 18.21 ? 357 TYR A CG  1 
ATOM   7   C CD1 . TYR A 1 1  ? -4.881  13.054  10.623  1.00 17.85 ? 357 TYR A CD1 1 
ATOM   8   C CD2 . TYR A 1 1  ? -4.749  10.693  10.887  1.00 21.30 ? 357 TYR A CD2 1 
ATOM   9   C CE1 . TYR A 1 1  ? -4.322  13.230  11.885  1.00 23.14 ? 357 TYR A CE1 1 
ATOM   10  C CE2 . TYR A 1 1  ? -4.189  10.859  12.126  1.00 24.14 ? 357 TYR A CE2 1 
ATOM   11  C CZ  . TYR A 1 1  ? -3.977  12.118  12.624  1.00 23.46 ? 357 TYR A CZ  1 
ATOM   12  O OH  . TYR A 1 1  ? -3.408  12.222  13.874  1.00 25.26 ? 357 TYR A OH  1 
ATOM   13  N N   . ARG A 1 2  ? -8.524  10.834  10.535  1.00 17.57 ? 358 ARG A N   1 
ATOM   14  C CA  . ARG A 1 2  ? -9.052  9.823   11.432  1.00 15.22 ? 358 ARG A CA  1 
ATOM   15  C C   . ARG A 1 2  ? -10.337 9.171   10.959  1.00 16.63 ? 358 ARG A C   1 
ATOM   16  O O   . ARG A 1 2  ? -10.752 8.158   11.523  1.00 18.60 ? 358 ARG A O   1 
ATOM   17  C CB  . ARG A 1 2  ? -9.191  10.369  12.854  1.00 14.35 ? 358 ARG A CB  1 
ATOM   18  C CG  . ARG A 1 2  ? -7.837  10.644  13.494  1.00 16.90 ? 358 ARG A CG  1 
ATOM   19  C CD  . ARG A 1 2  ? -7.975  11.028  14.950  1.00 15.67 ? 358 ARG A CD  1 
ATOM   20  N NE  . ARG A 1 2  ? -6.692  11.417  15.525  1.00 17.62 ? 358 ARG A NE  1 
ATOM   21  C CZ  . ARG A 1 2  ? -5.792  10.558  15.992  1.00 20.58 ? 358 ARG A CZ  1 
ATOM   22  N NH1 . ARG A 1 2  ? -6.034  9.246   15.940  1.00 21.39 ? 358 ARG A NH1 1 
ATOM   23  N NH2 . ARG A 1 2  ? -4.652  11.004  16.506  1.00 20.93 ? 358 ARG A NH2 1 
ATOM   24  N N   . ALA A 1 3  ? -10.958 9.725   9.919   1.00 16.39 ? 359 ALA A N   1 
ATOM   25  C CA  . ALA A 1 3  ? -12.090 9.045   9.307   1.00 19.58 ? 359 ALA A CA  1 
ATOM   26  C C   . ALA A 1 3  ? -11.554 7.928   8.427   1.00 19.50 ? 359 ALA A C   1 
ATOM   27  O O   . ALA A 1 3  ? -12.308 7.063   7.982   1.00 21.70 ? 359 ALA A O   1 
ATOM   28  C CB  . ALA A 1 3  ? -12.929 9.994   8.479   1.00 20.78 ? 359 ALA A CB  1 
ATOM   29  N N   . ILE A 1 4  ? -10.255 7.948   8.142   1.00 17.20 ? 360 ILE A N   1 
ATOM   30  C CA  . ILE A 1 4  ? -9.711  6.862   7.342   1.00 19.94 ? 360 ILE A CA  1 
ATOM   31  C C   . ILE A 1 4  ? -8.431  6.214   7.850   1.00 14.55 ? 360 ILE A C   1 
ATOM   32  O O   . ILE A 1 4  ? -8.089  5.119   7.398   1.00 14.97 ? 360 ILE A O   1 
ATOM   33  C CB  . ILE A 1 4  ? -9.520  7.238   5.884   1.00 20.66 ? 360 ILE A CB  1 
ATOM   34  C CG1 . ILE A 1 4  ? -8.329  8.163   5.734   1.00 16.89 ? 360 ILE A CG1 1 
ATOM   35  C CG2 . ILE A 1 4  ? -10.794 7.851   5.282   1.00 25.04 ? 360 ILE A CG2 1 
ATOM   36  C CD1 . ILE A 1 4  ? -7.690  7.996   4.395   1.00 18.20 ? 360 ILE A CD1 1 
ATOM   37  N N   . LYS A 1 5  ? -7.714  6.858   8.764   1.00 13.99 ? 361 LYS A N   1 
ATOM   38  C CA  . LYS A 1 5  ? -6.551  6.187   9.362   1.00 12.92 ? 361 LYS A CA  1 
ATOM   39  C C   . LYS A 1 5  ? -6.964  4.863   10.002  1.00 14.83 ? 361 LYS A C   1 
ATOM   40  O O   . LYS A 1 5  ? -7.905  4.801   10.813  1.00 15.41 ? 361 LYS A O   1 
ATOM   41  C CB  . LYS A 1 5  ? -5.861  7.062   10.409  1.00 15.22 ? 361 LYS A CB  1 
ATOM   42  C CG  . LYS A 1 5  ? -4.652  6.379   11.079  1.00 15.30 ? 361 LYS A CG  1 
ATOM   43  C CD  . LYS A 1 5  ? -3.844  7.369   11.914  1.00 18.47 ? 361 LYS A CD  1 
ATOM   44  C CE  . LYS A 1 5  ? -2.637  6.702   12.572  1.00 19.87 ? 361 LYS A CE  1 
ATOM   45  N NZ  . LYS A 1 5  ? -3.041  5.684   13.584  1.00 19.25 ? 361 LYS A NZ  1 
ATOM   46  N N   . GLY A 1 6  ? -6.257  3.797   9.636   1.00 13.27 ? 362 GLY A N   1 
ATOM   47  C CA  . GLY A 1 6  ? -6.549  2.481   10.173  1.00 15.84 ? 362 GLY A CA  1 
ATOM   48  C C   . GLY A 1 6  ? -7.469  1.655   9.297   1.00 13.76 ? 362 GLY A C   1 
ATOM   49  O O   . GLY A 1 6  ? -7.678  0.468   9.551   1.00 14.24 ? 362 GLY A O   1 
ATOM   50  N N   . MET A 1 7  ? -8.035  2.272   8.264   1.00 13.93 ? 363 MET A N   1 
ATOM   51  C CA  . MET A 1 7  ? -8.873  1.537   7.323   1.00 14.54 ? 363 MET A CA  1 
ATOM   52  C C   . MET A 1 7  ? -8.023  0.514   6.563   1.00 13.03 ? 363 MET A C   1 
ATOM   53  O O   . MET A 1 7  ? -6.982  0.857   5.985   1.00 10.97 ? 363 MET A O   1 
ATOM   54  C CB  . MET A 1 7  ? -9.527  2.511   6.354   1.00 18.43 ? 363 MET A CB  1 
ATOM   55  C CG  . MET A 1 7  ? -10.485 1.889   5.364   1.00 18.70 ? 363 MET A CG  1 
ATOM   56  S SD  . MET A 1 7  ? -11.278 3.179   4.373   1.00 19.89 ? 363 MET A SD  1 
ATOM   57  C CE  . MET A 1 7  ? -12.067 4.169   5.631   1.00 23.85 ? 363 MET A CE  1 
ATOM   58  N N   . GLU A 1 8  ? -8.458  -0.744  6.591   1.00 13.49 ? 364 GLU A N   1 
ATOM   59  C CA  . GLU A 1 8  ? -7.681  -1.858  6.031   1.00 12.21 ? 364 GLU A CA  1 
ATOM   60  C C   . GLU A 1 8  ? -8.326  -2.468  4.785   1.00 14.40 ? 364 GLU A C   1 
ATOM   61  O O   . GLU A 1 8  ? -9.531  -2.740  4.767   1.00 14.78 ? 364 GLU A O   1 
ATOM   62  C CB  . GLU A 1 8  ? -7.513  -2.949  7.095   1.00 15.17 ? 364 GLU A CB  1 
ATOM   63  C CG  . GLU A 1 8  ? -6.973  -4.279  6.581   1.00 24.30 ? 364 GLU A CG  1 
ATOM   64  C CD  . GLU A 1 8  ? -6.986  -5.356  7.650   1.00 29.01 ? 364 GLU A CD  1 
ATOM   65  O OE1 . GLU A 1 8  ? -6.335  -5.162  8.699   1.00 31.16 ? 364 GLU A OE1 1 
ATOM   66  O OE2 . GLU A 1 8  ? -7.667  -6.388  7.445   1.00 31.53 ? 364 GLU A OE2 1 
ATOM   67  N N   . THR A 1 9  ? -7.513  -2.702  3.756   1.00 11.06 ? 365 THR A N   1 
ATOM   68  C CA  . THR A 1 9  ? -7.958  -3.434  2.569   1.00 13.05 ? 365 THR A CA  1 
ATOM   69  C C   . THR A 1 9  ? -6.979  -4.586  2.328   1.00 13.62 ? 365 THR A C   1 
ATOM   70  O O   . THR A 1 9  ? -5.762  -4.393  2.411   1.00 13.28 ? 365 THR A O   1 
ATOM   71  C CB  . THR A 1 9  ? -7.978  -2.524  1.331   1.00 11.16 ? 365 THR A CB  1 
ATOM   72  O OG1 . THR A 1 9  ? -8.783  -1.365  1.602   1.00 11.98 ? 365 THR A OG1 1 
ATOM   73  C CG2 . THR A 1 9  ? -8.558  -3.254  0.124   1.00 12.90 ? 365 THR A CG2 1 
ATOM   74  N N   . LYS A 1 10 ? -7.506  -5.777  2.049   1.00 12.92 ? 366 LYS A N   1 
ATOM   75  C CA  . LYS A 1 10 ? -6.670  -6.950  1.814   1.00 13.42 ? 366 LYS A CA  1 
ATOM   76  C C   . LYS A 1 10 ? -7.006  -7.587  0.472   1.00 12.93 ? 366 LYS A C   1 
ATOM   77  O O   . LYS A 1 10 ? -8.163  -7.576  0.023   1.00 13.98 ? 366 LYS A O   1 
ATOM   78  C CB  . LYS A 1 10 ? -6.868  -7.993  2.923   1.00 16.33 ? 366 LYS A CB  1 
ATOM   79  C CG  . LYS A 1 10 ? -6.375  -7.582  4.306   1.00 21.88 ? 366 LYS A CG  1 
ATOM   80  C CD  . LYS A 1 10 ? -6.595  -8.733  5.301   1.00 25.83 ? 366 LYS A CD  1 
ATOM   81  C CE  . LYS A 1 10 ? -7.953  -9.394  5.061   1.00 30.06 ? 366 LYS A CE  1 
ATOM   82  N NZ  . LYS A 1 10 ? -8.264  -10.491 6.023   1.00 40.76 ? 366 LYS A NZ  1 
ATOM   83  N N   . ARG A 1 11 ? -5.991  -8.146  -0.171  1.00 10.69 ? 367 ARG A N   1 
ATOM   84  C CA  . ARG A 1 11 ? -6.212  -8.965  -1.364  1.00 10.62 ? 367 ARG A CA  1 
ATOM   85  C C   . ARG A 1 11 ? -5.088  -9.966  -1.515  1.00 10.02 ? 367 ARG A C   1 
ATOM   86  O O   . ARG A 1 11 ? -3.902  -9.629  -1.335  1.00 10.22 ? 367 ARG A O   1 
ATOM   87  C CB  . ARG A 1 11 ? -6.306  -8.103  -2.631  1.00 9.66  ? 367 ARG A CB  1 
ATOM   88  C CG  . ARG A 1 11 ? -6.583  -8.931  -3.889  1.00 9.99  ? 367 ARG A CG  1 
ATOM   89  C CD  . ARG A 1 11 ? -6.782  -8.075  -5.116  1.00 12.41 ? 367 ARG A CD  1 
ATOM   90  N NE  . ARG A 1 11 ? -6.809  -8.899  -6.333  1.00 13.52 ? 367 ARG A NE  1 
ATOM   91  C CZ  . ARG A 1 11 ? -6.634  -8.430  -7.563  1.00 15.18 ? 367 ARG A CZ  1 
ATOM   92  N NH1 . ARG A 1 11 ? -6.427  -7.135  -7.748  1.00 12.03 ? 367 ARG A NH1 1 
ATOM   93  N NH2 . ARG A 1 11 ? -6.650  -9.265  -8.604  1.00 12.97 ? 367 ARG A NH2 1 
ATOM   94  N N   . GLU A 1 12 ? -5.453  -11.198 -1.853  1.00 12.48 ? 368 GLU A N   1 
ATOM   95  C CA  . GLU A 1 12 ? -4.443  -12.183 -2.209  1.00 12.60 ? 368 GLU A CA  1 
ATOM   96  C C   . GLU A 1 12 ? -4.054  -12.030 -3.673  1.00 12.79 ? 368 GLU A C   1 
ATOM   97  O O   . GLU A 1 12 ? -4.910  -12.077 -4.555  1.00 13.15 ? 368 GLU A O   1 
ATOM   98  C CB  . GLU A 1 12 ? -4.918  -13.608 -1.931  1.00 15.64 ? 368 GLU A CB  1 
ATOM   99  C CG  . GLU A 1 12 ? -3.846  -14.652 -2.240  1.00 17.37 ? 368 GLU A CG  1 
ATOM   100 C CD  . GLU A 1 12 ? -3.939  -15.200 -3.665  1.00 24.22 ? 368 GLU A CD  1 
ATOM   101 O OE1 . GLU A 1 12 ? -5.033  -15.682 -4.039  1.00 24.91 ? 368 GLU A OE1 1 
ATOM   102 O OE2 . GLU A 1 12 ? -2.926  -15.145 -4.412  1.00 22.18 ? 368 GLU A OE2 1 
ATOM   103 N N   . ILE A 1 13 ? -2.759  -11.820 -3.907  1.00 11.40 ? 369 ILE A N   1 
ATOM   104 C CA  . ILE A 1 13 ? -2.197  -11.750 -5.249  1.00 11.82 ? 369 ILE A CA  1 
ATOM   105 C C   . ILE A 1 13 ? -0.935  -12.618 -5.325  1.00 12.84 ? 369 ILE A C   1 
ATOM   106 O O   . ILE A 1 13 ? 0.005   -12.423 -4.551  1.00 11.68 ? 369 ILE A O   1 
ATOM   107 C CB  . ILE A 1 13 ? -1.830  -10.294 -5.630  1.00 11.67 ? 369 ILE A CB  1 
ATOM   108 C CG1 . ILE A 1 13 ? -3.094  -9.421  -5.659  1.00 14.00 ? 369 ILE A CG1 1 
ATOM   109 C CG2 . ILE A 1 13 ? -1.106  -10.247 -6.980  1.00 13.10 ? 369 ILE A CG2 1 
ATOM   110 C CD1 . ILE A 1 13 ? -2.790  -7.904  -5.746  1.00 13.01 ? 369 ILE A CD1 1 
ATOM   111 N N   . GLY A 1 14 ? -0.922  -13.569 -6.257  1.00 12.37 ? 370 GLY A N   1 
ATOM   112 C CA  . GLY A 1 14 ? 0.250   -14.405 -6.470  1.00 15.22 ? 370 GLY A CA  1 
ATOM   113 C C   . GLY A 1 14 ? 0.679   -15.205 -5.247  1.00 13.65 ? 370 GLY A C   1 
ATOM   114 O O   . GLY A 1 14 ? 1.865   -15.531 -5.110  1.00 14.52 ? 370 GLY A O   1 
ATOM   115 N N   . GLY A 1 15 ? -0.271  -15.516 -4.365  1.00 14.10 ? 371 GLY A N   1 
ATOM   116 C CA  . GLY A 1 15 ? 0.037   -16.285 -3.167  1.00 14.26 ? 371 GLY A CA  1 
ATOM   117 C C   . GLY A 1 15 ? 0.248   -15.414 -1.943  1.00 13.56 ? 371 GLY A C   1 
ATOM   118 O O   . GLY A 1 15 ? 0.134   -15.904 -0.809  1.00 14.86 ? 371 GLY A O   1 
ATOM   119 N N   . TYR A 1 16 ? 0.541   -14.132 -2.159  1.00 13.63 ? 372 TYR A N   1 
ATOM   120 C CA  . TYR A 1 16 ? 0.746   -13.201 -1.051  1.00 11.52 ? 372 TYR A CA  1 
ATOM   121 C C   . TYR A 1 16 ? -0.556  -12.568 -0.599  1.00 14.47 ? 372 TYR A C   1 
ATOM   122 O O   . TYR A 1 16 ? -1.397  -12.192 -1.420  1.00 14.85 ? 372 TYR A O   1 
ATOM   123 C CB  . TYR A 1 16 ? 1.640   -12.032 -1.468  1.00 12.59 ? 372 TYR A CB  1 
ATOM   124 C CG  . TYR A 1 16 ? 2.984   -12.372 -2.064  1.00 13.53 ? 372 TYR A CG  1 
ATOM   125 C CD1 . TYR A 1 16 ? 4.032   -12.825 -1.272  1.00 12.82 ? 372 TYR A CD1 1 
ATOM   126 C CD2 . TYR A 1 16 ? 3.224   -12.182 -3.420  1.00 12.20 ? 372 TYR A CD2 1 
ATOM   127 C CE1 . TYR A 1 16 ? 5.277   -13.097 -1.825  1.00 12.45 ? 372 TYR A CE1 1 
ATOM   128 C CE2 . TYR A 1 16 ? 4.459   -12.452 -3.978  1.00 12.88 ? 372 TYR A CE2 1 
ATOM   129 C CZ  . TYR A 1 16 ? 5.479   -12.910 -3.176  1.00 15.36 ? 372 TYR A CZ  1 
ATOM   130 O OH  . TYR A 1 16 ? 6.704   -13.183 -3.738  1.00 15.31 ? 372 TYR A OH  1 
ATOM   131 N N   . THR A 1 17 ? -0.710  -12.412 0.708   1.00 13.11 ? 373 THR A N   1 
ATOM   132 C CA  . THR A 1 17 ? -1.796  -11.588 1.219   1.00 11.82 ? 373 THR A CA  1 
ATOM   133 C C   . THR A 1 17 ? -1.285  -10.160 1.390   1.00 12.84 ? 373 THR A C   1 
ATOM   134 O O   . THR A 1 17 ? -0.491  -9.868  2.291   1.00 12.57 ? 373 THR A O   1 
ATOM   135 C CB  . THR A 1 17 ? -2.351  -12.103 2.559   1.00 14.78 ? 373 THR A CB  1 
ATOM   136 O OG1 . THR A 1 17 ? -2.890  -13.422 2.389   1.00 17.18 ? 373 THR A OG1 1 
ATOM   137 C CG2 . THR A 1 17 ? -3.455  -11.188 3.025   1.00 12.61 ? 373 THR A CG2 1 
ATOM   138 N N   . TYR A 1 18 ? -1.732  -9.265  0.514   1.00 11.78 ? 374 TYR A N   1 
ATOM   139 C CA  . TYR A 1 18 ? -1.370  -7.859  0.640   1.00 11.77 ? 374 TYR A CA  1 
ATOM   140 C C   . TYR A 1 18 ? -2.376  -7.164  1.534   1.00 12.25 ? 374 TYR A C   1 
ATOM   141 O O   . TYR A 1 18 ? -3.582  -7.390  1.416   1.00 11.76 ? 374 TYR A O   1 
ATOM   142 C CB  . TYR A 1 18 ? -1.324  -7.190  -0.736  1.00 10.23 ? 374 TYR A CB  1 
ATOM   143 C CG  . TYR A 1 18 ? -0.098  -7.554  -1.545  1.00 9.33  ? 374 TYR A CG  1 
ATOM   144 C CD1 . TYR A 1 18 ? 1.122   -6.916  -1.327  1.00 9.44  ? 374 TYR A CD1 1 
ATOM   145 C CD2 . TYR A 1 18 ? -0.156  -8.538  -2.523  1.00 11.52 ? 374 TYR A CD2 1 
ATOM   146 C CE1 . TYR A 1 18 ? 2.257   -7.258  -2.065  1.00 11.02 ? 374 TYR A CE1 1 
ATOM   147 C CE2 . TYR A 1 18 ? 0.971   -8.883  -3.275  1.00 10.38 ? 374 TYR A CE2 1 
ATOM   148 C CZ  . TYR A 1 18 ? 2.167   -8.235  -3.049  1.00 10.07 ? 374 TYR A CZ  1 
ATOM   149 O OH  . TYR A 1 18 ? 3.281   -8.572  -3.783  1.00 13.27 ? 374 TYR A OH  1 
ATOM   150 N N   . LYS A 1 19 ? -1.874  -6.326  2.432   1.00 11.82 ? 375 LYS A N   1 
ATOM   151 C CA  . LYS A 1 19 ? -2.717  -5.609  3.368   1.00 13.88 ? 375 LYS A CA  1 
ATOM   152 C C   . LYS A 1 19 ? -2.271  -4.164  3.410   1.00 13.76 ? 375 LYS A C   1 
ATOM   153 O O   . LYS A 1 19 ? -1.121  -3.871  3.765   1.00 15.85 ? 375 LYS A O   1 
ATOM   154 C CB  . LYS A 1 19 ? -2.609  -6.236  4.751   1.00 14.37 ? 375 LYS A CB  1 
ATOM   155 C CG  . LYS A 1 19 ? -3.382  -5.535  5.841   1.00 22.13 ? 375 LYS A CG  1 
ATOM   156 C CD  . LYS A 1 19 ? -3.196  -6.316  7.144   1.00 29.42 ? 375 LYS A CD  1 
ATOM   157 C CE  . LYS A 1 19 ? -3.344  -7.829  6.910   1.00 30.26 ? 375 LYS A CE  1 
ATOM   158 N NZ  . LYS A 1 19 ? -2.965  -8.651  8.102   1.00 41.86 ? 375 LYS A NZ  1 
ATOM   159 N N   . VAL A 1 20 ? -3.168  -3.268  3.006   1.00 10.07 ? 376 VAL A N   1 
ATOM   160 C CA  . VAL A 1 20 ? -2.906  -1.837  3.074   1.00 11.63 ? 376 VAL A CA  1 
ATOM   161 C C   . VAL A 1 20 ? -3.745  -1.254  4.195   1.00 11.24 ? 376 VAL A C   1 
ATOM   162 O O   . VAL A 1 20 ? -4.965  -1.432  4.214   1.00 11.91 ? 376 VAL A O   1 
ATOM   163 C CB  . VAL A 1 20 ? -3.278  -1.107  1.761   1.00 9.12  ? 376 VAL A CB  1 
ATOM   164 C CG1 . VAL A 1 20 ? -3.106  0.407   1.918   1.00 10.63 ? 376 VAL A CG1 1 
ATOM   165 C CG2 . VAL A 1 20 ? -2.420  -1.630  0.601   1.00 10.99 ? 376 VAL A CG2 1 
ATOM   166 N N   . VAL A 1 21 ? -3.082  -0.590  5.136   1.00 12.63 ? 377 VAL A N   1 
ATOM   167 C CA  . VAL A 1 21 ? -3.782  0.150   6.177   1.00 10.57 ? 377 VAL A CA  1 
ATOM   168 C C   . VAL A 1 21 ? -3.486  1.640   5.995   1.00 11.49 ? 377 VAL A C   1 
ATOM   169 O O   . VAL A 1 21 ? -2.337  2.082   6.133   1.00 11.20 ? 377 VAL A O   1 
ATOM   170 C CB  . VAL A 1 21 ? -3.369  -0.312  7.573   1.00 12.22 ? 377 VAL A CB  1 
ATOM   171 C CG1 . VAL A 1 21 ? -4.267  0.349   8.607   1.00 13.69 ? 377 VAL A CG1 1 
ATOM   172 C CG2 . VAL A 1 21 ? -3.500  -1.808  7.679   1.00 13.59 ? 377 VAL A CG2 1 
ATOM   173 N N   . PHE A 1 22 ? -4.516  2.419   5.675   1.00 10.82 ? 378 PHE A N   1 
ATOM   174 C CA  . PHE A 1 22 ? -4.299  3.840   5.370   1.00 11.02 ? 378 PHE A CA  1 
ATOM   175 C C   . PHE A 1 22 ? -3.623  4.574   6.534   1.00 12.46 ? 378 PHE A C   1 
ATOM   176 O O   . PHE A 1 22 ? -4.058  4.464   7.684   1.00 12.76 ? 378 PHE A O   1 
ATOM   177 C CB  . PHE A 1 22 ? -5.611  4.540   4.988   1.00 10.44 ? 378 PHE A CB  1 
ATOM   178 C CG  . PHE A 1 22 ? -6.201  4.086   3.669   1.00 11.31 ? 378 PHE A CG  1 
ATOM   179 C CD1 . PHE A 1 22 ? -5.391  3.638   2.627   1.00 11.89 ? 378 PHE A CD1 1 
ATOM   180 C CD2 . PHE A 1 22 ? -7.581  4.133   3.471   1.00 12.17 ? 378 PHE A CD2 1 
ATOM   181 C CE1 . PHE A 1 22 ? -5.959  3.232   1.403   1.00 10.66 ? 378 PHE A CE1 1 
ATOM   182 C CE2 . PHE A 1 22 ? -8.147  3.730   2.268   1.00 11.36 ? 378 PHE A CE2 1 
ATOM   183 C CZ  . PHE A 1 22 ? -7.344  3.280   1.236   1.00 11.46 ? 378 PHE A CZ  1 
ATOM   184 N N   . TYR A 1 23 ? -2.539  5.289   6.219   1.00 9.90  ? 379 TYR A N   1 
ATOM   185 C CA  . TYR A 1 23 ? -1.811  6.126   7.177   1.00 11.61 ? 379 TYR A CA  1 
ATOM   186 C C   . TYR A 1 23 ? -1.128  5.340   8.289   1.00 13.70 ? 379 TYR A C   1 
ATOM   187 O O   . TYR A 1 23 ? -0.691  5.915   9.290   1.00 16.21 ? 379 TYR A O   1 
ATOM   188 C CB  . TYR A 1 23 ? -2.726  7.205   7.772   1.00 12.24 ? 379 TYR A CB  1 
ATOM   189 C CG  . TYR A 1 23 ? -3.261  8.184   6.754   1.00 12.42 ? 379 TYR A CG  1 
ATOM   190 C CD1 . TYR A 1 23 ? -2.457  8.665   5.727   1.00 13.29 ? 379 TYR A CD1 1 
ATOM   191 C CD2 . TYR A 1 23 ? -4.579  8.612   6.803   1.00 16.25 ? 379 TYR A CD2 1 
ATOM   192 C CE1 . TYR A 1 23 ? -2.956  9.570   4.789   1.00 15.00 ? 379 TYR A CE1 1 
ATOM   193 C CE2 . TYR A 1 23 ? -5.077  9.509   5.886   1.00 13.99 ? 379 TYR A CE2 1 
ATOM   194 C CZ  . TYR A 1 23 ? -4.275  9.985   4.882   1.00 13.23 ? 379 TYR A CZ  1 
ATOM   195 O OH  . TYR A 1 23 ? -4.793  10.873  3.965   1.00 15.99 ? 379 TYR A OH  1 
ATOM   196 N N   . GLU A 1 24 ? -1.011  4.030   8.104   1.00 12.90 ? 380 GLU A N   1 
ATOM   197 C CA  . GLU A 1 24 ? -0.282  3.204   9.056   1.00 12.85 ? 380 GLU A CA  1 
ATOM   198 C C   . GLU A 1 24 ? 0.810   2.404   8.340   1.00 14.09 ? 380 GLU A C   1 
ATOM   199 O O   . GLU A 1 24 ? 1.965   2.842   8.285   1.00 16.43 ? 380 GLU A O   1 
ATOM   200 C CB  . GLU A 1 24 ? -1.252  2.334   9.877   1.00 13.41 ? 380 GLU A CB  1 
ATOM   201 C CG  . GLU A 1 24 ? -2.126  3.224   10.783  1.00 13.38 ? 380 GLU A CG  1 
ATOM   202 C CD  . GLU A 1 24 ? -3.097  2.471   11.677  1.00 15.44 ? 380 GLU A CD  1 
ATOM   203 O OE1 . GLU A 1 24 ? -3.115  1.217   11.662  1.00 15.19 ? 380 GLU A OE1 1 
ATOM   204 O OE2 . GLU A 1 24 ? -3.859  3.150   12.417  1.00 14.75 ? 380 GLU A OE2 1 
ATOM   205 N N   . ASN A 1 25 ? 0.460   1.257   7.779   1.00 12.29 ? 381 ASN A N   1 
ATOM   206 C CA  . ASN A 1 25 ? 1.478   0.427   7.138   1.00 15.40 ? 381 ASN A CA  1 
ATOM   207 C C   . ASN A 1 25 ? 0.936   -0.447  6.018   1.00 15.37 ? 381 ASN A C   1 
ATOM   208 O O   . ASN A 1 25 ? -0.278  -0.582  5.856   1.00 12.99 ? 381 ASN A O   1 
ATOM   209 C CB  . ASN A 1 25 ? 2.194   -0.435  8.185   1.00 17.37 ? 381 ASN A CB  1 
ATOM   210 C CG  . ASN A 1 25 ? 1.261   -0.914  9.268   1.00 19.34 ? 381 ASN A CG  1 
ATOM   211 O OD1 . ASN A 1 25 ? 0.101   -1.239  9.006   1.00 24.12 ? 381 ASN A OD1 1 
ATOM   212 N ND2 . ASN A 1 25 ? 1.754   -0.948  10.503  1.00 18.49 ? 381 ASN A ND2 1 
ATOM   213 N N   . VAL A 1 26 ? 1.856   -1.027  5.247   1.00 10.88 ? 382 VAL A N   1 
ATOM   214 C CA  . VAL A 1 26 ? 1.512   -1.991  4.207   1.00 10.34 ? 382 VAL A CA  1 
ATOM   215 C C   . VAL A 1 26 ? 2.292   -3.270  4.448   1.00 12.31 ? 382 VAL A C   1 
ATOM   216 O O   . VAL A 1 26 ? 3.487   -3.209  4.748   1.00 11.65 ? 382 VAL A O   1 
ATOM   217 C CB  . VAL A 1 26 ? 1.875   -1.461  2.811   1.00 10.95 ? 382 VAL A CB  1 
ATOM   218 C CG1 . VAL A 1 26 ? 1.542   -2.493  1.754   1.00 13.52 ? 382 VAL A CG1 1 
ATOM   219 C CG2 . VAL A 1 26 ? 1.126   -0.155  2.535   1.00 12.06 ? 382 VAL A CG2 1 
ATOM   220 N N   . PHE A 1 27 ? 1.620   -4.415  4.319   1.00 11.71 ? 383 PHE A N   1 
ATOM   221 C CA  . PHE A 1 27 ? 2.268   -5.727  4.469   1.00 13.67 ? 383 PHE A CA  1 
ATOM   222 C C   . PHE A 1 27 ? 2.064   -6.649  3.271   1.00 15.83 ? 383 PHE A C   1 
ATOM   223 O O   . PHE A 1 27 ? 1.070   -6.539  2.526   1.00 11.98 ? 383 PHE A O   1 
ATOM   224 C CB  . PHE A 1 27 ? 1.761   -6.468  5.709   1.00 13.02 ? 383 PHE A CB  1 
ATOM   225 C CG  . PHE A 1 27 ? 2.131   -5.814  7.005   1.00 13.56 ? 383 PHE A CG  1 
ATOM   226 C CD1 . PHE A 1 27 ? 1.307   -4.845  7.555   1.00 19.57 ? 383 PHE A CD1 1 
ATOM   227 C CD2 . PHE A 1 27 ? 3.274   -6.197  7.687   1.00 19.98 ? 383 PHE A CD2 1 
ATOM   228 C CE1 . PHE A 1 27 ? 1.632   -4.238  8.758   1.00 24.98 ? 383 PHE A CE1 1 
ATOM   229 C CE2 . PHE A 1 27 ? 3.609   -5.589  8.894   1.00 21.54 ? 383 PHE A CE2 1 
ATOM   230 C CZ  . PHE A 1 27 ? 2.786   -4.611  9.421   1.00 19.30 ? 383 PHE A CZ  1 
ATOM   231 N N   . GLN A 1 28 ? 3.009   -7.572  3.112   1.00 10.68 ? 384 GLN A N   1 
ATOM   232 C CA  . GLN A 1 28 ? 2.919   -8.660  2.147   1.00 11.21 ? 384 GLN A CA  1 
ATOM   233 C C   . GLN A 1 28 ? 3.135   -9.915  2.978   1.00 11.93 ? 384 GLN A C   1 
ATOM   234 O O   . GLN A 1 28 ? 4.264   -10.157 3.431   1.00 11.86 ? 384 GLN A O   1 
ATOM   235 C CB  . GLN A 1 28 ? 4.034   -8.525  1.110   1.00 10.68 ? 384 GLN A CB  1 
ATOM   236 C CG  . GLN A 1 28 ? 4.099   -9.655  0.077   1.00 11.95 ? 384 GLN A CG  1 
ATOM   237 C CD  . GLN A 1 28 ? 5.440   -9.705  -0.603  1.00 14.13 ? 384 GLN A CD  1 
ATOM   238 O OE1 . GLN A 1 28 ? 6.459   -9.956  0.046   1.00 14.59 ? 384 GLN A OE1 1 
ATOM   239 N NE2 . GLN A 1 28 ? 5.457   -9.465  -1.915  1.00 10.70 ? 384 GLN A NE2 1 
ATOM   240 N N   . ASP A 1 29 ? 2.070   -10.695 3.188   1.00 10.93 ? 385 ASP A N   1 
ATOM   241 C CA  . ASP A 1 29 ? 2.067   -11.730 4.229   1.00 14.05 ? 385 ASP A CA  1 
ATOM   242 C C   . ASP A 1 29 ? 2.559   -11.079 5.527   1.00 14.28 ? 385 ASP A C   1 
ATOM   243 O O   . ASP A 1 29 ? 2.023   -10.037 5.916   1.00 13.89 ? 385 ASP A O   1 
ATOM   244 C CB  . ASP A 1 29 ? 2.891   -12.955 3.806   1.00 13.90 ? 385 ASP A CB  1 
ATOM   245 C CG  . ASP A 1 29 ? 2.257   -13.700 2.647   1.00 16.25 ? 385 ASP A CG  1 
ATOM   246 O OD1 . ASP A 1 29 ? 1.006   -13.660 2.549   1.00 15.14 ? 385 ASP A OD1 1 
ATOM   247 O OD2 . ASP A 1 29 ? 2.996   -14.339 1.851   1.00 14.87 ? 385 ASP A OD2 1 
ATOM   248 N N   . SER A 1 30 ? 3.578   -11.638 6.179   1.00 16.05 ? 386 SER A N   1 
ATOM   249 C CA  . SER A 1 30 ? 4.070   -11.024 7.421   1.00 16.38 ? 386 SER A CA  1 
ATOM   250 C C   . SER A 1 30 ? 5.221   -10.027 7.228   1.00 15.18 ? 386 SER A C   1 
ATOM   251 O O   . SER A 1 30 ? 5.808   -9.541  8.202   1.00 17.72 ? 386 SER A O   1 
ATOM   252 C CB  . SER A 1 30 ? 4.465   -12.101 8.430   1.00 20.27 ? 386 SER A CB  1 
ATOM   253 O OG  . SER A 1 30 ? 3.300   -12.745 8.916   1.00 23.66 ? 386 SER A OG  1 
ATOM   254 N N   . ILE A 1 31 ? 5.536   -9.714  5.976   1.00 12.20 ? 387 ILE A N   1 
ATOM   255 C CA  . ILE A 1 31 ? 6.633   -8.805  5.669   1.00 13.53 ? 387 ILE A CA  1 
ATOM   256 C C   . ILE A 1 31 ? 6.166   -7.345  5.615   1.00 15.19 ? 387 ILE A C   1 
ATOM   257 O O   . ILE A 1 31 ? 5.190   -7.029  4.926   1.00 14.66 ? 387 ILE A O   1 
ATOM   258 C CB  . ILE A 1 31 ? 7.296   -9.189  4.328   1.00 12.15 ? 387 ILE A CB  1 
ATOM   259 C CG1 . ILE A 1 31 ? 7.761   -10.649 4.356   1.00 15.35 ? 387 ILE A CG1 1 
ATOM   260 C CG2 . ILE A 1 31 ? 8.465   -8.253  4.027   1.00 12.61 ? 387 ILE A CG2 1 
ATOM   261 C CD1 . ILE A 1 31 ? 8.305   -11.141 3.013   1.00 18.90 ? 387 ILE A CD1 1 
ATOM   262 N N   . LEU A 1 32 ? 6.850   -6.456  6.342   1.00 12.09 ? 388 LEU A N   1 
ATOM   263 C CA  . LEU A 1 32 ? 6.537   -5.029  6.275   1.00 12.73 ? 388 LEU A CA  1 
ATOM   264 C C   . LEU A 1 32 ? 7.038   -4.436  4.960   1.00 13.47 ? 388 LEU A C   1 
ATOM   265 O O   . LEU A 1 32 ? 8.242   -4.475  4.673   1.00 12.67 ? 388 LEU A O   1 
ATOM   266 C CB  . LEU A 1 32 ? 7.165   -4.259  7.444   1.00 12.34 ? 388 LEU A CB  1 
ATOM   267 C CG  . LEU A 1 32 ? 6.977   -2.732  7.405   1.00 12.51 ? 388 LEU A CG  1 
ATOM   268 C CD1 . LEU A 1 32 ? 5.512   -2.360  7.628   1.00 12.72 ? 388 LEU A CD1 1 
ATOM   269 C CD2 . LEU A 1 32 ? 7.849   -2.060  8.457   1.00 14.82 ? 388 LEU A CD2 1 
ATOM   270 N N   . LEU A 1 33 ? 6.118   -3.883  4.169   1.00 12.55 ? 389 LEU A N   1 
ATOM   271 C CA  . LEU A 1 33 ? 6.493   -3.187  2.937   1.00 11.40 ? 389 LEU A CA  1 
ATOM   272 C C   . LEU A 1 33 ? 6.844   -1.726  3.186   1.00 13.33 ? 389 LEU A C   1 
ATOM   273 O O   . LEU A 1 33 ? 7.586   -1.120  2.421   1.00 14.77 ? 389 LEU A O   1 
ATOM   274 C CB  . LEU A 1 33 ? 5.370   -3.288  1.904   1.00 11.94 ? 389 LEU A CB  1 
ATOM   275 C CG  . LEU A 1 33 ? 5.546   -4.378  0.847   1.00 19.03 ? 389 LEU A CG  1 
ATOM   276 C CD1 . LEU A 1 33 ? 6.144   -5.664  1.421   1.00 14.78 ? 389 LEU A CD1 1 
ATOM   277 C CD2 . LEU A 1 33 ? 4.264   -4.643  0.071   1.00 14.05 ? 389 LEU A CD2 1 
ATOM   278 N N   . GLY A 1 34 ? 6.302   -1.149  4.250   1.00 11.42 ? 390 GLY A N   1 
ATOM   279 C CA  . GLY A 1 34 ? 6.599   0.229   4.575   1.00 13.21 ? 390 GLY A CA  1 
ATOM   280 C C   . GLY A 1 34 ? 5.627   0.821   5.569   1.00 13.72 ? 390 GLY A C   1 
ATOM   281 O O   . GLY A 1 34 ? 4.499   0.338   5.707   1.00 12.00 ? 390 GLY A O   1 
ATOM   282 N N   . ASN A 1 35 ? 6.078   1.871   6.248   1.00 14.47 ? 391 ASN A N   1 
ATOM   283 C CA  . ASN A 1 35 ? 5.253   2.652   7.151   1.00 17.49 ? 391 ASN A CA  1 
ATOM   284 C C   . ASN A 1 35 ? 4.891   3.956   6.474   1.00 16.23 ? 391 ASN A C   1 
ATOM   285 O O   . ASN A 1 35 ? 5.678   4.491   5.692   1.00 16.39 ? 391 ASN A O   1 
ATOM   286 C CB  . ASN A 1 35 ? 6.031   2.914   8.440   1.00 20.04 ? 391 ASN A CB  1 
ATOM   287 C CG  . ASN A 1 35 ? 6.741   1.672   8.944   1.00 26.43 ? 391 ASN A CG  1 
ATOM   288 O OD1 . ASN A 1 35 ? 6.163   0.583   8.956   1.00 31.02 ? 391 ASN A OD1 1 
ATOM   289 N ND2 . ASN A 1 35 ? 8.001   1.820   9.347   1.00 26.22 ? 391 ASN A ND2 1 
ATOM   290 N N   . PHE A 1 36 ? 3.707   4.488   6.768   1.00 14.24 ? 392 PHE A N   1 
ATOM   291 C CA  . PHE A 1 36 ? 3.270   5.693   6.086   1.00 12.56 ? 392 PHE A CA  1 
ATOM   292 C C   . PHE A 1 36 ? 4.202   6.870   6.347   1.00 15.16 ? 392 PHE A C   1 
ATOM   293 O O   . PHE A 1 36 ? 4.454   7.220   7.506   1.00 19.20 ? 392 PHE A O   1 
ATOM   294 C CB  . PHE A 1 36 ? 1.848   6.092   6.499   1.00 13.29 ? 392 PHE A CB  1 
ATOM   295 C CG  . PHE A 1 36 ? 1.407   7.401   5.895   1.00 13.83 ? 392 PHE A CG  1 
ATOM   296 C CD1 . PHE A 1 36 ? 1.056   7.475   4.550   1.00 14.51 ? 392 PHE A CD1 1 
ATOM   297 C CD2 . PHE A 1 36 ? 1.375   8.570   6.651   1.00 14.46 ? 392 PHE A CD2 1 
ATOM   298 C CE1 . PHE A 1 36 ? 0.663   8.676   3.977   1.00 12.35 ? 392 PHE A CE1 1 
ATOM   299 C CE2 . PHE A 1 36 ? 0.980   9.772   6.078   1.00 15.93 ? 392 PHE A CE2 1 
ATOM   300 C CZ  . PHE A 1 36 ? 0.627   9.826   4.736   1.00 15.09 ? 392 PHE A CZ  1 
ATOM   301 N N   . ALA A 1 37 ? 4.670   7.498   5.271   1.00 14.80 ? 393 ALA A N   1 
ATOM   302 C CA  . ALA A 1 37 ? 5.647   8.579   5.366   1.00 15.41 ? 393 ALA A CA  1 
ATOM   303 C C   . ALA A 1 37 ? 5.106   9.935   4.918   1.00 18.59 ? 393 ALA A C   1 
ATOM   304 O O   . ALA A 1 37 ? 5.290   10.941  5.611   1.00 20.03 ? 393 ALA A O   1 
ATOM   305 C CB  . ALA A 1 37 ? 6.900   8.219   4.569   1.00 15.30 ? 393 ALA A CB  1 
ATOM   306 N N   . SER A 1 38 ? 4.464   9.972   3.750   1.00 16.59 ? 394 SER A N   1 
ATOM   307 C CA  . SER A 1 38 ? 3.982   11.230  3.184   1.00 15.96 ? 394 SER A CA  1 
ATOM   308 C C   . SER A 1 38 ? 2.870   11.004  2.164   1.00 15.68 ? 394 SER A C   1 
ATOM   309 O O   . SER A 1 38 ? 2.660   9.880   1.689   1.00 15.15 ? 394 SER A O   1 
ATOM   310 C CB  . SER A 1 38 ? 5.132   11.980  2.510   1.00 18.51 ? 394 SER A CB  1 
ATOM   311 O OG  . SER A 1 38 ? 5.648   11.217  1.428   1.00 20.14 ? 394 SER A OG  1 
ATOM   312 N N   . GLN A 1 39 ? 2.164   12.078  1.826   1.00 15.34 ? 395 GLN A N   1 
ATOM   313 C CA  . GLN A 1 39 ? 1.133   11.997  0.795   1.00 16.56 ? 395 GLN A CA  1 
ATOM   314 C C   . GLN A 1 39 ? 1.185   13.219  -0.101  1.00 20.72 ? 395 GLN A C   1 
ATOM   315 O O   . GLN A 1 39 ? 1.328   14.348  0.380   1.00 20.72 ? 395 GLN A O   1 
ATOM   316 C CB  . GLN A 1 39 ? -0.263  11.854  1.408   1.00 13.20 ? 395 GLN A CB  1 
ATOM   317 C CG  . GLN A 1 39 ? -1.372  11.756  0.362   1.00 14.22 ? 395 GLN A CG  1 
ATOM   318 C CD  . GLN A 1 39 ? -2.735  11.562  0.984   1.00 16.31 ? 395 GLN A CD  1 
ATOM   319 O OE1 . GLN A 1 39 ? -2.850  11.408  2.200   1.00 18.18 ? 395 GLN A OE1 1 
ATOM   320 N NE2 . GLN A 1 39 ? -3.776  11.556  0.153   1.00 16.17 ? 395 GLN A NE2 1 
ATOM   321 N N   . GLU A 1 40 ? 1.102   12.980  -1.406  1.00 16.74 ? 396 GLU A N   1 
ATOM   322 C CA  . GLU A 1 40 ? 0.995   14.051  -2.383  1.00 22.12 ? 396 GLU A CA  1 
ATOM   323 C C   . GLU A 1 40 ? -0.178  13.697  -3.284  1.00 20.34 ? 396 GLU A C   1 
ATOM   324 O O   . GLU A 1 40 ? -0.142  12.677  -3.988  1.00 19.04 ? 396 GLU A O   1 
ATOM   325 C CB  . GLU A 1 40 ? 2.282   14.176  -3.208  1.00 23.99 ? 396 GLU A CB  1 
ATOM   326 C CG  . GLU A 1 40 ? 2.228   15.290  -4.249  1.00 34.25 ? 396 GLU A CG  1 
ATOM   327 C CD  . GLU A 1 40 ? 3.021   14.971  -5.513  1.00 47.08 ? 396 GLU A CD  1 
ATOM   328 O OE1 . GLU A 1 40 ? 4.106   14.350  -5.411  1.00 47.43 ? 396 GLU A OE1 1 
ATOM   329 O OE2 . GLU A 1 40 ? 2.551   15.342  -6.615  1.00 50.48 ? 396 GLU A OE2 1 
ATOM   330 N N   . GLY A 1 41 ? -1.223  14.519  -3.257  1.00 20.32 ? 397 GLY A N   1 
ATOM   331 C CA  . GLY A 1 41 ? -2.428  14.196  -4.002  1.00 19.40 ? 397 GLY A CA  1 
ATOM   332 C C   . GLY A 1 41 ? -3.030  12.867  -3.559  1.00 16.71 ? 397 GLY A C   1 
ATOM   333 O O   . GLY A 1 41 ? -3.242  12.639  -2.358  1.00 15.63 ? 397 GLY A O   1 
ATOM   334 N N   . ASN A 1 42 ? -3.300  11.988  -4.527  1.00 14.91 ? 398 ASN A N   1 
ATOM   335 C CA  . ASN A 1 42 ? -3.863  10.664  -4.245  1.00 13.11 ? 398 ASN A CA  1 
ATOM   336 C C   . ASN A 1 42 ? -2.789  9.641   -3.928  1.00 13.55 ? 398 ASN A C   1 
ATOM   337 O O   . ASN A 1 42 ? -3.082  8.451   -3.788  1.00 12.45 ? 398 ASN A O   1 
ATOM   338 C CB  . ASN A 1 42 ? -4.629  10.154  -5.465  1.00 14.50 ? 398 ASN A CB  1 
ATOM   339 C CG  . ASN A 1 42 ? -5.784  11.042  -5.827  1.00 19.08 ? 398 ASN A CG  1 
ATOM   340 O OD1 . ASN A 1 42 ? -6.379  11.677  -4.953  1.00 18.37 ? 398 ASN A OD1 1 
ATOM   341 N ND2 . ASN A 1 42 ? -6.113  11.103  -7.116  1.00 18.87 ? 398 ASN A ND2 1 
ATOM   342 N N   . VAL A 1 43 ? -1.546  10.091  -3.825  1.00 13.46 ? 399 VAL A N   1 
ATOM   343 C CA  . VAL A 1 43 ? -0.433  9.155   -3.724  1.00 15.07 ? 399 VAL A CA  1 
ATOM   344 C C   . VAL A 1 43 ? 0.142   9.089   -2.310  1.00 15.07 ? 399 VAL A C   1 
ATOM   345 O O   . VAL A 1 43 ? 0.679   10.078  -1.795  1.00 16.29 ? 399 VAL A O   1 
ATOM   346 C CB  . VAL A 1 43 ? 0.654   9.520   -4.744  1.00 15.33 ? 399 VAL A CB  1 
ATOM   347 C CG1 . VAL A 1 43 ? 1.838   8.586   -4.605  1.00 16.19 ? 399 VAL A CG1 1 
ATOM   348 C CG2 . VAL A 1 43 ? 0.073   9.473   -6.154  1.00 15.56 ? 399 VAL A CG2 1 
ATOM   349 N N   . LEU A 1 44 ? 0.035   7.914   -1.692  1.00 10.97 ? 400 LEU A N   1 
ATOM   350 C CA  . LEU A 1 44 ? 0.538   7.702   -0.332  1.00 11.49 ? 400 LEU A CA  1 
ATOM   351 C C   . LEU A 1 44 ? 1.854   6.930   -0.389  1.00 12.50 ? 400 LEU A C   1 
ATOM   352 O O   . LEU A 1 44 ? 1.899   5.805   -0.919  1.00 14.30 ? 400 LEU A O   1 
ATOM   353 C CB  . LEU A 1 44 ? -0.473  6.919   0.507   1.00 11.48 ? 400 LEU A CB  1 
ATOM   354 C CG  . LEU A 1 44 ? -1.724  7.634   1.032   1.00 13.48 ? 400 LEU A CG  1 
ATOM   355 C CD1 . LEU A 1 44 ? -2.713  7.996   -0.082  1.00 15.42 ? 400 LEU A CD1 1 
ATOM   356 C CD2 . LEU A 1 44 ? -2.397  6.784   2.116   1.00 15.36 ? 400 LEU A CD2 1 
ATOM   357 N N   . LYS A 1 45 ? 2.919   7.512   0.162   1.00 12.19 ? 401 LYS A N   1 
ATOM   358 C CA  . LYS A 1 45 ? 4.211   6.840   0.176   1.00 12.42 ? 401 LYS A CA  1 
ATOM   359 C C   . LYS A 1 45 ? 4.436   6.139   1.503   1.00 14.47 ? 401 LYS A C   1 
ATOM   360 O O   . LYS A 1 45 ? 4.363   6.763   2.569   1.00 14.73 ? 401 LYS A O   1 
ATOM   361 C CB  . LYS A 1 45 ? 5.354   7.828   -0.097  1.00 15.42 ? 401 LYS A CB  1 
ATOM   362 C CG  . LYS A 1 45 ? 5.303   8.433   -1.492  1.00 19.57 ? 401 LYS A CG  1 
ATOM   363 C CD  . LYS A 1 45 ? 6.506   9.344   -1.746  1.00 27.64 ? 401 LYS A CD  1 
ATOM   364 C CE  . LYS A 1 45 ? 6.499   9.879   -3.169  1.00 34.62 ? 401 LYS A CE  1 
ATOM   365 N NZ  . LYS A 1 45 ? 7.858   10.340  -3.565  1.00 39.62 ? 401 LYS A NZ  1 
ATOM   366 N N   . TYR A 1 46 ? 4.725   4.843   1.424   1.00 13.40 ? 402 TYR A N   1 
ATOM   367 C CA  . TYR A 1 46 ? 5.077   4.045   2.590   1.00 12.99 ? 402 TYR A CA  1 
ATOM   368 C C   . TYR A 1 46 ? 6.556   3.669   2.457   1.00 15.32 ? 402 TYR A C   1 
ATOM   369 O O   . TYR A 1 46 ? 6.994   3.230   1.392   1.00 13.00 ? 402 TYR A O   1 
ATOM   370 C CB  . TYR A 1 46 ? 4.214   2.775   2.657   1.00 11.79 ? 402 TYR A CB  1 
ATOM   371 C CG  . TYR A 1 46 ? 2.762   3.004   3.012   1.00 12.24 ? 402 TYR A CG  1 
ATOM   372 C CD1 . TYR A 1 46 ? 1.851   3.482   2.065   1.00 10.72 ? 402 TYR A CD1 1 
ATOM   373 C CD2 . TYR A 1 46 ? 2.293   2.727   4.291   1.00 11.10 ? 402 TYR A CD2 1 
ATOM   374 C CE1 . TYR A 1 46 ? 0.511   3.689   2.399   1.00 11.45 ? 402 TYR A CE1 1 
ATOM   375 C CE2 . TYR A 1 46 ? 0.961   2.923   4.630   1.00 10.83 ? 402 TYR A CE2 1 
ATOM   376 C CZ  . TYR A 1 46 ? 0.079   3.401   3.683   1.00 12.72 ? 402 TYR A CZ  1 
ATOM   377 O OH  . TYR A 1 46 ? -1.239  3.592   4.042   1.00 10.20 ? 402 TYR A OH  1 
ATOM   378 N N   . GLU A 1 47 ? 7.326   3.845   3.531   1.00 13.27 ? 403 GLU A N   1 
ATOM   379 C CA  . GLU A 1 47 ? 8.786   3.721   3.454   1.00 14.23 ? 403 GLU A CA  1 
ATOM   380 C C   . GLU A 1 47 ? 9.374   2.860   4.576   1.00 16.54 ? 403 GLU A C   1 
ATOM   381 O O   . GLU A 1 47 ? 8.681   2.523   5.543   1.00 16.09 ? 403 GLU A O   1 
ATOM   382 C CB  . GLU A 1 47 ? 9.420   5.125   3.450   1.00 15.44 ? 403 GLU A CB  1 
ATOM   383 C CG  . GLU A 1 47 ? 8.942   5.986   2.307   1.00 20.02 ? 403 GLU A CG  1 
ATOM   384 C CD  . GLU A 1 47 ? 9.538   7.380   2.317   1.00 23.34 ? 403 GLU A CD  1 
ATOM   385 O OE1 . GLU A 1 47 ? 10.298  7.706   3.257   1.00 22.18 ? 403 GLU A OE1 1 
ATOM   386 O OE2 . GLU A 1 47 ? 9.239   8.149   1.375   1.00 27.01 ? 403 GLU A OE2 1 
ATOM   387 N N   . ASN A 1 48 ? 10.654  2.516   4.435   1.00 14.71 ? 404 ASN A N   1 
ATOM   388 C CA  . ASN A 1 48 ? 11.419  1.838   5.486   1.00 16.94 ? 404 ASN A CA  1 
ATOM   389 C C   . ASN A 1 48 ? 10.866  0.481   5.894   1.00 15.78 ? 404 ASN A C   1 
ATOM   390 O O   . ASN A 1 48 ? 10.824  0.145   7.079   1.00 18.34 ? 404 ASN A O   1 
ATOM   391 C CB  . ASN A 1 48 ? 11.570  2.736   6.724   1.00 16.63 ? 404 ASN A CB  1 
ATOM   392 C CG  . ASN A 1 48 ? 11.840  4.174   6.367   1.00 20.72 ? 404 ASN A CG  1 
ATOM   393 O OD1 . ASN A 1 48 ? 11.134  5.076   6.817   1.00 22.91 ? 404 ASN A OD1 1 
ATOM   394 N ND2 . ASN A 1 48 ? 12.852  4.401   5.538   1.00 17.12 ? 404 ASN A ND2 1 
ATOM   395 N N   . GLY A 1 49 ? 10.460  -0.311  4.906   1.00 11.96 ? 405 GLY A N   1 
ATOM   396 C CA  . GLY A 1 49 ? 10.015  -1.666  5.161   1.00 13.12 ? 405 GLY A CA  1 
ATOM   397 C C   . GLY A 1 49 ? 11.185  -2.608  5.412   1.00 14.06 ? 405 GLY A C   1 
ATOM   398 O O   . GLY A 1 49 ? 12.336  -2.170  5.542   1.00 14.03 ? 405 GLY A O   1 
ATOM   399 N N   . GLN A 1 50 ? 10.882  -3.900  5.463   1.00 15.16 ? 406 GLN A N   1 
ATOM   400 C CA  . GLN A 1 50 ? 11.862  -4.934  5.782   1.00 14.55 ? 406 GLN A CA  1 
ATOM   401 C C   . GLN A 1 50 ? 12.965  -5.028  4.728   1.00 16.58 ? 406 GLN A C   1 
ATOM   402 O O   . GLN A 1 50 ? 12.743  -4.742  3.538   1.00 15.41 ? 406 GLN A O   1 
ATOM   403 C CB  . GLN A 1 50 ? 11.160  -6.294  5.927   1.00 18.13 ? 406 GLN A CB  1 
ATOM   404 C CG  . GLN A 1 50 ? 12.112  -7.453  6.251   1.00 26.82 ? 406 GLN A CG  1 
ATOM   405 C CD  . GLN A 1 50 ? 11.411  -8.800  6.384   1.00 33.69 ? 406 GLN A CD  1 
ATOM   406 O OE1 . GLN A 1 50 ? 11.697  -9.746  5.638   1.00 36.19 ? 406 GLN A OE1 1 
ATOM   407 N NE2 . GLN A 1 50 ? 10.511  -8.900  7.359   1.00 30.60 ? 406 GLN A NE2 1 
ATOM   408 N N   . SER A 1 51 ? 14.158  -5.418  5.179   1.00 15.80 ? 407 SER A N   1 
ATOM   409 C CA  . SER A 1 51 ? 15.285  -5.667  4.290   1.00 18.26 ? 407 SER A CA  1 
ATOM   410 C C   . SER A 1 51 ? 14.944  -6.725  3.236   1.00 15.44 ? 407 SER A C   1 
ATOM   411 O O   . SER A 1 51 ? 14.047  -7.559  3.423   1.00 16.67 ? 407 SER A O   1 
ATOM   412 C CB  . SER A 1 51 ? 16.522  -6.085  5.090   1.00 19.47 ? 407 SER A CB  1 
ATOM   413 O OG  . SER A 1 51 ? 16.323  -7.347  5.701   1.00 20.76 ? 407 SER A OG  1 
ATOM   414 N N   . CYS A 1 52 ? 15.659  -6.653  2.119   1.00 13.76 ? 408 CYS A N   1 
ATOM   415 C CA  . CYS A 1 52 ? 15.371  -7.431  0.929   1.00 14.42 ? 408 CYS A CA  1 
ATOM   416 C C   . CYS A 1 52 ? 16.673  -7.996  0.371   1.00 13.54 ? 408 CYS A C   1 
ATOM   417 O O   . CYS A 1 52 ? 17.615  -7.254  0.084   1.00 13.43 ? 408 CYS A O   1 
ATOM   418 C CB  . CYS A 1 52 ? 14.719  -6.507  -0.103  1.00 14.39 ? 408 CYS A CB  1 
ATOM   419 S SG  . CYS A 1 52 ? 14.335  -7.233  -1.705  1.00 15.62 ? 408 CYS A SG  1 
ATOM   420 N N   . TRP A 1 53 ? 16.727  -9.316  0.231   1.00 12.98 ? 409 TRP A N   1 
ATOM   421 C CA  . TRP A 1 53 ? 17.918  -9.973  -0.303  1.00 14.00 ? 409 TRP A CA  1 
ATOM   422 C C   . TRP A 1 53 ? 18.284  -9.371  -1.657  1.00 12.41 ? 409 TRP A C   1 
ATOM   423 O O   . TRP A 1 53 ? 17.488  -9.431  -2.600  1.00 13.81 ? 409 TRP A O   1 
ATOM   424 C CB  . TRP A 1 53 ? 17.637  -11.460 -0.484  1.00 12.86 ? 409 TRP A CB  1 
ATOM   425 C CG  . TRP A 1 53 ? 18.845  -12.313 -0.712  1.00 11.26 ? 409 TRP A CG  1 
ATOM   426 C CD1 . TRP A 1 53 ? 20.152  -11.971 -0.530  1.00 13.06 ? 409 TRP A CD1 1 
ATOM   427 C CD2 . TRP A 1 53 ? 18.846  -13.670 -1.167  1.00 12.68 ? 409 TRP A CD2 1 
ATOM   428 N NE1 . TRP A 1 53 ? 20.971  -13.041 -0.849  1.00 12.76 ? 409 TRP A NE1 1 
ATOM   429 C CE2 . TRP A 1 53 ? 20.179  -14.098 -1.246  1.00 11.77 ? 409 TRP A CE2 1 
ATOM   430 C CE3 . TRP A 1 53 ? 17.825  -14.569 -1.514  1.00 13.46 ? 409 TRP A CE3 1 
ATOM   431 C CZ2 . TRP A 1 53 ? 20.537  -15.380 -1.642  1.00 12.01 ? 409 TRP A CZ2 1 
ATOM   432 C CZ3 . TRP A 1 53 ? 18.172  -15.842 -1.914  1.00 15.57 ? 409 TRP A CZ3 1 
ATOM   433 C CH2 . TRP A 1 53 ? 19.518  -16.238 -1.980  1.00 13.41 ? 409 TRP A CH2 1 
ATOM   434 N N   . ASN A 1 54 ? 19.484  -8.789  -1.734  1.00 12.32 ? 410 ASN A N   1 
ATOM   435 C CA  . ASN A 1 54 ? 20.007  -8.207  -2.976  1.00 12.53 ? 410 ASN A CA  1 
ATOM   436 C C   . ASN A 1 54 ? 19.195  -7.019  -3.483  1.00 13.26 ? 410 ASN A C   1 
ATOM   437 O O   . ASN A 1 54 ? 19.269  -6.651  -4.658  1.00 12.82 ? 410 ASN A O   1 
ATOM   438 C CB  . ASN A 1 54 ? 20.154  -9.281  -4.062  1.00 13.63 ? 410 ASN A CB  1 
ATOM   439 C CG  . ASN A 1 54 ? 21.297  -10.228 -3.769  1.00 12.47 ? 410 ASN A CG  1 
ATOM   440 O OD1 . ASN A 1 54 ? 22.342  -9.808  -3.265  1.00 12.65 ? 410 ASN A OD1 1 
ATOM   441 N ND2 . ASN A 1 54 ? 21.104  -11.515 -4.074  1.00 13.46 ? 410 ASN A ND2 1 
ATOM   442 N N   . GLY A 1 55 ? 18.444  -6.401  -2.579  1.00 11.93 ? 411 GLY A N   1 
ATOM   443 C CA  . GLY A 1 55 ? 17.604  -5.279  -2.966  1.00 12.34 ? 411 GLY A CA  1 
ATOM   444 C C   . GLY A 1 55 ? 17.562  -4.201  -1.913  1.00 11.31 ? 411 GLY A C   1 
ATOM   445 O O   . GLY A 1 55 ? 18.264  -4.269  -0.895  1.00 11.17 ? 411 GLY A O   1 
ATOM   446 N N   . PRO A 1 56 ? 16.720  -3.189  -2.140  1.00 11.54 ? 412 PRO A N   1 
ATOM   447 C CA  . PRO A 1 56 ? 16.557  -2.092  -1.188  1.00 12.48 ? 412 PRO A CA  1 
ATOM   448 C C   . PRO A 1 56 ? 15.627  -2.506  -0.066  1.00 11.34 ? 412 PRO A C   1 
ATOM   449 O O   . PRO A 1 56 ? 14.815  -3.408  -0.277  1.00 13.89 ? 412 PRO A O   1 
ATOM   450 C CB  . PRO A 1 56 ? 15.871  -1.012  -2.039  1.00 13.84 ? 412 PRO A CB  1 
ATOM   451 C CG  . PRO A 1 56 ? 15.034  -1.803  -3.026  1.00 14.28 ? 412 PRO A CG  1 
ATOM   452 C CD  . PRO A 1 56 ? 15.921  -2.993  -3.364  1.00 10.61 ? 412 PRO A CD  1 
ATOM   453 N N   . HIS A 1 57 ? 15.737  -1.882  1.102   1.00 10.38 ? 413 HIS A N   1 
ATOM   454 C CA  . HIS A 1 57 ? 14.666  -2.024  2.083   1.00 12.63 ? 413 HIS A CA  1 
ATOM   455 C C   . HIS A 1 57 ? 13.347  -1.668  1.394   1.00 12.02 ? 413 HIS A C   1 
ATOM   456 O O   . HIS A 1 57 ? 13.293  -0.745  0.576   1.00 12.66 ? 413 HIS A O   1 
ATOM   457 C CB  . HIS A 1 57 ? 14.912  -1.140  3.311   1.00 12.87 ? 413 HIS A CB  1 
ATOM   458 C CG  . HIS A 1 57 ? 15.874  -1.738  4.296   1.00 17.75 ? 413 HIS A CG  1 
ATOM   459 N ND1 . HIS A 1 57 ? 17.160  -2.085  3.959   1.00 24.92 ? 413 HIS A ND1 1 
ATOM   460 C CD2 . HIS A 1 57 ? 15.726  -2.061  5.602   1.00 22.80 ? 413 HIS A CD2 1 
ATOM   461 C CE1 . HIS A 1 57 ? 17.779  -2.586  5.018   1.00 21.90 ? 413 HIS A CE1 1 
ATOM   462 N NE2 . HIS A 1 57 ? 16.913  -2.584  6.034   1.00 26.70 ? 413 HIS A NE2 1 
ATOM   463 N N   . ARG A 1 58 ? 12.291  -2.413  1.714   1.00 12.23 ? 414 ARG A N   1 
ATOM   464 C CA  . ARG A 1 58 ? 11.058  -2.323  0.937   1.00 11.81 ? 414 ARG A CA  1 
ATOM   465 C C   . ARG A 1 58 ? 10.363  -0.969  1.087   1.00 13.43 ? 414 ARG A C   1 
ATOM   466 O O   . ARG A 1 58 ? 10.530  -0.265  2.086   1.00 12.79 ? 414 ARG A O   1 
ATOM   467 C CB  . ARG A 1 58 ? 10.111  -3.485  1.281   1.00 12.83 ? 414 ARG A CB  1 
ATOM   468 C CG  . ARG A 1 58 ? 10.630  -4.860  0.820   1.00 11.58 ? 414 ARG A CG  1 
ATOM   469 C CD  . ARG A 1 58 ? 9.736   -5.984  1.339   1.00 15.43 ? 414 ARG A CD  1 
ATOM   470 N NE  . ARG A 1 58 ? 10.155  -7.319  0.888   1.00 20.35 ? 414 ARG A NE  1 
ATOM   471 C CZ  . ARG A 1 58 ? 11.170  -7.974  1.434   1.00 16.00 ? 414 ARG A CZ  1 
ATOM   472 N NH1 . ARG A 1 58 ? 11.851  -7.397  2.408   1.00 23.54 ? 414 ARG A NH1 1 
ATOM   473 N NH2 . ARG A 1 58 ? 11.518  -9.184  1.013   1.00 18.73 ? 414 ARG A NH2 1 
ATOM   474 N N   . SER A 1 59 ? 9.621   -0.587  0.049   1.00 12.04 ? 415 SER A N   1 
ATOM   475 C CA  . SER A 1 59 ? 8.796   0.611   0.108   1.00 10.56 ? 415 SER A CA  1 
ATOM   476 C C   . SER A 1 59 ? 7.631   0.386   -0.838  1.00 13.48 ? 415 SER A C   1 
ATOM   477 O O   . SER A 1 59 ? 7.688   -0.490  -1.712  1.00 11.84 ? 415 SER A O   1 
ATOM   478 C CB  . SER A 1 59 ? 9.608   1.857   -0.277  1.00 11.26 ? 415 SER A CB  1 
ATOM   479 O OG  . SER A 1 59 ? 10.088  1.749   -1.611  1.00 13.26 ? 415 SER A OG  1 
ATOM   480 N N   . ALA A 1 60 ? 6.564   1.153   -0.652  1.00 11.19 ? 416 ALA A N   1 
ATOM   481 C CA  . ALA A 1 60 ? 5.372   0.987   -1.469  1.00 12.48 ? 416 ALA A CA  1 
ATOM   482 C C   . ALA A 1 60 ? 4.779   2.347   -1.759  1.00 12.73 ? 416 ALA A C   1 
ATOM   483 O O   . ALA A 1 60 ? 4.629   3.177   -0.862  1.00 14.02 ? 416 ALA A O   1 
ATOM   484 C CB  . ALA A 1 60 ? 4.362   0.109   -0.751  1.00 11.09 ? 416 ALA A CB  1 
ATOM   485 N N   . ILE A 1 61 ? 4.422   2.565   -3.021  1.00 12.13 ? 417 ILE A N   1 
ATOM   486 C CA  . ILE A 1 61 ? 3.756   3.794   -3.418  1.00 12.81 ? 417 ILE A CA  1 
ATOM   487 C C   . ILE A 1 61 ? 2.320   3.423   -3.731  1.00 12.49 ? 417 ILE A C   1 
ATOM   488 O O   . ILE A 1 61 ? 2.054   2.657   -4.670  1.00 12.17 ? 417 ILE A O   1 
ATOM   489 C CB  . ILE A 1 61 ? 4.422   4.420   -4.649  1.00 14.52 ? 417 ILE A CB  1 
ATOM   490 C CG1 . ILE A 1 61 ? 5.880   4.736   -4.322  1.00 15.49 ? 417 ILE A CG1 1 
ATOM   491 C CG2 . ILE A 1 61 ? 3.687   5.679   -5.072  1.00 14.29 ? 417 ILE A CG2 1 
ATOM   492 C CD1 . ILE A 1 61 ? 6.642   5.371   -5.460  1.00 20.94 ? 417 ILE A CD1 1 
ATOM   493 N N   . VAL A 1 62 ? 1.393   3.937   -2.932  1.00 9.68  ? 418 VAL A N   1 
ATOM   494 C CA  . VAL A 1 62 ? -0.002  3.510   -3.020  1.00 10.67 ? 418 VAL A CA  1 
ATOM   495 C C   . VAL A 1 62 ? -0.858  4.633   -3.575  1.00 11.29 ? 418 VAL A C   1 
ATOM   496 O O   . VAL A 1 62 ? -1.026  5.670   -2.922  1.00 11.94 ? 418 VAL A O   1 
ATOM   497 C CB  . VAL A 1 62 ? -0.551  3.077   -1.631  1.00 11.93 ? 418 VAL A CB  1 
ATOM   498 C CG1 . VAL A 1 62 ? -1.988  2.569   -1.745  1.00 14.56 ? 418 VAL A CG1 1 
ATOM   499 C CG2 . VAL A 1 62 ? 0.352   2.015   -0.988  1.00 12.96 ? 418 VAL A CG2 1 
ATOM   500 N N   . THR A 1 63 ? -1.405  4.422   -4.772  1.00 10.84 ? 419 THR A N   1 
ATOM   501 C CA  . THR A 1 63 ? -2.280  5.409   -5.396  1.00 10.99 ? 419 THR A CA  1 
ATOM   502 C C   . THR A 1 63 ? -3.737  5.047   -5.116  1.00 11.33 ? 419 THR A C   1 
ATOM   503 O O   . THR A 1 63 ? -4.198  3.969   -5.495  1.00 13.05 ? 419 THR A O   1 
ATOM   504 C CB  . THR A 1 63 ? -2.034  5.517   -6.915  1.00 11.60 ? 419 THR A CB  1 
ATOM   505 O OG1 . THR A 1 63 ? -0.668  5.893   -7.160  1.00 14.17 ? 419 THR A OG1 1 
ATOM   506 C CG2 . THR A 1 63 ? -2.956  6.570   -7.537  1.00 14.11 ? 419 THR A CG2 1 
ATOM   507 N N   . VAL A 1 64 ? -4.451  5.936   -4.428  1.00 9.75  ? 420 VAL A N   1 
ATOM   508 C CA  . VAL A 1 64 ? -5.824  5.659   -4.004  1.00 10.78 ? 420 VAL A CA  1 
ATOM   509 C C   . VAL A 1 64 ? -6.797  6.566   -4.747  1.00 12.00 ? 420 VAL A C   1 
ATOM   510 O O   . VAL A 1 64 ? -6.762  7.800   -4.599  1.00 14.08 ? 420 VAL A O   1 
ATOM   511 C CB  . VAL A 1 64 ? -6.001  5.890   -2.488  1.00 12.28 ? 420 VAL A CB  1 
ATOM   512 C CG1 . VAL A 1 64 ? -7.396  5.462   -2.050  1.00 12.91 ? 420 VAL A CG1 1 
ATOM   513 C CG2 . VAL A 1 64 ? -4.944  5.143   -1.697  1.00 12.87 ? 420 VAL A CG2 1 
ATOM   514 N N   . GLU A 1 65 ? -7.678  5.962   -5.533  1.00 10.55 ? 421 GLU A N   1 
ATOM   515 C CA  . GLU A 1 65 ? -8.629  6.743   -6.320  1.00 11.81 ? 421 GLU A CA  1 
ATOM   516 C C   . GLU A 1 65 ? -10.061 6.453   -5.897  1.00 12.50 ? 421 GLU A C   1 
ATOM   517 O O   . GLU A 1 65 ? -10.345 5.414   -5.306  1.00 12.84 ? 421 GLU A O   1 
ATOM   518 C CB  . GLU A 1 65 ? -8.398  6.501   -7.810  1.00 16.74 ? 421 GLU A CB  1 
ATOM   519 C CG  . GLU A 1 65 ? -7.002  6.982   -8.217  1.00 18.24 ? 421 GLU A CG  1 
ATOM   520 C CD  . GLU A 1 65 ? -6.604  6.604   -9.625  1.00 28.22 ? 421 GLU A CD  1 
ATOM   521 O OE1 . GLU A 1 65 ? -7.182  5.646   -10.190 1.00 30.69 ? 421 GLU A OE1 1 
ATOM   522 O OE2 . GLU A 1 65 ? -5.695  7.275   -10.160 1.00 27.84 ? 421 GLU A OE2 1 
ATOM   523 N N   . CYS A 1 66 ? -10.950 7.401   -6.168  1.00 11.21 ? 422 CYS A N   1 
ATOM   524 C CA  . CYS A 1 66 ? -12.341 7.310   -5.734  1.00 13.63 ? 422 CYS A CA  1 
ATOM   525 C C   . CYS A 1 66 ? -13.048 6.088   -6.314  1.00 10.46 ? 422 CYS A C   1 
ATOM   526 O O   . CYS A 1 66 ? -12.984 5.838   -7.521  1.00 15.16 ? 422 CYS A O   1 
ATOM   527 C CB  . CYS A 1 66 ? -13.108 8.577   -6.128  1.00 13.18 ? 422 CYS A CB  1 
ATOM   528 S SG  . CYS A 1 66 ? -14.901 8.518   -5.801  1.00 14.05 ? 422 CYS A SG  1 
ATOM   529 N N   . GLY A 1 67 ? -13.727 5.346   -5.438  1.00 11.14 ? 423 GLY A N   1 
ATOM   530 C CA  . GLY A 1 67 ? -14.592 4.257   -5.847  1.00 11.97 ? 423 GLY A CA  1 
ATOM   531 C C   . GLY A 1 67 ? -15.556 3.929   -4.728  1.00 11.92 ? 423 GLY A C   1 
ATOM   532 O O   . GLY A 1 67 ? -15.411 4.422   -3.609  1.00 13.17 ? 423 GLY A O   1 
ATOM   533 N N   . VAL A 1 68 ? -16.520 3.063   -5.012  1.00 12.50 ? 424 VAL A N   1 
ATOM   534 C CA  . VAL A 1 68 ? -17.585 2.793   -4.046  1.00 12.72 ? 424 VAL A CA  1 
ATOM   535 C C   . VAL A 1 68 ? -17.173 1.836   -2.924  1.00 15.03 ? 424 VAL A C   1 
ATOM   536 O O   . VAL A 1 68 ? -17.762 1.854   -1.846  1.00 18.82 ? 424 VAL A O   1 
ATOM   537 C CB  . VAL A 1 68 ? -18.867 2.285   -4.750  1.00 16.91 ? 424 VAL A CB  1 
ATOM   538 C CG1 . VAL A 1 68 ? -19.427 3.375   -5.646  1.00 19.29 ? 424 VAL A CG1 1 
ATOM   539 C CG2 . VAL A 1 68 ? -18.570 1.041   -5.570  1.00 19.16 ? 424 VAL A CG2 1 
ATOM   540 N N   . GLU A 1 69 ? -16.161 1.011   -3.171  1.00 13.22 ? 425 GLU A N   1 
ATOM   541 C CA  . GLU A 1 69 ? -15.718 0.010   -2.205  1.00 15.61 ? 425 GLU A CA  1 
ATOM   542 C C   . GLU A 1 69 ? -14.192 -0.028  -2.158  1.00 15.44 ? 425 GLU A C   1 
ATOM   543 O O   . GLU A 1 69 ? -13.533 0.234   -3.174  1.00 14.07 ? 425 GLU A O   1 
ATOM   544 C CB  . GLU A 1 69 ? -16.264 -1.364  -2.607  1.00 19.20 ? 425 GLU A CB  1 
ATOM   545 C CG  . GLU A 1 69 ? -15.738 -2.535  -1.788  1.00 27.65 ? 425 GLU A CG  1 
ATOM   546 C CD  . GLU A 1 69 ? -16.682 -3.733  -1.797  1.00 39.28 ? 425 GLU A CD  1 
ATOM   547 O OE1 . GLU A 1 69 ? -17.418 -3.916  -2.796  1.00 38.18 ? 425 GLU A OE1 1 
ATOM   548 O OE2 . GLU A 1 69 ? -16.686 -4.487  -0.795  1.00 39.87 ? 425 GLU A OE2 1 
ATOM   549 N N   . ASN A 1 70 ? -13.633 -0.334  -0.990  1.00 14.28 ? 426 ASN A N   1 
ATOM   550 C CA  . ASN A 1 70 ? -12.185 -0.548  -0.864  1.00 12.60 ? 426 ASN A CA  1 
ATOM   551 C C   . ASN A 1 70 ? -11.716 -1.751  -1.681  1.00 13.75 ? 426 ASN A C   1 
ATOM   552 O O   . ASN A 1 70 ? -12.266 -2.848  -1.556  1.00 15.39 ? 426 ASN A O   1 
ATOM   553 C CB  . ASN A 1 70 ? -11.799 -0.784  0.596   1.00 11.87 ? 426 ASN A CB  1 
ATOM   554 C CG  . ASN A 1 70 ? -11.948 0.446   1.448   1.00 14.60 ? 426 ASN A CG  1 
ATOM   555 O OD1 . ASN A 1 70 ? -11.916 1.576   0.948   1.00 13.54 ? 426 ASN A OD1 1 
ATOM   556 N ND2 . ASN A 1 70 ? -12.087 0.240   2.754   1.00 16.77 ? 426 ASN A ND2 1 
ATOM   557 N N   . GLU A 1 71 ? -10.692 -1.541  -2.502  1.00 11.54 ? 427 GLU A N   1 
ATOM   558 C CA  . GLU A 1 71 ? -10.193 -2.581  -3.392  1.00 13.20 ? 427 GLU A CA  1 
ATOM   559 C C   . GLU A 1 71 ? -8.716  -2.345  -3.716  1.00 12.37 ? 427 GLU A C   1 
ATOM   560 O O   . GLU A 1 71 ? -8.312  -1.215  -4.002  1.00 11.45 ? 427 GLU A O   1 
ATOM   561 C CB  . GLU A 1 71 ? -11.014 -2.569  -4.688  1.00 16.53 ? 427 GLU A CB  1 
ATOM   562 C CG  . GLU A 1 71 ? -10.436 -3.410  -5.821  1.00 24.55 ? 427 GLU A CG  1 
ATOM   563 C CD  . GLU A 1 71 ? -11.200 -3.237  -7.135  1.00 26.47 ? 427 GLU A CD  1 
ATOM   564 O OE1 . GLU A 1 71 ? -10.857 -3.939  -8.114  1.00 33.62 ? 427 GLU A OE1 1 
ATOM   565 O OE2 . GLU A 1 71 ? -12.132 -2.400  -7.192  1.00 27.02 ? 427 GLU A OE2 1 
ATOM   566 N N   . ILE A 1 72 ? -7.911  -3.406  -3.645  1.00 10.64 ? 428 ILE A N   1 
ATOM   567 C CA  . ILE A 1 72 ? -6.563  -3.350  -4.200  1.00 9.81  ? 428 ILE A CA  1 
ATOM   568 C C   . ILE A 1 72 ? -6.691  -3.775  -5.661  1.00 11.74 ? 428 ILE A C   1 
ATOM   569 O O   . ILE A 1 72 ? -7.026  -4.924  -5.955  1.00 11.12 ? 428 ILE A O   1 
ATOM   570 C CB  . ILE A 1 72 ? -5.588  -4.266  -3.428  1.00 9.95  ? 428 ILE A CB  1 
ATOM   571 C CG1 . ILE A 1 72 ? -5.342  -3.707  -2.018  1.00 11.60 ? 428 ILE A CG1 1 
ATOM   572 C CG2 . ILE A 1 72 ? -4.258  -4.425  -4.173  1.00 10.78 ? 428 ILE A CG2 1 
ATOM   573 C CD1 . ILE A 1 72 ? -4.532  -4.654  -1.113  1.00 13.88 ? 428 ILE A CD1 1 
ATOM   574 N N   . VAL A 1 73 ? -6.475  -2.821  -6.564  1.00 11.10 ? 429 VAL A N   1 
ATOM   575 C CA  . VAL A 1 73 ? -6.667  -3.030  -8.002  1.00 11.72 ? 429 VAL A CA  1 
ATOM   576 C C   . VAL A 1 73 ? -5.498  -3.809  -8.582  1.00 12.33 ? 429 VAL A C   1 
ATOM   577 O O   . VAL A 1 73 ? -5.701  -4.752  -9.340  1.00 10.80 ? 429 VAL A O   1 
ATOM   578 C CB  . VAL A 1 73 ? -6.849  -1.681  -8.737  1.00 11.54 ? 429 VAL A CB  1 
ATOM   579 C CG1 . VAL A 1 73 ? -6.857  -1.874  -10.251 1.00 16.49 ? 429 VAL A CG1 1 
ATOM   580 C CG2 . VAL A 1 73 ? -8.153  -1.036  -8.282  1.00 14.74 ? 429 VAL A CG2 1 
ATOM   581 N N   . SER A 1 74 ? -4.276  -3.424  -8.212  1.00 11.45 ? 430 SER A N   1 
ATOM   582 C CA  . SER A 1 74 ? -3.079  -4.116  -8.684  1.00 10.69 ? 430 SER A CA  1 
ATOM   583 C C   . SER A 1 74 ? -1.885  -3.873  -7.776  1.00 11.32 ? 430 SER A C   1 
ATOM   584 O O   . SER A 1 74 ? -1.813  -2.845  -7.095  1.00 11.43 ? 430 SER A O   1 
ATOM   585 C CB  . SER A 1 74 ? -2.730  -3.687  -10.117 1.00 11.82 ? 430 SER A CB  1 
ATOM   586 O OG  . SER A 1 74 ? -2.448  -2.296  -10.190 1.00 13.11 ? 430 SER A OG  1 
ATOM   587 N N   . VAL A 1 75 ? -0.960  -4.831  -7.777  1.00 10.64 ? 431 VAL A N   1 
ATOM   588 C CA  . VAL A 1 75 ? 0.361   -4.636  -7.202  1.00 11.06 ? 431 VAL A CA  1 
ATOM   589 C C   . VAL A 1 75 ? 1.396   -4.888  -8.286  1.00 12.80 ? 431 VAL A C   1 
ATOM   590 O O   . VAL A 1 75 ? 1.369   -5.936  -8.934  1.00 14.33 ? 431 VAL A O   1 
ATOM   591 C CB  . VAL A 1 75 ? 0.620   -5.586  -6.015  1.00 12.49 ? 431 VAL A CB  1 
ATOM   592 C CG1 . VAL A 1 75 ? 2.064   -5.447  -5.539  1.00 13.28 ? 431 VAL A CG1 1 
ATOM   593 C CG2 . VAL A 1 75 ? -0.355  -5.313  -4.873  1.00 11.67 ? 431 VAL A CG2 1 
ATOM   594 N N   . LEU A 1 76 ? 2.284   -3.922  -8.509  1.00 12.78 ? 432 LEU A N   1 
ATOM   595 C CA  . LEU A 1 76 ? 3.374   -4.088  -9.472  1.00 11.21 ? 432 LEU A CA  1 
ATOM   596 C C   . LEU A 1 76 ? 4.710   -3.993  -8.744  1.00 12.75 ? 432 LEU A C   1 
ATOM   597 O O   . LEU A 1 76 ? 4.955   -3.046  -7.992  1.00 16.07 ? 432 LEU A O   1 
ATOM   598 C CB  . LEU A 1 76 ? 3.301   -3.012  -10.561 1.00 15.55 ? 432 LEU A CB  1 
ATOM   599 C CG  . LEU A 1 76 ? 4.246   -3.190  -11.748 1.00 21.88 ? 432 LEU A CG  1 
ATOM   600 C CD1 . LEU A 1 76 ? 3.779   -4.365  -12.598 1.00 25.35 ? 432 LEU A CD1 1 
ATOM   601 C CD2 . LEU A 1 76 ? 4.339   -1.922  -12.597 1.00 27.17 ? 432 LEU A CD2 1 
ATOM   602 N N   . GLU A 1 77 ? 5.565   -4.989  -8.957  1.00 13.73 ? 433 GLU A N   1 
ATOM   603 C CA  . GLU A 1 77 ? 6.923   -4.937  -8.436  1.00 13.32 ? 433 GLU A CA  1 
ATOM   604 C C   . GLU A 1 77 ? 7.858   -4.913  -9.630  1.00 17.90 ? 433 GLU A C   1 
ATOM   605 O O   . GLU A 1 77 ? 8.520   -5.897  -9.930  1.00 19.85 ? 433 GLU A O   1 
ATOM   606 C CB  . GLU A 1 77 ? 7.213   -6.136  -7.530  1.00 13.97 ? 433 GLU A CB  1 
ATOM   607 C CG  . GLU A 1 77 ? 8.538   -6.016  -6.776  1.00 13.57 ? 433 GLU A CG  1 
ATOM   608 C CD  . GLU A 1 77 ? 8.825   -7.192  -5.841  1.00 16.11 ? 433 GLU A CD  1 
ATOM   609 O OE1 . GLU A 1 77 ? 7.986   -8.119  -5.722  1.00 14.53 ? 433 GLU A OE1 1 
ATOM   610 O OE2 . GLU A 1 77 ? 9.903   -7.180  -5.208  1.00 14.18 ? 433 GLU A OE2 1 
ATOM   611 N N   . ALA A 1 78 ? 7.879   -3.781  -10.324 1.00 22.33 ? 434 ALA A N   1 
ATOM   612 C CA  . ALA A 1 78 ? 8.721   -3.616  -11.503 1.00 26.04 ? 434 ALA A CA  1 
ATOM   613 C C   . ALA A 1 78 ? 10.210  -3.649  -11.137 1.00 29.19 ? 434 ALA A C   1 
ATOM   614 O O   . ALA A 1 78 ? 11.016  -4.274  -11.834 1.00 26.81 ? 434 ALA A O   1 
ATOM   615 C CB  . ALA A 1 78 ? 8.370   -2.328  -12.221 1.00 29.13 ? 434 ALA A CB  1 
ATOM   616 N N   . GLN A 1 79 ? 10.571  -2.980  -10.046 1.00 19.49 ? 435 GLN A N   1 
ATOM   617 C CA  . GLN A 1 79 ? 11.935  -3.054  -9.532  1.00 19.18 ? 435 GLN A CA  1 
ATOM   618 C C   . GLN A 1 79 ? 11.880  -3.852  -8.243  1.00 18.27 ? 435 GLN A C   1 
ATOM   619 O O   . GLN A 1 79 ? 10.918  -3.719  -7.487  1.00 18.18 ? 435 GLN A O   1 
ATOM   620 C CB  . GLN A 1 79 ? 12.501  -1.656  -9.254  1.00 19.72 ? 435 GLN A CB  1 
ATOM   621 C CG  . GLN A 1 79 ? 12.828  -0.837  -10.497 1.00 30.13 ? 435 GLN A CG  1 
ATOM   622 C CD  . GLN A 1 79 ? 11.592  -0.400  -11.268 1.00 35.59 ? 435 GLN A CD  1 
ATOM   623 O OE1 . GLN A 1 79 ? 10.793  0.408   -10.784 1.00 40.10 ? 435 GLN A OE1 1 
ATOM   624 N NE2 . GLN A 1 79 ? 11.430  -0.936  -12.475 1.00 35.12 ? 435 GLN A NE2 1 
ATOM   625 N N   . LYS A 1 80 ? 12.897  -4.675  -7.993  1.00 15.18 ? 436 LYS A N   1 
ATOM   626 C CA  . LYS A 1 80 ? 12.914  -5.539  -6.810  1.00 13.49 ? 436 LYS A CA  1 
ATOM   627 C C   . LYS A 1 80 ? 12.662  -4.747  -5.524  1.00 14.42 ? 436 LYS A C   1 
ATOM   628 O O   . LYS A 1 80 ? 13.345  -3.748  -5.241  1.00 14.71 ? 436 LYS A O   1 
ATOM   629 C CB  . LYS A 1 80 ? 14.243  -6.298  -6.704  1.00 14.63 ? 436 LYS A CB  1 
ATOM   630 C CG  . LYS A 1 80 ? 14.309  -7.247  -5.515  1.00 15.28 ? 436 LYS A CG  1 
ATOM   631 C CD  . LYS A 1 80 ? 15.727  -7.825  -5.332  1.00 17.53 ? 436 LYS A CD  1 
ATOM   632 C CE  . LYS A 1 80 ? 16.150  -8.679  -6.527  1.00 23.60 ? 436 LYS A CE  1 
ATOM   633 N NZ  . LYS A 1 80 ? 15.484  -10.026 -6.551  1.00 25.93 ? 436 LYS A NZ  1 
ATOM   634 N N   . CYS A 1 81 ? 11.637  -5.179  -4.789  1.00 11.92 ? 437 CYS A N   1 
ATOM   635 C CA  . CYS A 1 81 ? 11.273  -4.637  -3.479  1.00 11.37 ? 437 CYS A CA  1 
ATOM   636 C C   . CYS A 1 81 ? 10.813  -3.185  -3.484  1.00 14.34 ? 437 CYS A C   1 
ATOM   637 O O   . CYS A 1 81 ? 10.826  -2.505  -2.452  1.00 14.14 ? 437 CYS A O   1 
ATOM   638 C CB  . CYS A 1 81 ? 12.373  -4.920  -2.446  1.00 14.27 ? 437 CYS A CB  1 
ATOM   639 S SG  . CYS A 1 81 ? 12.394  -6.674  -2.028  1.00 12.84 ? 437 CYS A SG  1 
ATOM   640 N N   . GLU A 1 82 ? 10.368  -2.733  -4.655  1.00 13.59 ? 438 GLU A N   1 
ATOM   641 C CA  . GLU A 1 82 ? 9.685   -1.456  -4.792  1.00 17.86 ? 438 GLU A CA  1 
ATOM   642 C C   . GLU A 1 82 ? 8.289   -1.785  -5.324  1.00 17.46 ? 438 GLU A C   1 
ATOM   643 O O   . GLU A 1 82 ? 8.151   -2.284  -6.442  1.00 16.66 ? 438 GLU A O   1 
ATOM   644 C CB  . GLU A 1 82 ? 10.448  -0.541  -5.766  1.00 18.37 ? 438 GLU A CB  1 
ATOM   645 C CG  . GLU A 1 82 ? 11.920  -0.292  -5.406  1.00 23.76 ? 438 GLU A CG  1 
ATOM   646 C CD  . GLU A 1 82 ? 12.672  0.518   -6.466  1.00 30.34 ? 438 GLU A CD  1 
ATOM   647 O OE1 . GLU A 1 82 ? 12.028  1.312   -7.192  1.00 33.59 ? 438 GLU A OE1 1 
ATOM   648 O OE2 . GLU A 1 82 ? 13.911  0.360   -6.576  1.00 32.53 ? 438 GLU A OE2 1 
ATOM   649 N N   . TYR A 1 83 ? 7.256   -1.531  -4.524  1.00 13.48 ? 439 TYR A N   1 
ATOM   650 C CA  . TYR A 1 83 ? 5.917   -1.970  -4.872  1.00 13.10 ? 439 TYR A CA  1 
ATOM   651 C C   . TYR A 1 83 ? 5.044   -0.786  -5.281  1.00 14.29 ? 439 TYR A C   1 
ATOM   652 O O   . TYR A 1 83 ? 5.001   0.229   -4.584  1.00 17.02 ? 439 TYR A O   1 
ATOM   653 C CB  . TYR A 1 83 ? 5.286   -2.698  -3.687  1.00 12.78 ? 439 TYR A CB  1 
ATOM   654 C CG  . TYR A 1 83 ? 6.136   -3.852  -3.196  1.00 13.01 ? 439 TYR A CG  1 
ATOM   655 C CD1 . TYR A 1 83 ? 7.195   -3.637  -2.312  1.00 10.21 ? 439 TYR A CD1 1 
ATOM   656 C CD2 . TYR A 1 83 ? 5.901   -5.145  -3.640  1.00 13.09 ? 439 TYR A CD2 1 
ATOM   657 C CE1 . TYR A 1 83 ? 7.989   -4.692  -1.874  1.00 10.59 ? 439 TYR A CE1 1 
ATOM   658 C CE2 . TYR A 1 83 ? 6.686   -6.212  -3.212  1.00 10.51 ? 439 TYR A CE2 1 
ATOM   659 C CZ  . TYR A 1 83 ? 7.729   -5.974  -2.328  1.00 12.44 ? 439 TYR A CZ  1 
ATOM   660 O OH  . TYR A 1 83 ? 8.519   -7.022  -1.894  1.00 12.68 ? 439 TYR A OH  1 
ATOM   661 N N   . LEU A 1 84 ? 4.368   -0.905  -6.418  1.00 9.69  ? 440 LEU A N   1 
ATOM   662 C CA  . LEU A 1 84 ? 3.411   0.120   -6.823  1.00 12.27 ? 440 LEU A CA  1 
ATOM   663 C C   . LEU A 1 84 ? 2.023   -0.483  -6.664  1.00 10.87 ? 440 LEU A C   1 
ATOM   664 O O   . LEU A 1 84 ? 1.697   -1.485  -7.306  1.00 12.53 ? 440 LEU A O   1 
ATOM   665 C CB  . LEU A 1 84 ? 3.647   0.544   -8.279  1.00 11.62 ? 440 LEU A CB  1 
ATOM   666 C CG  . LEU A 1 84 ? 5.051   1.057   -8.593  1.00 17.03 ? 440 LEU A CG  1 
ATOM   667 C CD1 . LEU A 1 84 ? 5.116   1.529   -10.042 1.00 21.71 ? 440 LEU A CD1 1 
ATOM   668 C CD2 . LEU A 1 84 ? 5.417   2.178   -7.650  1.00 19.46 ? 440 LEU A CD2 1 
ATOM   669 N N   . ILE A 1 85 ? 1.215   0.101   -5.789  1.00 10.87 ? 441 ILE A N   1 
ATOM   670 C CA  . ILE A 1 85 ? -0.096  -0.465  -5.485  1.00 10.55 ? 441 ILE A CA  1 
ATOM   671 C C   . ILE A 1 85 ? -1.175  0.520   -5.874  1.00 10.78 ? 441 ILE A C   1 
ATOM   672 O O   . ILE A 1 85 ? -1.175  1.666   -5.402  1.00 11.83 ? 441 ILE A O   1 
ATOM   673 C CB  . ILE A 1 85 ? -0.225  -0.794  -3.986  1.00 11.91 ? 441 ILE A CB  1 
ATOM   674 C CG1 . ILE A 1 85 ? 0.936   -1.688  -3.538  1.00 12.15 ? 441 ILE A CG1 1 
ATOM   675 C CG2 . ILE A 1 85 ? -1.557  -1.485  -3.708  1.00 11.15 ? 441 ILE A CG2 1 
ATOM   676 C CD1 . ILE A 1 85 ? 0.914   -2.058  -2.062  1.00 11.73 ? 441 ILE A CD1 1 
ATOM   677 N N   . LYS A 1 86 ? -2.082  0.083   -6.742  1.00 10.02 ? 442 LYS A N   1 
ATOM   678 C CA  . LYS A 1 86 ? -3.228  0.904   -7.131  1.00 11.09 ? 442 LYS A CA  1 
ATOM   679 C C   . LYS A 1 86 ? -4.480  0.445   -6.381  1.00 11.46 ? 442 LYS A C   1 
ATOM   680 O O   . LYS A 1 86 ? -4.727  -0.761  -6.253  1.00 11.31 ? 442 LYS A O   1 
ATOM   681 C CB  . LYS A 1 86 ? -3.448  0.828   -8.644  1.00 14.83 ? 442 LYS A CB  1 
ATOM   682 C CG  . LYS A 1 86 ? -4.531  1.777   -9.161  1.00 19.65 ? 442 LYS A CG  1 
ATOM   683 C CD  . LYS A 1 86 ? -4.504  1.852   -10.686 1.00 23.64 ? 442 LYS A CD  1 
ATOM   684 C CE  . LYS A 1 86 ? -5.760  2.531   -11.216 1.00 35.37 ? 442 LYS A CE  1 
ATOM   685 N NZ  . LYS A 1 86 ? -5.887  2.401   -12.702 1.00 39.34 ? 442 LYS A NZ  1 
ATOM   686 N N   . MET A 1 87 ? -5.254  1.405   -5.876  1.00 11.79 ? 443 MET A N   1 
ATOM   687 C CA  . MET A 1 87 ? -6.454  1.099   -5.104  1.00 9.93  ? 443 MET A CA  1 
ATOM   688 C C   . MET A 1 87 ? -7.639  1.967   -5.486  1.00 9.11  ? 443 MET A C   1 
ATOM   689 O O   . MET A 1 87 ? -7.469  3.051   -6.020  1.00 10.60 ? 443 MET A O   1 
ATOM   690 C CB  . MET A 1 87 ? -6.196  1.324   -3.608  1.00 12.49 ? 443 MET A CB  1 
ATOM   691 C CG  . MET A 1 87 ? -5.070  0.514   -3.022  1.00 12.86 ? 443 MET A CG  1 
ATOM   692 S SD  . MET A 1 87 ? -4.992  0.725   -1.231  1.00 12.97 ? 443 MET A SD  1 
ATOM   693 C CE  . MET A 1 87 ? -6.590  0.086   -0.726  1.00 12.63 ? 443 MET A CE  1 
ATOM   694 N N   . LYS A 1 88 ? -8.836  1.477   -5.184  1.00 10.86 ? 444 LYS A N   1 
ATOM   695 C CA  . LYS A 1 88 ? -10.031 2.314   -5.127  1.00 11.47 ? 444 LYS A CA  1 
ATOM   696 C C   . LYS A 1 88 ? -10.542 2.325   -3.695  1.00 11.43 ? 444 LYS A C   1 
ATOM   697 O O   . LYS A 1 88 ? -10.350 1.344   -2.953  1.00 11.82 ? 444 LYS A O   1 
ATOM   698 C CB  . LYS A 1 88 ? -11.102 1.804   -6.098  1.00 12.67 ? 444 LYS A CB  1 
ATOM   699 C CG  . LYS A 1 88 ? -10.758 2.160   -7.545  1.00 16.04 ? 444 LYS A CG  1 
ATOM   700 C CD  . LYS A 1 88 ? -11.058 1.055   -8.540  1.00 30.45 ? 444 LYS A CD  1 
ATOM   701 C CE  . LYS A 1 88 ? -12.533 0.867   -8.772  1.00 32.43 ? 444 LYS A CE  1 
ATOM   702 N NZ  . LYS A 1 88 ? -12.822 0.447   -10.195 1.00 27.90 ? 444 LYS A NZ  1 
ATOM   703 N N   . SER A 1 89 ? -11.170 3.430   -3.293  1.00 10.70 ? 445 SER A N   1 
ATOM   704 C CA  . SER A 1 89 ? -11.688 3.559   -1.930  1.00 13.38 ? 445 SER A CA  1 
ATOM   705 C C   . SER A 1 89 ? -12.596 4.767   -1.824  1.00 11.10 ? 445 SER A C   1 
ATOM   706 O O   . SER A 1 89 ? -12.303 5.812   -2.416  1.00 10.65 ? 445 SER A O   1 
ATOM   707 C CB  . SER A 1 89 ? -10.554 3.730   -0.913  1.00 14.01 ? 445 SER A CB  1 
ATOM   708 O OG  . SER A 1 89 ? -11.095 3.990   0.375   1.00 11.93 ? 445 SER A OG  1 
ATOM   709 N N   . PRO A 1 90 ? -13.695 4.635   -1.068  1.00 11.44 ? 446 PRO A N   1 
ATOM   710 C CA  . PRO A 1 90 ? -14.531 5.807   -0.780  1.00 12.38 ? 446 PRO A CA  1 
ATOM   711 C C   . PRO A 1 90 ? -13.742 6.898   -0.058  1.00 13.96 ? 446 PRO A C   1 
ATOM   712 O O   . PRO A 1 90 ? -14.136 8.060   -0.127  1.00 14.74 ? 446 PRO A O   1 
ATOM   713 C CB  . PRO A 1 90 ? -15.624 5.249   0.140   1.00 18.09 ? 446 PRO A CB  1 
ATOM   714 C CG  . PRO A 1 90 ? -15.681 3.796   -0.169  1.00 18.26 ? 446 PRO A CG  1 
ATOM   715 C CD  . PRO A 1 90 ? -14.265 3.394   -0.511  1.00 12.69 ? 446 PRO A CD  1 
ATOM   716 N N   . ALA A 1 91 ? -12.636 6.545   0.600   1.00 13.59 ? 447 ALA A N   1 
ATOM   717 C CA  . ALA A 1 91 ? -11.790 7.542   1.265   1.00 14.22 ? 447 ALA A CA  1 
ATOM   718 C C   . ALA A 1 91 ? -11.305 8.614   0.291   1.00 15.10 ? 447 ALA A C   1 
ATOM   719 O O   . ALA A 1 91 ? -11.032 9.756   0.692   1.00 16.69 ? 447 ALA A O   1 
ATOM   720 C CB  . ALA A 1 91 ? -10.604 6.882   1.918   1.00 13.97 ? 447 ALA A CB  1 
ATOM   721 N N   . ALA A 1 92 ? -11.200 8.243   -0.983  1.00 11.54 ? 448 ALA A N   1 
ATOM   722 C CA  . ALA A 1 92 ? -10.647 9.126   -2.004  1.00 12.13 ? 448 ALA A CA  1 
ATOM   723 C C   . ALA A 1 92 ? -11.746 9.884   -2.740  1.00 15.33 ? 448 ALA A C   1 
ATOM   724 O O   . ALA A 1 92 ? -11.477 10.615  -3.696  1.00 13.63 ? 448 ALA A O   1 
ATOM   725 C CB  . ALA A 1 92 ? -9.793  8.335   -2.988  1.00 12.56 ? 448 ALA A CB  1 
ATOM   726 N N   . CYS A 1 93 ? -12.982 9.722   -2.284  1.00 13.01 ? 449 CYS A N   1 
ATOM   727 C CA  . CYS A 1 93 ? -14.111 10.385  -2.940  1.00 16.04 ? 449 CYS A CA  1 
ATOM   728 C C   . CYS A 1 93 ? -14.414 11.715  -2.267  1.00 18.59 ? 449 CYS A C   1 
ATOM   729 O O   . CYS A 1 93 ? -13.952 11.977  -1.149  1.00 21.40 ? 449 CYS A O   1 
ATOM   730 C CB  . CYS A 1 93 ? -15.342 9.476   -2.923  1.00 15.98 ? 449 CYS A CB  1 
ATOM   731 S SG  . CYS A 1 93 ? -15.113 7.938   -3.855  1.00 14.72 ? 449 CYS A SG  1 
ATOM   732 N N   . SER A 1 94 ? -15.172 12.559  -2.958  1.00 16.33 ? 450 SER A N   1 
ATOM   733 C CA  . SER A 1 94 ? -15.571 13.857  -2.422  1.00 19.45 ? 450 SER A CA  1 
ATOM   734 C C   . SER A 1 94 ? -16.410 13.683  -1.166  1.00 25.57 ? 450 SER A C   1 
ATOM   735 O O   . SER A 1 94 ? -17.404 12.956  -1.185  1.00 33.73 ? 450 SER A O   1 
ATOM   736 C CB  . SER A 1 94 ? -16.397 14.614  -3.459  1.00 16.97 ? 450 SER A CB  1 
ATOM   737 O OG  . SER A 1 94 ? -15.783 14.613  -4.733  1.00 21.59 ? 450 SER A OG  1 
HETATM 738 C C1  . MAN B 2 .  ? 9.740   -11.796 -1.418  1.00 25.34 ? 501 MAN A C1  1 
HETATM 739 C C2  . MAN B 2 .  ? 8.776   -10.793 -1.658  1.00 14.79 ? 501 MAN A C2  1 
HETATM 740 C C3  . MAN B 2 .  ? 9.078   -10.257 -3.066  1.00 16.21 ? 501 MAN A C3  1 
HETATM 741 C C4  . MAN B 2 .  ? 10.580  -9.861  -3.184  1.00 14.16 ? 501 MAN A C4  1 
HETATM 742 C C5  . MAN B 2 .  ? 11.456  -11.074 -2.833  1.00 18.08 ? 501 MAN A C5  1 
HETATM 743 C C6  . MAN B 2 .  ? 12.928  -10.744 -2.745  1.00 16.92 ? 501 MAN A C6  1 
HETATM 744 O O1  . MAN B 2 .  ? 9.398   -12.587 -2.517  1.00 26.58 ? 501 MAN A O1  1 
HETATM 745 O O2  . MAN B 2 .  ? 8.951   -9.788  -0.727  1.00 18.59 ? 501 MAN A O2  1 
HETATM 746 O O3  . MAN B 2 .  ? 8.220   -9.194  -3.386  1.00 14.74 ? 501 MAN A O3  1 
HETATM 747 O O4  . MAN B 2 .  ? 10.880  -9.475  -4.496  1.00 16.84 ? 501 MAN A O4  1 
HETATM 748 O O5  . MAN B 2 .  ? 11.073  -11.497 -1.533  1.00 21.43 ? 501 MAN A O5  1 
HETATM 749 O O6  . MAN B 2 .  ? 13.645  -11.984 -2.729  1.00 19.05 ? 501 MAN A O6  1 
HETATM 750 O O   . HOH C 3 .  ? 9.072   -7.311  7.986   1.00 18.86 ? 601 HOH A O   1 
HETATM 751 O O   . HOH C 3 .  ? -9.538  -5.670  -7.448  1.00 28.65 ? 602 HOH A O   1 
HETATM 752 O O   . HOH C 3 .  ? -14.581 6.373   7.771   1.00 29.77 ? 603 HOH A O   1 
HETATM 753 O O   . HOH C 3 .  ? -7.011  0.397   -13.381 1.00 38.29 ? 604 HOH A O   1 
HETATM 754 O O   . HOH C 3 .  ? -13.307 -1.841  -9.554  1.00 29.78 ? 605 HOH A O   1 
HETATM 755 O O   . HOH C 3 .  ? 3.095   -9.536  -6.081  1.00 15.94 ? 606 HOH A O   1 
HETATM 756 O O   . HOH C 3 .  ? 7.447   -8.974  10.021  0.50 20.42 ? 607 HOH A O   1 
HETATM 757 O O   . HOH C 3 .  ? -0.188  -1.187  -9.482  1.00 15.52 ? 608 HOH A O   1 
HETATM 758 O O   . HOH C 3 .  ? -6.670  -1.091  11.441  1.00 31.96 ? 609 HOH A O   1 
HETATM 759 O O   . HOH C 3 .  ? -10.968 12.324  0.033   1.00 16.89 ? 610 HOH A O   1 
HETATM 760 O O   . HOH C 3 .  ? -5.315  -14.248 -6.253  1.00 22.97 ? 611 HOH A O   1 
HETATM 761 O O   . HOH C 3 .  ? -9.061  6.516   12.741  1.00 15.97 ? 612 HOH A O   1 
HETATM 762 O O   . HOH C 3 .  ? 7.157   -12.304 -6.204  1.00 18.27 ? 613 HOH A O   1 
HETATM 763 O O   . HOH C 3 .  ? -4.745  -0.009  13.381  1.00 26.18 ? 614 HOH A O   1 
HETATM 764 O O   . HOH C 3 .  ? 15.758  1.444   -4.984  1.00 23.63 ? 615 HOH A O   1 
HETATM 765 O O   . HOH C 3 .  ? 16.155  -11.432 -3.775  1.00 16.34 ? 616 HOH A O   1 
HETATM 766 O O   . HOH C 3 .  ? 15.167  -2.326  -6.601  1.00 16.80 ? 617 HOH A O   1 
HETATM 767 O O   . HOH C 3 .  ? 3.885   -14.535 -6.566  1.00 15.78 ? 618 HOH A O   1 
HETATM 768 O O   . HOH C 3 .  ? 10.453  7.624   5.954   1.00 26.64 ? 619 HOH A O   1 
HETATM 769 O O   . HOH C 3 .  ? -4.632  9.599   -9.221  1.00 22.88 ? 620 HOH A O   1 
HETATM 770 O O   . HOH C 3 .  ? 13.821  1.923   0.706   1.00 31.75 ? 621 HOH A O   1 
HETATM 771 O O   . HOH C 3 .  ? -9.729  -3.856  -10.596 1.00 24.85 ? 622 HOH A O   1 
HETATM 772 O O   . HOH C 3 .  ? -9.072  11.832  -5.355  1.00 15.00 ? 623 HOH A O   1 
HETATM 773 O O   . HOH C 3 .  ? 1.923   -8.555  -8.380  1.00 16.98 ? 624 HOH A O   1 
HETATM 774 O O   . HOH C 3 .  ? -6.109  2.982   13.962  1.00 23.90 ? 625 HOH A O   1 
HETATM 775 O O   . HOH C 3 .  ? -19.445 3.824   -0.966  1.00 29.01 ? 626 HOH A O   1 
HETATM 776 O O   . HOH C 3 .  ? -1.746  -1.089  11.026  1.00 19.85 ? 627 HOH A O   1 
HETATM 777 O O   . HOH C 3 .  ? 17.699  -4.112  8.173   1.00 34.12 ? 628 HOH A O   1 
HETATM 778 O O   . HOH C 3 .  ? 5.994   -9.736  -6.767  1.00 18.15 ? 629 HOH A O   1 
HETATM 779 O O   . HOH C 3 .  ? -1.076  -15.557 1.672   1.00 23.83 ? 630 HOH A O   1 
HETATM 780 O O   . HOH C 3 .  ? -7.509  -16.394 -2.961  1.00 29.29 ? 631 HOH A O   1 
HETATM 781 O O   . HOH C 3 .  ? -0.337  -18.668 -0.713  1.00 31.51 ? 632 HOH A O   1 
HETATM 782 O O   . HOH C 3 .  ? -7.917  7.358   15.001  1.00 19.62 ? 633 HOH A O   1 
HETATM 783 O O   . HOH C 3 .  ? 13.708  -13.134 -0.146  1.00 20.26 ? 634 HOH A O   1 
HETATM 784 O O   . HOH C 3 .  ? -10.793 12.068  8.338   1.00 27.84 ? 635 HOH A O   1 
HETATM 785 O O   . HOH C 3 .  ? -3.832  7.123   15.893  1.00 31.31 ? 636 HOH A O   1 
HETATM 786 O O   . HOH C 3 .  ? -12.062 10.884  3.091   1.00 29.65 ? 637 HOH A O   1 
HETATM 787 O O   . HOH C 3 .  ? -9.752  9.781   -7.178  1.00 16.45 ? 638 HOH A O   1 
HETATM 788 O O   . HOH C 3 .  ? 9.166   4.577   8.822   1.00 28.85 ? 639 HOH A O   1 
HETATM 789 O O   . HOH C 3 .  ? 10.323  -7.315  9.726   1.00 29.42 ? 640 HOH A O   1 
HETATM 790 O O   . HOH C 3 .  ? -11.538 6.786   -9.800  1.00 29.14 ? 641 HOH A O   1 
HETATM 791 O O   . HOH C 3 .  ? 17.665  -4.611  1.893   1.00 17.70 ? 642 HOH A O   1 
HETATM 792 O O   . HOH C 3 .  ? 4.181   5.755   9.962   1.00 32.55 ? 643 HOH A O   1 
HETATM 793 O O   . HOH C 3 .  ? -10.835 -1.444  8.049   1.00 20.03 ? 644 HOH A O   1 
HETATM 794 O O   . HOH C 3 .  ? 12.997  7.012   3.977   1.00 35.31 ? 645 HOH A O   1 
HETATM 795 O O   . HOH C 3 .  ? -16.275 2.092   -7.724  1.00 20.83 ? 646 HOH A O   1 
HETATM 796 O O   . HOH C 3 .  ? -5.951  -3.367  10.937  1.00 38.21 ? 647 HOH A O   1 
HETATM 797 O O   . HOH C 3 .  ? -0.989  17.072  -1.904  1.00 28.98 ? 648 HOH A O   1 
HETATM 798 O O   . HOH C 3 .  ? 16.641  -12.177 -8.119  1.00 29.66 ? 649 HOH A O   1 
HETATM 799 O O   . HOH C 3 .  ? 19.670  -3.914  -5.568  1.00 12.17 ? 650 HOH A O   1 
HETATM 800 O O   . HOH C 3 .  ? 2.756   14.388  3.520   1.00 24.45 ? 651 HOH A O   1 
HETATM 801 O O   . HOH C 3 .  ? 19.633  -7.368  -7.478  1.00 22.20 ? 652 HOH A O   1 
HETATM 802 O O   . HOH C 3 .  ? -13.193 6.602   12.012  1.00 27.02 ? 653 HOH A O   1 
HETATM 803 O O   . HOH C 3 .  ? -5.564  5.505   15.099  1.00 24.46 ? 654 HOH A O   1 
HETATM 804 O O   . HOH C 3 .  ? 14.756  -5.604  8.069   1.00 27.32 ? 655 HOH A O   1 
HETATM 805 O O   . HOH C 3 .  ? 9.027   -11.301 8.241   1.00 31.01 ? 656 HOH A O   1 
HETATM 806 O O   . HOH C 3 .  ? 14.459  -10.810 1.402   1.00 16.29 ? 657 HOH A O   1 
HETATM 807 O O   . HOH C 3 .  ? -15.045 10.540  1.232   1.00 35.06 ? 658 HOH A O   1 
HETATM 808 O O   . HOH C 3 .  ? 21.576  -8.452  0.364   1.00 21.66 ? 659 HOH A O   1 
HETATM 809 O O   . HOH C 3 .  ? -9.879  -1.342  10.465  1.00 32.17 ? 660 HOH A O   1 
HETATM 810 O O   . HOH C 3 .  ? -7.580  -11.791 -5.896  1.00 30.09 ? 661 HOH A O   1 
HETATM 811 O O   . HOH C 3 .  ? 5.595   -13.815 5.635   1.00 23.97 ? 662 HOH A O   1 
HETATM 812 O O   . HOH C 3 .  ? 13.986  0.099   6.724   1.00 26.46 ? 663 HOH A O   1 
HETATM 813 O O   . HOH C 3 .  ? -3.329  15.139  -0.577  1.00 25.19 ? 664 HOH A O   1 
HETATM 814 O O   . HOH C 3 .  ? 14.937  2.204   4.905   1.00 23.95 ? 665 HOH A O   1 
HETATM 815 O O   . HOH C 3 .  ? -2.321  12.337  -7.460  1.00 24.35 ? 666 HOH A O   1 
HETATM 816 O O   . HOH C 3 .  ? 2.020   6.136   10.818  1.00 32.33 ? 667 HOH A O   1 
HETATM 817 O O   . HOH C 3 .  ? -0.031  -6.335  -11.716 1.00 21.45 ? 668 HOH A O   1 
HETATM 818 O O   . HOH C 3 .  ? 19.749  -7.519  2.453   1.00 28.36 ? 669 HOH A O   1 
HETATM 819 O O   . HOH C 3 .  ? -11.313 -4.500  6.830   1.00 35.51 ? 670 HOH A O   1 
HETATM 820 O O   . HOH C 3 .  ? 3.183   -15.314 6.878   1.00 32.18 ? 671 HOH A O   1 
HETATM 821 O O   . HOH C 3 .  ? 15.129  3.413   -6.869  1.00 36.94 ? 672 HOH A O   1 
HETATM 822 O O   . HOH C 3 .  ? 7.154   -7.037  10.061  0.50 30.02 ? 673 HOH A O   1 
HETATM 823 O O   . HOH C 3 .  ? -10.446 -1.384  -11.849 1.00 30.91 ? 674 HOH A O   1 
HETATM 824 O O   . HOH C 3 .  ? 9.661   -11.959 -6.749  1.00 27.65 ? 675 HOH A O   1 
HETATM 825 O O   . HOH C 3 .  ? 13.875  1.847   -3.242  1.00 24.87 ? 676 HOH A O   1 
HETATM 826 O O   . HOH C 3 .  ? -13.002 11.457  12.410  1.00 24.49 ? 677 HOH A O   1 
HETATM 827 O O   . HOH C 3 .  ? 0.432   -8.075  9.470   1.00 33.27 ? 678 HOH A O   1 
HETATM 828 O O   . HOH C 3 .  ? -6.064  -18.152 -1.360  1.00 32.93 ? 679 HOH A O   1 
HETATM 829 O O   . HOH C 3 .  ? -8.625  9.918   -9.747  1.00 22.64 ? 680 HOH A O   1 
HETATM 830 O O   . HOH C 3 .  ? 2.332   -7.747  -12.207 1.00 26.14 ? 681 HOH A O   1 
HETATM 831 O O   . HOH C 3 .  ? -19.734 15.954  -2.307  1.00 26.05 ? 682 HOH A O   1 
HETATM 832 O O   . HOH C 3 .  ? -8.308  2.538   -15.876 1.00 35.60 ? 683 HOH A O   1 
HETATM 833 O O   . HOH C 3 .  ? 17.585  1.156   7.269   1.00 34.37 ? 684 HOH A O   1 
HETATM 834 O O   . HOH C 3 .  ? 16.169  -11.240 3.710   1.00 33.27 ? 685 HOH A O   1 
HETATM 835 O O   . HOH C 3 .  ? 8.737   12.158  3.824   1.00 33.91 ? 686 HOH A O   1 
HETATM 836 O O   . HOH C 3 .  ? 8.726   8.243   7.517   1.00 32.03 ? 687 HOH A O   1 
HETATM 837 O O   . HOH C 3 .  ? -13.638 -2.528  5.669   1.00 36.87 ? 688 HOH A O   1 
HETATM 838 O O   . HOH C 3 .  ? 14.142  2.691   -13.293 1.00 41.99 ? 689 HOH A O   1 
HETATM 839 O O   . HOH C 3 .  ? -18.707 8.133   -1.471  1.00 34.44 ? 690 HOH A O   1 
HETATM 840 O O   . HOH C 3 .  ? 8.245   -14.133 6.073   1.00 36.44 ? 691 HOH A O   1 
HETATM 841 O O   . HOH C 3 .  ? 15.194  3.408   -11.070 1.00 38.66 ? 692 HOH A O   1 
HETATM 842 O O   . HOH C 3 .  ? 12.223  0.049   -1.911  1.00 14.64 ? 693 HOH A O   1 
HETATM 843 O O   . HOH C 3 .  ? -7.202  0.477   3.044   1.00 10.80 ? 694 HOH A O   1 
HETATM 844 O O   . HOH C 3 .  ? -8.193  -11.849 -1.908  1.00 20.19 ? 695 HOH A O   1 
HETATM 845 O O   . HOH C 3 .  ? 1.058   3.791   -7.127  1.00 14.62 ? 696 HOH A O   1 
HETATM 846 O O   . HOH C 3 .  ? -9.140  -5.902  -2.693  1.00 17.12 ? 697 HOH A O   1 
HETATM 847 O O   . HOH C 3 .  ? -1.839  9.790   -9.190  1.00 23.25 ? 698 HOH A O   1 
HETATM 848 O O   . HOH C 3 .  ? 14.855  -5.410  -10.178 1.00 22.62 ? 699 HOH A O   1 
HETATM 849 O O   . HOH C 3 .  ? -0.519  -9.380  5.187   1.00 17.75 ? 700 HOH A O   1 
HETATM 850 O O   . HOH C 3 .  ? 8.956   3.290   -3.117  1.00 24.79 ? 701 HOH A O   1 
HETATM 851 O O   . HOH C 3 .  ? 9.316   6.862   -1.011  1.00 25.79 ? 702 HOH A O   1 
HETATM 852 O O   . HOH C 3 .  ? 8.753   -1.226  -8.957  1.00 23.33 ? 703 HOH A O   1 
HETATM 853 O O   . HOH C 3 .  ? 7.443   4.820   -1.240  1.00 22.97 ? 704 HOH A O   1 
HETATM 854 O O   . HOH C 3 .  ? -14.203 -0.227  -5.758  1.00 26.23 ? 705 HOH A O   1 
HETATM 855 O O   . HOH C 3 .  ? -0.034  7.436   -9.123  1.00 22.23 ? 706 HOH A O   1 
HETATM 856 O O   . HOH C 3 .  ? -11.844 -2.520  3.645   1.00 21.97 ? 707 HOH A O   1 
HETATM 857 O O   . HOH C 3 .  ? 8.189   10.676  1.652   1.00 21.92 ? 708 HOH A O   1 
HETATM 858 O O   . HOH C 3 .  ? 3.884   11.500  -5.362  1.00 27.14 ? 709 HOH A O   1 
HETATM 859 O O   . HOH C 3 .  ? 0.550   13.103  -6.598  1.00 31.52 ? 710 HOH A O   1 
HETATM 860 O O   . HOH C 3 .  ? -10.338 -6.181  2.470   1.00 22.14 ? 711 HOH A O   1 
HETATM 861 O O   . HOH C 3 .  ? -10.276 -5.983  5.602   1.00 31.15 ? 712 HOH A O   1 
HETATM 862 O O   . HOH C 3 .  ? 3.325   10.920  -2.795  1.00 22.56 ? 713 HOH A O   1 
HETATM 863 O O   . HOH C 3 .  ? 12.219  3.260   2.062   1.00 24.28 ? 714 HOH A O   1 
HETATM 864 O O   . HOH C 3 .  ? 4.680   12.325  -0.894  1.00 25.59 ? 715 HOH A O   1 
HETATM 865 O O   . HOH C 3 .  ? -15.394 -0.682  1.206   1.00 27.15 ? 716 HOH A O   1 
HETATM 866 O O   . HOH C 3 .  ? 4.687   15.166  -0.075  1.00 30.10 ? 717 HOH A O   1 
HETATM 867 O O   . HOH C 3 .  ? 6.411   11.190  8.094   1.00 33.06 ? 718 HOH A O   1 
HETATM 868 O O   . HOH C 3 .  ? 3.006   5.211   -8.872  1.00 32.03 ? 719 HOH A O   1 
HETATM 869 O O   . HOH C 3 .  ? -10.245 -7.291  -4.940  1.00 31.46 ? 720 HOH A O   1 
HETATM 870 O O   . HOH C 3 .  ? 5.282   -7.089  -11.094 1.00 28.94 ? 721 HOH A O   1 
HETATM 871 O O   . HOH C 3 .  ? -0.197  1.917   -8.968  1.00 26.13 ? 722 HOH A O   1 
HETATM 872 O O   . HOH C 3 .  ? -16.774 8.960   0.583   1.00 32.55 ? 723 HOH A O   1 
HETATM 873 O O   . HOH C 3 .  ? 10.575  -7.891  -9.083  1.00 34.15 ? 724 HOH A O   1 
HETATM 874 O O   . HOH C 3 .  ? 12.611  -10.586 -6.407  1.00 31.54 ? 725 HOH A O   1 
HETATM 875 O O   . HOH C 3 .  ? -7.687  3.408   -8.830  1.00 30.04 ? 726 HOH A O   1 
HETATM 876 O O   . HOH C 3 .  ? 9.712   1.285   -8.626  1.00 34.01 ? 727 HOH A O   1 
HETATM 877 O O   . HOH C 3 .  ? 7.836   1.811   -5.046  1.00 27.86 ? 728 HOH A O   1 
HETATM 878 O O   . HOH C 3 .  ? -13.752 -4.228  0.242   1.00 37.26 ? 729 HOH A O   1 
HETATM 879 O O   . HOH C 3 .  ? -9.499  4.404   -10.585 1.00 33.65 ? 730 HOH A O   1 
HETATM 880 O O   . HOH C 3 .  ? 9.247   11.692  -0.739  1.00 32.91 ? 731 HOH A O   1 
HETATM 881 O O   . HOH C 3 .  ? 8.345   3.213   -7.825  1.00 39.39 ? 732 HOH A O   1 
HETATM 882 O O   . HOH C 3 .  ? 4.142   16.808  -1.821  1.00 34.81 ? 733 HOH A O   1 
HETATM 883 O O   . HOH C 3 .  ? -0.981  -12.186 6.425   1.00 30.61 ? 734 HOH A O   1 
HETATM 884 O O   . HOH C 3 .  ? 5.792   13.196  -4.992  1.00 38.87 ? 735 HOH A O   1 
HETATM 885 O O   . HOH C 3 .  ? -8.348  -11.450 0.790   1.00 34.94 ? 736 HOH A O   1 
HETATM 886 O O   . HOH C 3 .  ? -10.218 -9.934  -2.805  1.00 34.46 ? 737 HOH A O   1 
HETATM 887 O O   . HOH C 3 .  ? -14.617 6.243   3.458   1.00 31.72 ? 738 HOH A O   1 
HETATM 888 O O   . HOH C 3 .  ? -15.219 1.894   3.586   1.00 38.93 ? 739 HOH A O   1 
HETATM 889 O O   . HOH C 3 .  ? -16.075 4.267   3.917   1.00 37.16 ? 740 HOH A O   1 
HETATM 890 O O   . HOH C 3 .  ? 12.964  -10.470 3.479   1.00 32.88 ? 741 HOH A O   1 
HETATM 891 O O   . HOH C 3 .  ? 13.171  -7.726  -10.603 1.00 40.14 ? 742 HOH A O   1 
# 
